data_4RWB
# 
_entry.id   4RWB 
# 
_audit_conform.dict_name       mmcif_pdbx.dic 
_audit_conform.dict_version    5.397 
_audit_conform.dict_location   http://mmcif.pdb.org/dictionaries/ascii/mmcif_pdbx.dic 
# 
loop_
_database_2.database_id 
_database_2.database_code 
_database_2.pdbx_database_accession 
_database_2.pdbx_DOI 
PDB   4RWB         pdb_00004rwb 10.2210/pdb4rwb/pdb 
RCSB  RCSB087875   ?            ?                   
WWPDB D_1000087875 ?            ?                   
# 
loop_
_pdbx_audit_revision_history.ordinal 
_pdbx_audit_revision_history.data_content_type 
_pdbx_audit_revision_history.major_revision 
_pdbx_audit_revision_history.minor_revision 
_pdbx_audit_revision_history.revision_date 
1 'Structure model' 1 0 2015-10-14 
2 'Structure model' 1 1 2015-11-11 
3 'Structure model' 1 2 2016-06-01 
4 'Structure model' 1 3 2023-09-20 
5 'Structure model' 1 4 2024-10-16 
# 
_pdbx_audit_revision_details.ordinal             1 
_pdbx_audit_revision_details.revision_ordinal    1 
_pdbx_audit_revision_details.data_content_type   'Structure model' 
_pdbx_audit_revision_details.provider            repository 
_pdbx_audit_revision_details.type                'Initial release' 
_pdbx_audit_revision_details.description         ? 
_pdbx_audit_revision_details.details             ? 
# 
loop_
_pdbx_audit_revision_group.ordinal 
_pdbx_audit_revision_group.revision_ordinal 
_pdbx_audit_revision_group.data_content_type 
_pdbx_audit_revision_group.group 
1 2 'Structure model' 'Database references'     
2 3 'Structure model' 'Non-polymer description' 
3 4 'Structure model' 'Data collection'         
4 4 'Structure model' 'Database references'     
5 4 'Structure model' 'Derived calculations'    
6 4 'Structure model' 'Refinement description'  
7 5 'Structure model' 'Structure summary'       
# 
loop_
_pdbx_audit_revision_category.ordinal 
_pdbx_audit_revision_category.revision_ordinal 
_pdbx_audit_revision_category.data_content_type 
_pdbx_audit_revision_category.category 
1 4 'Structure model' chem_comp_atom                
2 4 'Structure model' chem_comp_bond                
3 4 'Structure model' database_2                    
4 4 'Structure model' pdbx_initial_refinement_model 
5 4 'Structure model' struct_conn                   
6 4 'Structure model' struct_ref_seq_dif            
7 5 'Structure model' pdbx_entry_details            
8 5 'Structure model' pdbx_modification_feature     
# 
loop_
_pdbx_audit_revision_item.ordinal 
_pdbx_audit_revision_item.revision_ordinal 
_pdbx_audit_revision_item.data_content_type 
_pdbx_audit_revision_item.item 
1 4 'Structure model' '_database_2.pdbx_DOI'                
2 4 'Structure model' '_database_2.pdbx_database_accession' 
3 4 'Structure model' '_struct_conn.pdbx_leaving_atom_flag' 
4 4 'Structure model' '_struct_ref_seq_dif.details'         
# 
_pdbx_database_status.entry_id                        4RWB 
_pdbx_database_status.status_code                     REL 
_pdbx_database_status.deposit_site                    RCSB 
_pdbx_database_status.process_site                    RCSB 
_pdbx_database_status.recvd_initial_deposition_date   2014-12-02 
_pdbx_database_status.status_code_sf                  REL 
_pdbx_database_status.status_code_mr                  ? 
_pdbx_database_status.SG_entry                        ? 
_pdbx_database_status.status_code_cs                  ? 
_pdbx_database_status.methods_development_category    ? 
_pdbx_database_status.pdb_format_compatible           Y 
_pdbx_database_status.status_code_nmr_data            ? 
# 
_pdbx_database_related.db_name        PDB 
_pdbx_database_related.db_id          4RWC 
_pdbx_database_related.details        . 
_pdbx_database_related.content_type   unspecified 
# 
loop_
_audit_author.name 
_audit_author.pdbx_ordinal 
'Mortenson, D.E.'   1 
'Steinkruger, J.D.' 2 
'Kreitler, D.F.'    3 
'Gellman, S.H.'     4 
'Forest, K.T.'      5 
# 
_citation.id                        primary 
_citation.title                     'High-resolution structures of a heterochiral coiled coil.' 
_citation.journal_abbrev            Proc.Natl.Acad.Sci.USA 
_citation.journal_volume            112 
_citation.page_first                13144 
_citation.page_last                 13149 
_citation.year                      2015 
_citation.journal_id_ASTM           PNASA6 
_citation.country                   US 
_citation.journal_id_ISSN           0027-8424 
_citation.journal_id_CSD            0040 
_citation.book_publisher            ? 
_citation.pdbx_database_id_PubMed   26460035 
_citation.pdbx_database_id_DOI      10.1073/pnas.1507918112 
# 
loop_
_citation_author.citation_id 
_citation_author.name 
_citation_author.ordinal 
_citation_author.identifier_ORCID 
primary 'Mortenson, D.E.'   1  ? 
primary 'Steinkruger, J.D.' 2  ? 
primary 'Kreitler, D.F.'    3  ? 
primary 'Perroni, D.V.'     4  ? 
primary 'Sorenson, G.P.'    5  ? 
primary 'Huang, L.'         6  ? 
primary 'Mittal, R.'        7  ? 
primary 'Yun, H.G.'         8  ? 
primary 'Travis, B.R.'      9  ? 
primary 'Mahanthappa, M.K.' 10 ? 
primary 'Forest, K.T.'      11 ? 
primary 'Gellman, S.H.'     12 ? 
# 
loop_
_entity.id 
_entity.type 
_entity.src_method 
_entity.pdbx_description 
_entity.formula_weight 
_entity.pdbx_number_of_molecules 
_entity.pdbx_ec 
_entity.pdbx_mutation 
_entity.pdbx_fragment 
_entity.details 
1 polymer     syn 'Matrix protein 2'                                      2479.123 2 ? G34A 'transmembrane domain' ? 
2 non-polymer syn '[(Z)-octadec-9-enyl] (2R)-2,3-bis(oxidanyl)propanoate' 356.540  3 ? ?    ?                      ? 
3 water       nat water                                                   18.015   4 ? ?    ?                      ? 
# 
_entity_name_com.entity_id   1 
_entity_name_com.name        'Proton channel protein M2' 
# 
_entity_poly.entity_id                      1 
_entity_poly.type                           'polypeptide(L)' 
_entity_poly.nstd_linkage                   no 
_entity_poly.nstd_monomer                   yes 
_entity_poly.pdbx_seq_one_letter_code       '(ACE)PLVVAASIIAILHLILWILDRL(NH2)' 
_entity_poly.pdbx_seq_one_letter_code_can   XPLVVAASIIAILHLILWILDRLX 
_entity_poly.pdbx_strand_id                 A,B 
_entity_poly.pdbx_target_identifier         ? 
# 
loop_
_pdbx_entity_nonpoly.entity_id 
_pdbx_entity_nonpoly.name 
_pdbx_entity_nonpoly.comp_id 
2 '[(Z)-octadec-9-enyl] (2R)-2,3-bis(oxidanyl)propanoate' MPG 
3 water                                                   HOH 
# 
loop_
_entity_poly_seq.entity_id 
_entity_poly_seq.num 
_entity_poly_seq.mon_id 
_entity_poly_seq.hetero 
1 1  ACE n 
1 2  PRO n 
1 3  LEU n 
1 4  VAL n 
1 5  VAL n 
1 6  ALA n 
1 7  ALA n 
1 8  SER n 
1 9  ILE n 
1 10 ILE n 
1 11 ALA n 
1 12 ILE n 
1 13 LEU n 
1 14 HIS n 
1 15 LEU n 
1 16 ILE n 
1 17 LEU n 
1 18 TRP n 
1 19 ILE n 
1 20 LEU n 
1 21 ASP n 
1 22 ARG n 
1 23 LEU n 
1 24 NH2 n 
# 
_pdbx_entity_src_syn.entity_id              1 
_pdbx_entity_src_syn.pdbx_src_id            1 
_pdbx_entity_src_syn.pdbx_alt_source_flag   sample 
_pdbx_entity_src_syn.pdbx_beg_seq_num       ? 
_pdbx_entity_src_syn.pdbx_end_seq_num       ? 
_pdbx_entity_src_syn.organism_scientific    'Influenza A virus' 
_pdbx_entity_src_syn.organism_common_name   ? 
_pdbx_entity_src_syn.ncbi_taxonomy_id       130763 
_pdbx_entity_src_syn.details                'Generated via solid-phase peptide synthesis.' 
# 
loop_
_chem_comp.id 
_chem_comp.type 
_chem_comp.mon_nstd_flag 
_chem_comp.name 
_chem_comp.pdbx_synonyms 
_chem_comp.formula 
_chem_comp.formula_weight 
ACE non-polymer         . 'ACETYL GROUP'                                          ? 'C2 H4 O'        44.053  
ALA 'L-peptide linking' y ALANINE                                                 ? 'C3 H7 N O2'     89.093  
ARG 'L-peptide linking' y ARGININE                                                ? 'C6 H15 N4 O2 1' 175.209 
ASP 'L-peptide linking' y 'ASPARTIC ACID'                                         ? 'C4 H7 N O4'     133.103 
GLY 'peptide linking'   y GLYCINE                                                 ? 'C2 H5 N O2'     75.067  
HIS 'L-peptide linking' y HISTIDINE                                               ? 'C6 H10 N3 O2 1' 156.162 
HOH non-polymer         . WATER                                                   ? 'H2 O'           18.015  
ILE 'L-peptide linking' y ISOLEUCINE                                              ? 'C6 H13 N O2'    131.173 
LEU 'L-peptide linking' y LEUCINE                                                 ? 'C6 H13 N O2'    131.173 
MPG non-polymer         . '[(Z)-octadec-9-enyl] (2R)-2,3-bis(oxidanyl)propanoate' ? 'C21 H40 O4'     356.540 
NH2 non-polymer         . 'AMINO GROUP'                                           ? 'H2 N'           16.023  
PRO 'L-peptide linking' y PROLINE                                                 ? 'C5 H9 N O2'     115.130 
SER 'L-peptide linking' y SERINE                                                  ? 'C3 H7 N O3'     105.093 
TRP 'L-peptide linking' y TRYPTOPHAN                                              ? 'C11 H12 N2 O2'  204.225 
VAL 'L-peptide linking' y VALINE                                                  ? 'C5 H11 N O2'    117.146 
# 
loop_
_pdbx_poly_seq_scheme.asym_id 
_pdbx_poly_seq_scheme.entity_id 
_pdbx_poly_seq_scheme.seq_id 
_pdbx_poly_seq_scheme.mon_id 
_pdbx_poly_seq_scheme.ndb_seq_num 
_pdbx_poly_seq_scheme.pdb_seq_num 
_pdbx_poly_seq_scheme.auth_seq_num 
_pdbx_poly_seq_scheme.pdb_mon_id 
_pdbx_poly_seq_scheme.auth_mon_id 
_pdbx_poly_seq_scheme.pdb_strand_id 
_pdbx_poly_seq_scheme.pdb_ins_code 
_pdbx_poly_seq_scheme.hetero 
A 1 1  ACE 1  24 24 ACE ACE A . n 
A 1 2  PRO 2  25 25 PRO PRO A . n 
A 1 3  LEU 3  26 26 LEU LEU A . n 
A 1 4  VAL 4  27 27 VAL VAL A . n 
A 1 5  VAL 5  28 28 VAL VAL A . n 
A 1 6  ALA 6  29 29 ALA ALA A . n 
A 1 7  ALA 7  30 30 ALA ALA A . n 
A 1 8  SER 8  31 31 SER SER A . n 
A 1 9  ILE 9  32 32 ILE ILE A . n 
A 1 10 ILE 10 33 33 ILE ILE A . n 
A 1 11 ALA 11 34 34 ALA ALA A . n 
A 1 12 ILE 12 35 35 ILE ILE A . n 
A 1 13 LEU 13 36 36 LEU LEU A . n 
A 1 14 HIS 14 37 37 HIS HIS A . n 
A 1 15 LEU 15 38 38 LEU LEU A . n 
A 1 16 ILE 16 39 39 ILE ILE A . n 
A 1 17 LEU 17 40 40 LEU LEU A . n 
A 1 18 TRP 18 41 41 TRP TRP A . n 
A 1 19 ILE 19 42 42 ILE ILE A . n 
A 1 20 LEU 20 43 43 LEU LEU A . n 
A 1 21 ASP 21 44 44 ASP ASP A . n 
A 1 22 ARG 22 45 45 ARG ARG A . n 
A 1 23 LEU 23 46 46 LEU LEU A . n 
A 1 24 NH2 24 47 47 NH2 NH2 A . n 
B 1 1  ACE 1  24 24 ACE ACE B . n 
B 1 2  PRO 2  25 25 PRO PRO B . n 
B 1 3  LEU 3  26 26 LEU LEU B . n 
B 1 4  VAL 4  27 27 VAL VAL B . n 
B 1 5  VAL 5  28 28 VAL VAL B . n 
B 1 6  ALA 6  29 29 ALA ALA B . n 
B 1 7  ALA 7  30 30 ALA ALA B . n 
B 1 8  SER 8  31 31 SER SER B . n 
B 1 9  ILE 9  32 32 ILE ILE B . n 
B 1 10 ILE 10 33 33 ILE ILE B . n 
B 1 11 ALA 11 34 34 ALA ALA B . n 
B 1 12 ILE 12 35 35 ILE ILE B . n 
B 1 13 LEU 13 36 36 LEU LEU B . n 
B 1 14 HIS 14 37 37 HIS HIS B . n 
B 1 15 LEU 15 38 38 LEU LEU B . n 
B 1 16 ILE 16 39 39 ILE ILE B . n 
B 1 17 LEU 17 40 40 LEU LEU B . n 
B 1 18 TRP 18 41 41 TRP TRP B . n 
B 1 19 ILE 19 42 42 ILE ILE B . n 
B 1 20 LEU 20 43 43 LEU LEU B . n 
B 1 21 ASP 21 44 44 ASP ASP B . n 
B 1 22 ARG 22 45 45 ARG ARG B . n 
B 1 23 LEU 23 46 46 LEU LEU B . n 
B 1 24 NH2 24 47 47 NH2 NH2 B . n 
# 
loop_
_pdbx_nonpoly_scheme.asym_id 
_pdbx_nonpoly_scheme.entity_id 
_pdbx_nonpoly_scheme.mon_id 
_pdbx_nonpoly_scheme.ndb_seq_num 
_pdbx_nonpoly_scheme.pdb_seq_num 
_pdbx_nonpoly_scheme.auth_seq_num 
_pdbx_nonpoly_scheme.pdb_mon_id 
_pdbx_nonpoly_scheme.auth_mon_id 
_pdbx_nonpoly_scheme.pdb_strand_id 
_pdbx_nonpoly_scheme.pdb_ins_code 
C 2 MPG 1 101 1 MPG MPG A . 
D 2 MPG 1 102 2 MPG MPG A . 
E 2 MPG 1 101 3 MPG MPG B . 
F 3 HOH 1 201 2 HOH HOH A . 
G 3 HOH 1 201 1 HOH HOH B . 
G 3 HOH 2 202 3 HOH HOH B . 
G 3 HOH 3 203 4 HOH HOH B . 
# 
loop_
_software.pdbx_ordinal 
_software.name 
_software.version 
_software.date 
_software.type 
_software.contact_author 
_software.contact_author_email 
_software.classification 
_software.location 
_software.language 
_software.citation_id 
1 XPREP       '2008/2 for Windows' ?                program 'George Sheldrick'   demolicense@rt.bruker-axs.nl 'data reduction'  
http://shelx.uni-ac.gwdg.de/SHELX/           ?          ? 
2 REFMAC      5.7.0029             ?                program 'Garib N. Murshudov' garib@ysbl.york.ac.uk        refinement        
http://www.ccp4.ac.uk/dist/html/refmac5.html Fortran_77 ? 
3 PDB_EXTRACT 3.15                 'July. 29, 2014' package PDB                  deposit@deposit.rcsb.org     'data extraction' 
http://sw-tools.pdb.org/apps/PDB_EXTRACT/    C++        ? 
4 EMBL        'MD-2 software'      ?                ?       ?                    ?                            'data collection' ? 
?          ? 
5 XDS         .                    ?                ?       ?                    ?                            'data reduction'  ? 
?          ? 
6 XSCALE      .                    ?                ?       ?                    ?                            'data scaling'    ? 
?          ? 
7 PHASER      .                    ?                ?       ?                    ?                            phasing           ? 
?          ? 
# 
_cell.length_a           40.930 
_cell.length_b           41.230 
_cell.length_c           27.930 
_cell.angle_alpha        90.000 
_cell.angle_beta         95.680 
_cell.angle_gamma        90.000 
_cell.entry_id           4RWB 
_cell.pdbx_unique_axis   ? 
_cell.Z_PDB              8 
_cell.length_a_esd       ? 
_cell.length_b_esd       ? 
_cell.length_c_esd       ? 
_cell.angle_alpha_esd    ? 
_cell.angle_beta_esd     ? 
_cell.angle_gamma_esd    ? 
# 
_symmetry.space_group_name_H-M             'P 1 21/c 1' 
_symmetry.entry_id                         4RWB 
_symmetry.pdbx_full_space_group_name_H-M   ? 
_symmetry.Int_Tables_number                14 
_symmetry.cell_setting                     ? 
_symmetry.space_group_name_Hall            ? 
# 
_exptl.crystals_number   1 
_exptl.entry_id          4RWB 
_exptl.method            'X-RAY DIFFRACTION' 
# 
_exptl_crystal.id                    1 
_exptl_crystal.density_Matthews      2.36 
_exptl_crystal.density_meas          ? 
_exptl_crystal.density_percent_sol   47.99 
_exptl_crystal.description           ? 
_exptl_crystal.F_000                 ? 
_exptl_crystal.preparation           ? 
# 
_exptl_crystal_grow.crystal_id      1 
_exptl_crystal_grow.method          'monoolein lipidic cubic phase' 
_exptl_crystal_grow.pH              6.5 
_exptl_crystal_grow.temp            298 
_exptl_crystal_grow.temp_details    ? 
_exptl_crystal_grow.pdbx_details    
;Peptide combined with monoolein at 15-20% (w/w) by codissolving in trifluoroethanol, LCP generated by mixing vacuum-dried solid components with water at 60:40 lipid:water ratio. 200 nL LCP bolus combined with 1 uL solution containing 0.1 M ADA pH 6.5, 24% MPD in glass sandwich plates. Crystals grew in less than 1 day. , monoolein lipidic cubic phase, temperature 298K
;
_exptl_crystal_grow.pdbx_pH_range   ? 
# 
_diffrn.id                     1 
_diffrn.ambient_temp           100 
_diffrn.ambient_temp_details   ? 
_diffrn.crystal_id             1 
# 
_diffrn_detector.diffrn_id              1 
_diffrn_detector.detector               CCD 
_diffrn_detector.type                   'MARMOSAIC 225 mm CCD' 
_diffrn_detector.pdbx_collection_date   2012-06-14 
_diffrn_detector.details                ? 
# 
_diffrn_radiation.diffrn_id                        1 
_diffrn_radiation.wavelength_id                    1 
_diffrn_radiation.pdbx_diffrn_protocol             'SINGLE WAVELENGTH' 
_diffrn_radiation.monochromator                    'C(111)' 
_diffrn_radiation.pdbx_monochromatic_or_laue_m_l   M 
_diffrn_radiation.pdbx_scattering_type             x-ray 
# 
_diffrn_radiation_wavelength.id           1 
_diffrn_radiation_wavelength.wavelength   0.97872 
_diffrn_radiation_wavelength.wt           1.0 
# 
_diffrn_source.diffrn_id                   1 
_diffrn_source.source                      SYNCHROTRON 
_diffrn_source.type                        'APS BEAMLINE 21-ID-F' 
_diffrn_source.pdbx_wavelength             ? 
_diffrn_source.pdbx_wavelength_list        0.97872 
_diffrn_source.pdbx_synchrotron_site       APS 
_diffrn_source.pdbx_synchrotron_beamline   21-ID-F 
# 
_reflns.d_resolution_high            2.000 
_reflns.d_resolution_low             19.390 
_reflns.number_obs                   6119 
_reflns.pdbx_Rmerge_I_obs            ? 
_reflns.pdbx_netI_over_sigmaI        8.880 
_reflns.pdbx_redundancy              7.140 
_reflns.percent_possible_obs         96.200 
_reflns.entry_id                     4RWB 
_reflns.observed_criterion_sigma_F   ? 
_reflns.observed_criterion_sigma_I   ? 
_reflns.number_all                   ? 
_reflns.pdbx_Rsym_value              0.127 
_reflns.B_iso_Wilson_estimate        17.3 
_reflns.R_free_details               ? 
_reflns.limit_h_max                  ? 
_reflns.limit_h_min                  ? 
_reflns.limit_k_max                  ? 
_reflns.limit_k_min                  ? 
_reflns.limit_l_max                  ? 
_reflns.limit_l_min                  ? 
_reflns.observed_criterion_F_max     ? 
_reflns.observed_criterion_F_min     ? 
_reflns.pdbx_chi_squared             ? 
_reflns.pdbx_scaling_rejects         ? 
_reflns.pdbx_ordinal                 1 
_reflns.pdbx_diffrn_id               1 
# 
loop_
_reflns_shell.d_res_high 
_reflns_shell.d_res_low 
_reflns_shell.number_measured_obs 
_reflns_shell.number_measured_all 
_reflns_shell.number_unique_obs 
_reflns_shell.Rmerge_I_obs 
_reflns_shell.meanI_over_sigI_obs 
_reflns_shell.pdbx_Rsym_value 
_reflns_shell.pdbx_chi_squared 
_reflns_shell.pdbx_redundancy 
_reflns_shell.percent_possible_obs 
_reflns_shell.number_unique_all 
_reflns_shell.percent_possible_all 
_reflns_shell.pdbx_ordinal 
_reflns_shell.pdbx_diffrn_id 
2.000 2.030  ? ? 164 ? 2.27  0.560 ? 7.200 ? ? 95.900 1  1 
2.030 2.070  ? ? 345 ? 2.59  0.491 ? 7.180 ? ? 96.400 2  1 
2.070 2.120  ? ? 358 ? 3.34  0.421 ? 6.990 ? ? 95.000 3  1 
2.120 2.170  ? ? 373 ? 4.35  0.328 ? 7.010 ? ? 93.000 4  1 
2.170 2.230  ? ? 350 ? 3.99  0.370 ? 7.230 ? ? 96.700 5  1 
2.230 2.290  ? ? 359 ? 5.52  0.271 ? 7.150 ? ? 96.800 6  1 
2.290 2.360  ? ? 355 ? 4.98  0.315 ? 7.040 ? ? 93.200 7  1 
2.360 2.440  ? ? 343 ? 5.76  0.253 ? 7.320 ? ? 97.400 8  1 
2.440 2.520  ? ? 323 ? 6.41  0.222 ? 7.180 ? ? 96.400 9  1 
2.520 2.620  ? ? 336 ? 7.77  0.185 ? 7.190 ? ? 96.300 10 1 
2.620 2.730  ? ? 323 ? 8.17  0.184 ? 7.260 ? ? 96.400 11 1 
2.730 2.860  ? ? 309 ? 9.35  0.154 ? 7.150 ? ? 95.700 12 1 
2.860 3.010  ? ? 308 ? 10.46 0.128 ? 7.310 ? ? 98.700 13 1 
3.010 3.200  ? ? 313 ? 10.40 0.142 ? 7.170 ? ? 96.000 14 1 
3.200 3.450  ? ? 312 ? 13.11 0.103 ? 7.230 ? ? 96.900 15 1 
3.450 3.810  ? ? 317 ? 16.29 0.087 ? 7.240 ? ? 98.100 16 1 
3.810 4.370  ? ? 312 ? 17.49 0.072 ? 7.130 ? ? 97.800 17 1 
4.370 5.520  ? ? 308 ? 20.36 0.064 ? 7.010 ? ? 97.500 18 1 
5.520 19.390 ? ? 311 ? 17.64 0.065 ? 6.730 ? ? 94.800 19 1 
# 
_refine.entry_id                                 4RWB 
_refine.ls_d_res_high                            2.0000 
_refine.ls_d_res_low                             19.39 
_refine.pdbx_ls_sigma_F                          0.000 
_refine.pdbx_data_cutoff_high_absF               ? 
_refine.pdbx_data_cutoff_low_absF                ? 
_refine.ls_percent_reflns_obs                    96.6400 
_refine.ls_number_reflns_obs                     5919 
_refine.ls_number_reflns_all                     ? 
_refine.pdbx_ls_cross_valid_method               THROUGHOUT 
_refine.pdbx_R_Free_selection_details            RANDOM 
_refine.details                                  
'HYDROGENS HAVE BEEN USED IF PRESENT IN THE INPUT U VALUES      : REFINED INDIVIDUALLY' 
_refine.ls_R_factor_all                          ? 
_refine.ls_R_factor_obs                          0.2816 
_refine.ls_R_factor_R_work                       0.2808 
_refine.ls_wR_factor_R_work                      ? 
_refine.ls_R_factor_R_free                       0.2956 
_refine.ls_wR_factor_R_free                      ? 
_refine.ls_percent_reflns_R_free                 4.8000 
_refine.ls_number_reflns_R_free                  283 
_refine.ls_R_factor_R_free_error                 ? 
_refine.B_iso_mean                               28.3520 
_refine.solvent_model_param_bsol                 ? 
_refine.solvent_model_param_ksol                 ? 
_refine.pdbx_isotropic_thermal_model             ? 
_refine.aniso_B[1][1]                            2.7700 
_refine.aniso_B[2][2]                            -2.7100 
_refine.aniso_B[3][3]                            -0.0300 
_refine.aniso_B[1][2]                            -0.0000 
_refine.aniso_B[1][3]                            -0.3200 
_refine.aniso_B[2][3]                            0.0000 
_refine.correlation_coeff_Fo_to_Fc               0.9270 
_refine.correlation_coeff_Fo_to_Fc_free          0.9300 
_refine.overall_SU_R_Cruickshank_DPI             ? 
_refine.overall_SU_R_free                        ? 
_refine.pdbx_overall_ESU_R                       0.1940 
_refine.pdbx_overall_ESU_R_Free                  0.1690 
_refine.overall_SU_ML                            0.1100 
_refine.overall_SU_B                             3.9340 
_refine.solvent_model_details                    MASK 
_refine.pdbx_solvent_vdw_probe_radii             1.2000 
_refine.pdbx_solvent_ion_probe_radii             0.8000 
_refine.pdbx_solvent_shrinkage_radii             0.8000 
_refine.ls_number_parameters                     ? 
_refine.ls_number_restraints                     ? 
_refine.pdbx_starting_model                      'PDB entry 3LBW' 
_refine.pdbx_method_to_determine_struct          'MOLECULAR REPLACEMENT' 
_refine.pdbx_stereochemistry_target_values       'MAXIMUM LIKELIHOOD' 
_refine.pdbx_stereochem_target_val_spec_case     ? 
_refine.overall_FOM_work_R_set                   ? 
_refine.B_iso_max                                95.640 
_refine.B_iso_min                                12.770 
_refine.pdbx_overall_phase_error                 ? 
_refine.occupancy_max                            ? 
_refine.occupancy_min                            ? 
_refine.pdbx_ls_sigma_I                          ? 
_refine.ls_redundancy_reflns_obs                 ? 
_refine.ls_R_factor_R_free_error_details         ? 
_refine.pdbx_data_cutoff_high_rms_absF           ? 
_refine.overall_FOM_free_R_set                   ? 
_refine.pdbx_diffrn_id                           1 
_refine.pdbx_refine_id                           'X-RAY DIFFRACTION' 
_refine.pdbx_TLS_residual_ADP_flag               ? 
_refine.pdbx_overall_SU_R_free_Cruickshank_DPI   ? 
_refine.pdbx_overall_SU_R_Blow_DPI               ? 
_refine.pdbx_overall_SU_R_free_Blow_DPI          ? 
# 
_refine_analyze.entry_id                        4RWB 
_refine_analyze.Luzzati_coordinate_error_obs    0.194 
_refine_analyze.Luzzati_sigma_a_obs             ? 
_refine_analyze.Luzzati_d_res_low_obs           ? 
_refine_analyze.Luzzati_coordinate_error_free   ? 
_refine_analyze.Luzzati_sigma_a_free            ? 
_refine_analyze.Luzzati_d_res_low_free          ? 
_refine_analyze.number_disordered_residues      ? 
_refine_analyze.occupancy_sum_non_hydrogen      ? 
_refine_analyze.occupancy_sum_hydrogen          ? 
_refine_analyze.pdbx_Luzzati_d_res_high_obs     ? 
_refine_analyze.pdbx_refine_id                  'X-RAY DIFFRACTION' 
# 
_refine_hist.pdbx_refine_id                   'X-RAY DIFFRACTION' 
_refine_hist.cycle_id                         LAST 
_refine_hist.pdbx_number_atoms_protein        354 
_refine_hist.pdbx_number_atoms_nucleic_acid   0 
_refine_hist.pdbx_number_atoms_ligand         75 
_refine_hist.number_atoms_solvent             4 
_refine_hist.number_atoms_total               433 
_refine_hist.d_res_high                       2.0000 
_refine_hist.d_res_low                        19.39 
# 
loop_
_refine_ls_restr.type 
_refine_ls_restr.number 
_refine_ls_restr.dev_ideal 
_refine_ls_restr.dev_ideal_target 
_refine_ls_restr.weight 
_refine_ls_restr.pdbx_restraint_function 
_refine_ls_restr.pdbx_refine_id 
r_bond_refined_d       438  0.013  0.019  ? ? 'X-RAY DIFFRACTION' 
r_bond_other_d         530  0.001  0.020  ? ? 'X-RAY DIFFRACTION' 
r_angle_refined_deg    579  1.641  2.121  ? ? 'X-RAY DIFFRACTION' 
r_angle_other_deg      1223 0.799  3.000  ? ? 'X-RAY DIFFRACTION' 
r_dihedral_angle_1_deg 44   3.616  5.000  ? ? 'X-RAY DIFFRACTION' 
r_dihedral_angle_2_deg 8    33.808 20.000 ? ? 'X-RAY DIFFRACTION' 
r_dihedral_angle_3_deg 64   10.465 15.000 ? ? 'X-RAY DIFFRACTION' 
r_dihedral_angle_4_deg 2    19.944 15.000 ? ? 'X-RAY DIFFRACTION' 
r_chiral_restr         75   0.086  0.200  ? ? 'X-RAY DIFFRACTION' 
r_gen_planes_refined   395  0.007  0.019  ? ? 'X-RAY DIFFRACTION' 
r_gen_planes_other     77   0.001  0.020  ? ? 'X-RAY DIFFRACTION' 
# 
_refine_ls_shell.d_res_high                       2.0000 
_refine_ls_shell.d_res_low                        2.1080 
_refine_ls_shell.pdbx_total_number_of_bins_used   10 
_refine_ls_shell.percent_reflns_obs               96.0000 
_refine_ls_shell.number_reflns_R_work             800 
_refine_ls_shell.R_factor_all                     ? 
_refine_ls_shell.R_factor_R_work                  0.3330 
_refine_ls_shell.R_factor_R_free                  0.3060 
_refine_ls_shell.percent_reflns_R_free            ? 
_refine_ls_shell.number_reflns_R_free             41 
_refine_ls_shell.R_factor_R_free_error            ? 
_refine_ls_shell.number_reflns_all                841 
_refine_ls_shell.number_reflns_obs                841 
_refine_ls_shell.redundancy_reflns_obs            ? 
_refine_ls_shell.pdbx_refine_id                   'X-RAY DIFFRACTION' 
# 
_struct.entry_id                  4RWB 
_struct.title                     'Racemic influenza M2-TM crystallized from monoolein lipidic cubic phase' 
_struct.pdbx_model_details        ? 
_struct.pdbx_CASP_flag            ? 
_struct.pdbx_model_type_details   ? 
# 
_struct_keywords.entry_id        4RWB 
_struct_keywords.pdbx_keywords   'MEMBRANE PROTEIN' 
_struct_keywords.text            'transmembrane peptide, proton channel, membrane, MEMBRANE PROTEIN' 
# 
loop_
_struct_asym.id 
_struct_asym.pdbx_blank_PDB_chainid_flag 
_struct_asym.pdbx_modified 
_struct_asym.entity_id 
_struct_asym.details 
A N N 1 ? 
B N N 1 ? 
C N N 2 ? 
D N N 2 ? 
E N N 2 ? 
F N N 3 ? 
G N N 3 ? 
# 
_struct_ref.id                         1 
_struct_ref.db_name                    UNP 
_struct_ref.db_code                    M2_I97A1 
_struct_ref.pdbx_db_accession          O70632 
_struct_ref.entity_id                  1 
_struct_ref.pdbx_seq_one_letter_code   PLVVAASIIGILHLILWILDRL 
_struct_ref.pdbx_align_begin           25 
_struct_ref.pdbx_db_isoform            ? 
# 
loop_
_struct_ref_seq.align_id 
_struct_ref_seq.ref_id 
_struct_ref_seq.pdbx_PDB_id_code 
_struct_ref_seq.pdbx_strand_id 
_struct_ref_seq.seq_align_beg 
_struct_ref_seq.pdbx_seq_align_beg_ins_code 
_struct_ref_seq.seq_align_end 
_struct_ref_seq.pdbx_seq_align_end_ins_code 
_struct_ref_seq.pdbx_db_accession 
_struct_ref_seq.db_align_beg 
_struct_ref_seq.pdbx_db_align_beg_ins_code 
_struct_ref_seq.db_align_end 
_struct_ref_seq.pdbx_db_align_end_ins_code 
_struct_ref_seq.pdbx_auth_seq_align_beg 
_struct_ref_seq.pdbx_auth_seq_align_end 
1 1 4RWB A 2 ? 23 ? O70632 25 ? 46 ? 25 46 
2 1 4RWB B 2 ? 23 ? O70632 25 ? 46 ? 25 46 
# 
loop_
_struct_ref_seq_dif.align_id 
_struct_ref_seq_dif.pdbx_pdb_id_code 
_struct_ref_seq_dif.mon_id 
_struct_ref_seq_dif.pdbx_pdb_strand_id 
_struct_ref_seq_dif.seq_num 
_struct_ref_seq_dif.pdbx_pdb_ins_code 
_struct_ref_seq_dif.pdbx_seq_db_name 
_struct_ref_seq_dif.pdbx_seq_db_accession_code 
_struct_ref_seq_dif.db_mon_id 
_struct_ref_seq_dif.pdbx_seq_db_seq_num 
_struct_ref_seq_dif.details 
_struct_ref_seq_dif.pdbx_auth_seq_num 
_struct_ref_seq_dif.pdbx_ordinal 
1 4RWB ACE A 1  ? UNP O70632 ?   ?  acetylation           24 1 
1 4RWB ALA A 11 ? UNP O70632 GLY 34 'engineered mutation' 34 2 
1 4RWB NH2 A 24 ? UNP O70632 ?   ?  amidation             47 3 
2 4RWB ACE B 1  ? UNP O70632 ?   ?  acetylation           24 4 
2 4RWB ALA B 11 ? UNP O70632 GLY 34 'engineered mutation' 34 5 
2 4RWB NH2 B 24 ? UNP O70632 ?   ?  amidation             47 6 
# 
loop_
_pdbx_struct_assembly.id 
_pdbx_struct_assembly.details 
_pdbx_struct_assembly.method_details 
_pdbx_struct_assembly.oligomeric_details 
_pdbx_struct_assembly.oligomeric_count 
1 author_defined_assembly ? monomeric 1 
2 author_defined_assembly ? monomeric 1 
# 
loop_
_pdbx_struct_assembly_gen.assembly_id 
_pdbx_struct_assembly_gen.oper_expression 
_pdbx_struct_assembly_gen.asym_id_list 
1 1 A,C,D,F 
2 1 B,E,G   
# 
_pdbx_struct_oper_list.id                   1 
_pdbx_struct_oper_list.type                 'identity operation' 
_pdbx_struct_oper_list.name                 1_555 
_pdbx_struct_oper_list.symmetry_operation   x,y,z 
_pdbx_struct_oper_list.matrix[1][1]         1.0000000000 
_pdbx_struct_oper_list.matrix[1][2]         0.0000000000 
_pdbx_struct_oper_list.matrix[1][3]         0.0000000000 
_pdbx_struct_oper_list.vector[1]            0.0000000000 
_pdbx_struct_oper_list.matrix[2][1]         0.0000000000 
_pdbx_struct_oper_list.matrix[2][2]         1.0000000000 
_pdbx_struct_oper_list.matrix[2][3]         0.0000000000 
_pdbx_struct_oper_list.vector[2]            0.0000000000 
_pdbx_struct_oper_list.matrix[3][1]         0.0000000000 
_pdbx_struct_oper_list.matrix[3][2]         0.0000000000 
_pdbx_struct_oper_list.matrix[3][3]         1.0000000000 
_pdbx_struct_oper_list.vector[3]            0.0000000000 
# 
_struct_biol.id        1 
_struct_biol.details   ? 
# 
loop_
_struct_conf.conf_type_id 
_struct_conf.id 
_struct_conf.pdbx_PDB_helix_id 
_struct_conf.beg_label_comp_id 
_struct_conf.beg_label_asym_id 
_struct_conf.beg_label_seq_id 
_struct_conf.pdbx_beg_PDB_ins_code 
_struct_conf.end_label_comp_id 
_struct_conf.end_label_asym_id 
_struct_conf.end_label_seq_id 
_struct_conf.pdbx_end_PDB_ins_code 
_struct_conf.beg_auth_comp_id 
_struct_conf.beg_auth_asym_id 
_struct_conf.beg_auth_seq_id 
_struct_conf.end_auth_comp_id 
_struct_conf.end_auth_asym_id 
_struct_conf.end_auth_seq_id 
_struct_conf.pdbx_PDB_helix_class 
_struct_conf.details 
_struct_conf.pdbx_PDB_helix_length 
HELX_P HELX_P1 1 PRO A 2 ? LEU A 23 ? PRO A 25 LEU A 46 1 ? 22 
HELX_P HELX_P2 2 PRO B 2 ? LEU B 23 ? PRO B 25 LEU B 46 1 ? 22 
# 
_struct_conf_type.id          HELX_P 
_struct_conf_type.criteria    ? 
_struct_conf_type.reference   ? 
# 
loop_
_struct_conn.id 
_struct_conn.conn_type_id 
_struct_conn.pdbx_leaving_atom_flag 
_struct_conn.pdbx_PDB_id 
_struct_conn.ptnr1_label_asym_id 
_struct_conn.ptnr1_label_comp_id 
_struct_conn.ptnr1_label_seq_id 
_struct_conn.ptnr1_label_atom_id 
_struct_conn.pdbx_ptnr1_label_alt_id 
_struct_conn.pdbx_ptnr1_PDB_ins_code 
_struct_conn.pdbx_ptnr1_standard_comp_id 
_struct_conn.ptnr1_symmetry 
_struct_conn.ptnr2_label_asym_id 
_struct_conn.ptnr2_label_comp_id 
_struct_conn.ptnr2_label_seq_id 
_struct_conn.ptnr2_label_atom_id 
_struct_conn.pdbx_ptnr2_label_alt_id 
_struct_conn.pdbx_ptnr2_PDB_ins_code 
_struct_conn.ptnr1_auth_asym_id 
_struct_conn.ptnr1_auth_comp_id 
_struct_conn.ptnr1_auth_seq_id 
_struct_conn.ptnr2_auth_asym_id 
_struct_conn.ptnr2_auth_comp_id 
_struct_conn.ptnr2_auth_seq_id 
_struct_conn.ptnr2_symmetry 
_struct_conn.pdbx_ptnr3_label_atom_id 
_struct_conn.pdbx_ptnr3_label_seq_id 
_struct_conn.pdbx_ptnr3_label_comp_id 
_struct_conn.pdbx_ptnr3_label_asym_id 
_struct_conn.pdbx_ptnr3_label_alt_id 
_struct_conn.pdbx_ptnr3_PDB_ins_code 
_struct_conn.details 
_struct_conn.pdbx_dist_value 
_struct_conn.pdbx_value_order 
_struct_conn.pdbx_role 
covale1 covale both ? A ACE 1  C ? ? ? 1_555 A PRO 2  N ? ? A ACE 24 A PRO 25 1_555 ? ? ? ? ? ? ? 1.317 ? ? 
covale2 covale both ? A LEU 23 C ? ? ? 1_555 A NH2 24 N ? ? A LEU 46 A NH2 47 1_555 ? ? ? ? ? ? ? 1.329 ? ? 
covale3 covale both ? B ACE 1  C ? ? ? 1_555 B PRO 2  N ? ? B ACE 24 B PRO 25 1_555 ? ? ? ? ? ? ? 1.329 ? ? 
covale4 covale both ? B LEU 23 C ? ? ? 1_555 B NH2 24 N ? ? B LEU 46 B NH2 47 1_555 ? ? ? ? ? ? ? 1.335 ? ? 
# 
_struct_conn_type.id          covale 
_struct_conn_type.criteria    ? 
_struct_conn_type.reference   ? 
# 
loop_
_pdbx_modification_feature.ordinal 
_pdbx_modification_feature.label_comp_id 
_pdbx_modification_feature.label_asym_id 
_pdbx_modification_feature.label_seq_id 
_pdbx_modification_feature.label_alt_id 
_pdbx_modification_feature.modified_residue_label_comp_id 
_pdbx_modification_feature.modified_residue_label_asym_id 
_pdbx_modification_feature.modified_residue_label_seq_id 
_pdbx_modification_feature.modified_residue_label_alt_id 
_pdbx_modification_feature.auth_comp_id 
_pdbx_modification_feature.auth_asym_id 
_pdbx_modification_feature.auth_seq_id 
_pdbx_modification_feature.PDB_ins_code 
_pdbx_modification_feature.symmetry 
_pdbx_modification_feature.modified_residue_auth_comp_id 
_pdbx_modification_feature.modified_residue_auth_asym_id 
_pdbx_modification_feature.modified_residue_auth_seq_id 
_pdbx_modification_feature.modified_residue_PDB_ins_code 
_pdbx_modification_feature.modified_residue_symmetry 
_pdbx_modification_feature.comp_id_linking_atom 
_pdbx_modification_feature.modified_residue_id_linking_atom 
_pdbx_modification_feature.modified_residue_id 
_pdbx_modification_feature.ref_pcm_id 
_pdbx_modification_feature.ref_comp_id 
_pdbx_modification_feature.type 
_pdbx_modification_feature.category 
1 ACE A 1  ? PRO A 2  ? ACE A 24 ? 1_555 PRO A 25 ? 1_555 . . PRO 13 ACE None 'Terminal acetylation' 
2 ACE B 1  ? PRO B 2  ? ACE B 24 ? 1_555 PRO B 25 ? 1_555 . . PRO 13 ACE None 'Terminal acetylation' 
3 NH2 A 24 ? LEU A 23 ? NH2 A 47 ? 1_555 LEU A 46 ? 1_555 . . LEU 14 NH2 None 'Terminal amidation'   
4 NH2 B 24 ? LEU B 23 ? NH2 B 47 ? 1_555 LEU B 46 ? 1_555 . . LEU 14 NH2 None 'Terminal amidation'   
# 
_pdbx_entry_details.entry_id                   4RWB 
_pdbx_entry_details.compound_details           ? 
_pdbx_entry_details.source_details             ? 
_pdbx_entry_details.nonpolymer_details         ? 
_pdbx_entry_details.sequence_details           ? 
_pdbx_entry_details.has_ligand_of_interest     ? 
_pdbx_entry_details.has_protein_modification   Y 
# 
loop_
_chem_comp_atom.comp_id 
_chem_comp_atom.atom_id 
_chem_comp_atom.type_symbol 
_chem_comp_atom.pdbx_aromatic_flag 
_chem_comp_atom.pdbx_stereo_config 
_chem_comp_atom.pdbx_ordinal 
ACE C    C N N 1   
ACE O    O N N 2   
ACE CH3  C N N 3   
ACE H    H N N 4   
ACE H1   H N N 5   
ACE H2   H N N 6   
ACE H3   H N N 7   
ALA N    N N N 8   
ALA CA   C N S 9   
ALA C    C N N 10  
ALA O    O N N 11  
ALA CB   C N N 12  
ALA OXT  O N N 13  
ALA H    H N N 14  
ALA H2   H N N 15  
ALA HA   H N N 16  
ALA HB1  H N N 17  
ALA HB2  H N N 18  
ALA HB3  H N N 19  
ALA HXT  H N N 20  
ARG N    N N N 21  
ARG CA   C N S 22  
ARG C    C N N 23  
ARG O    O N N 24  
ARG CB   C N N 25  
ARG CG   C N N 26  
ARG CD   C N N 27  
ARG NE   N N N 28  
ARG CZ   C N N 29  
ARG NH1  N N N 30  
ARG NH2  N N N 31  
ARG OXT  O N N 32  
ARG H    H N N 33  
ARG H2   H N N 34  
ARG HA   H N N 35  
ARG HB2  H N N 36  
ARG HB3  H N N 37  
ARG HG2  H N N 38  
ARG HG3  H N N 39  
ARG HD2  H N N 40  
ARG HD3  H N N 41  
ARG HE   H N N 42  
ARG HH11 H N N 43  
ARG HH12 H N N 44  
ARG HH21 H N N 45  
ARG HH22 H N N 46  
ARG HXT  H N N 47  
ASP N    N N N 48  
ASP CA   C N S 49  
ASP C    C N N 50  
ASP O    O N N 51  
ASP CB   C N N 52  
ASP CG   C N N 53  
ASP OD1  O N N 54  
ASP OD2  O N N 55  
ASP OXT  O N N 56  
ASP H    H N N 57  
ASP H2   H N N 58  
ASP HA   H N N 59  
ASP HB2  H N N 60  
ASP HB3  H N N 61  
ASP HD2  H N N 62  
ASP HXT  H N N 63  
GLY N    N N N 64  
GLY CA   C N N 65  
GLY C    C N N 66  
GLY O    O N N 67  
GLY OXT  O N N 68  
GLY H    H N N 69  
GLY H2   H N N 70  
GLY HA2  H N N 71  
GLY HA3  H N N 72  
GLY HXT  H N N 73  
HIS N    N N N 74  
HIS CA   C N S 75  
HIS C    C N N 76  
HIS O    O N N 77  
HIS CB   C N N 78  
HIS CG   C Y N 79  
HIS ND1  N Y N 80  
HIS CD2  C Y N 81  
HIS CE1  C Y N 82  
HIS NE2  N Y N 83  
HIS OXT  O N N 84  
HIS H    H N N 85  
HIS H2   H N N 86  
HIS HA   H N N 87  
HIS HB2  H N N 88  
HIS HB3  H N N 89  
HIS HD1  H N N 90  
HIS HD2  H N N 91  
HIS HE1  H N N 92  
HIS HE2  H N N 93  
HIS HXT  H N N 94  
HOH O    O N N 95  
HOH H1   H N N 96  
HOH H2   H N N 97  
ILE N    N N N 98  
ILE CA   C N S 99  
ILE C    C N N 100 
ILE O    O N N 101 
ILE CB   C N S 102 
ILE CG1  C N N 103 
ILE CG2  C N N 104 
ILE CD1  C N N 105 
ILE OXT  O N N 106 
ILE H    H N N 107 
ILE H2   H N N 108 
ILE HA   H N N 109 
ILE HB   H N N 110 
ILE HG12 H N N 111 
ILE HG13 H N N 112 
ILE HG21 H N N 113 
ILE HG22 H N N 114 
ILE HG23 H N N 115 
ILE HD11 H N N 116 
ILE HD12 H N N 117 
ILE HD13 H N N 118 
ILE HXT  H N N 119 
LEU N    N N N 120 
LEU CA   C N S 121 
LEU C    C N N 122 
LEU O    O N N 123 
LEU CB   C N N 124 
LEU CG   C N N 125 
LEU CD1  C N N 126 
LEU CD2  C N N 127 
LEU OXT  O N N 128 
LEU H    H N N 129 
LEU H2   H N N 130 
LEU HA   H N N 131 
LEU HB2  H N N 132 
LEU HB3  H N N 133 
LEU HG   H N N 134 
LEU HD11 H N N 135 
LEU HD12 H N N 136 
LEU HD13 H N N 137 
LEU HD21 H N N 138 
LEU HD22 H N N 139 
LEU HD23 H N N 140 
LEU HXT  H N N 141 
MPG C2   C N N 142 
MPG C3   C N N 143 
MPG C4   C N N 144 
MPG C5   C N N 145 
MPG C6   C N N 146 
MPG C7   C N N 147 
MPG C8   C N N 148 
MPG C9   C N N 149 
MPG C10  C N N 150 
MPG C11  C N N 151 
MPG C12  C N N 152 
MPG C13  C N N 153 
MPG C14  C N N 154 
MPG C15  C N N 155 
MPG C16  C N N 156 
MPG C17  C N N 157 
MPG C18  C N N 158 
MPG O1   O N N 159 
MPG C1   C N N 160 
MPG CXD  C N R 161 
MPG O2   O N N 162 
MPG C21  C N N 163 
MPG O3   O N N 164 
MPG O4   O N N 165 
MPG CX3  C N N 166 
MPG H21C H N N 167 
MPG H22C H N N 168 
MPG H31C H N N 169 
MPG H32C H N N 170 
MPG H41C H N N 171 
MPG H42C H N N 172 
MPG H51C H N N 173 
MPG H52C H N N 174 
MPG H61C H N N 175 
MPG H62C H N N 176 
MPG H71C H N N 177 
MPG H72C H N N 178 
MPG H81C H N N 179 
MPG H82C H N N 180 
MPG H9   H N N 181 
MPG H10  H N N 182 
MPG H111 H N N 183 
MPG H112 H N N 184 
MPG H121 H N N 185 
MPG H122 H N N 186 
MPG H131 H N N 187 
MPG H132 H N N 188 
MPG H141 H N N 189 
MPG H142 H N N 190 
MPG H151 H N N 191 
MPG H152 H N N 192 
MPG H161 H N N 193 
MPG H162 H N N 194 
MPG H171 H N N 195 
MPG H172 H N N 196 
MPG H181 H N N 197 
MPG H182 H N N 198 
MPG H183 H N N 199 
MPG HX31 H N N 200 
MPG HX32 H N N 201 
MPG HXD  H N N 202 
MPG H2   H N N 203 
MPG H211 H N N 204 
MPG H212 H N N 205 
MPG H3   H N N 206 
NH2 N    N N N 207 
NH2 HN1  H N N 208 
NH2 HN2  H N N 209 
PRO N    N N N 210 
PRO CA   C N S 211 
PRO C    C N N 212 
PRO O    O N N 213 
PRO CB   C N N 214 
PRO CG   C N N 215 
PRO CD   C N N 216 
PRO OXT  O N N 217 
PRO H    H N N 218 
PRO HA   H N N 219 
PRO HB2  H N N 220 
PRO HB3  H N N 221 
PRO HG2  H N N 222 
PRO HG3  H N N 223 
PRO HD2  H N N 224 
PRO HD3  H N N 225 
PRO HXT  H N N 226 
SER N    N N N 227 
SER CA   C N S 228 
SER C    C N N 229 
SER O    O N N 230 
SER CB   C N N 231 
SER OG   O N N 232 
SER OXT  O N N 233 
SER H    H N N 234 
SER H2   H N N 235 
SER HA   H N N 236 
SER HB2  H N N 237 
SER HB3  H N N 238 
SER HG   H N N 239 
SER HXT  H N N 240 
TRP N    N N N 241 
TRP CA   C N S 242 
TRP C    C N N 243 
TRP O    O N N 244 
TRP CB   C N N 245 
TRP CG   C Y N 246 
TRP CD1  C Y N 247 
TRP CD2  C Y N 248 
TRP NE1  N Y N 249 
TRP CE2  C Y N 250 
TRP CE3  C Y N 251 
TRP CZ2  C Y N 252 
TRP CZ3  C Y N 253 
TRP CH2  C Y N 254 
TRP OXT  O N N 255 
TRP H    H N N 256 
TRP H2   H N N 257 
TRP HA   H N N 258 
TRP HB2  H N N 259 
TRP HB3  H N N 260 
TRP HD1  H N N 261 
TRP HE1  H N N 262 
TRP HE3  H N N 263 
TRP HZ2  H N N 264 
TRP HZ3  H N N 265 
TRP HH2  H N N 266 
TRP HXT  H N N 267 
VAL N    N N N 268 
VAL CA   C N S 269 
VAL C    C N N 270 
VAL O    O N N 271 
VAL CB   C N N 272 
VAL CG1  C N N 273 
VAL CG2  C N N 274 
VAL OXT  O N N 275 
VAL H    H N N 276 
VAL H2   H N N 277 
VAL HA   H N N 278 
VAL HB   H N N 279 
VAL HG11 H N N 280 
VAL HG12 H N N 281 
VAL HG13 H N N 282 
VAL HG21 H N N 283 
VAL HG22 H N N 284 
VAL HG23 H N N 285 
VAL HXT  H N N 286 
# 
loop_
_chem_comp_bond.comp_id 
_chem_comp_bond.atom_id_1 
_chem_comp_bond.atom_id_2 
_chem_comp_bond.value_order 
_chem_comp_bond.pdbx_aromatic_flag 
_chem_comp_bond.pdbx_stereo_config 
_chem_comp_bond.pdbx_ordinal 
ACE C   O    doub N N 1   
ACE C   CH3  sing N N 2   
ACE C   H    sing N N 3   
ACE CH3 H1   sing N N 4   
ACE CH3 H2   sing N N 5   
ACE CH3 H3   sing N N 6   
ALA N   CA   sing N N 7   
ALA N   H    sing N N 8   
ALA N   H2   sing N N 9   
ALA CA  C    sing N N 10  
ALA CA  CB   sing N N 11  
ALA CA  HA   sing N N 12  
ALA C   O    doub N N 13  
ALA C   OXT  sing N N 14  
ALA CB  HB1  sing N N 15  
ALA CB  HB2  sing N N 16  
ALA CB  HB3  sing N N 17  
ALA OXT HXT  sing N N 18  
ARG N   CA   sing N N 19  
ARG N   H    sing N N 20  
ARG N   H2   sing N N 21  
ARG CA  C    sing N N 22  
ARG CA  CB   sing N N 23  
ARG CA  HA   sing N N 24  
ARG C   O    doub N N 25  
ARG C   OXT  sing N N 26  
ARG CB  CG   sing N N 27  
ARG CB  HB2  sing N N 28  
ARG CB  HB3  sing N N 29  
ARG CG  CD   sing N N 30  
ARG CG  HG2  sing N N 31  
ARG CG  HG3  sing N N 32  
ARG CD  NE   sing N N 33  
ARG CD  HD2  sing N N 34  
ARG CD  HD3  sing N N 35  
ARG NE  CZ   sing N N 36  
ARG NE  HE   sing N N 37  
ARG CZ  NH1  sing N N 38  
ARG CZ  NH2  doub N N 39  
ARG NH1 HH11 sing N N 40  
ARG NH1 HH12 sing N N 41  
ARG NH2 HH21 sing N N 42  
ARG NH2 HH22 sing N N 43  
ARG OXT HXT  sing N N 44  
ASP N   CA   sing N N 45  
ASP N   H    sing N N 46  
ASP N   H2   sing N N 47  
ASP CA  C    sing N N 48  
ASP CA  CB   sing N N 49  
ASP CA  HA   sing N N 50  
ASP C   O    doub N N 51  
ASP C   OXT  sing N N 52  
ASP CB  CG   sing N N 53  
ASP CB  HB2  sing N N 54  
ASP CB  HB3  sing N N 55  
ASP CG  OD1  doub N N 56  
ASP CG  OD2  sing N N 57  
ASP OD2 HD2  sing N N 58  
ASP OXT HXT  sing N N 59  
GLY N   CA   sing N N 60  
GLY N   H    sing N N 61  
GLY N   H2   sing N N 62  
GLY CA  C    sing N N 63  
GLY CA  HA2  sing N N 64  
GLY CA  HA3  sing N N 65  
GLY C   O    doub N N 66  
GLY C   OXT  sing N N 67  
GLY OXT HXT  sing N N 68  
HIS N   CA   sing N N 69  
HIS N   H    sing N N 70  
HIS N   H2   sing N N 71  
HIS CA  C    sing N N 72  
HIS CA  CB   sing N N 73  
HIS CA  HA   sing N N 74  
HIS C   O    doub N N 75  
HIS C   OXT  sing N N 76  
HIS CB  CG   sing N N 77  
HIS CB  HB2  sing N N 78  
HIS CB  HB3  sing N N 79  
HIS CG  ND1  sing Y N 80  
HIS CG  CD2  doub Y N 81  
HIS ND1 CE1  doub Y N 82  
HIS ND1 HD1  sing N N 83  
HIS CD2 NE2  sing Y N 84  
HIS CD2 HD2  sing N N 85  
HIS CE1 NE2  sing Y N 86  
HIS CE1 HE1  sing N N 87  
HIS NE2 HE2  sing N N 88  
HIS OXT HXT  sing N N 89  
HOH O   H1   sing N N 90  
HOH O   H2   sing N N 91  
ILE N   CA   sing N N 92  
ILE N   H    sing N N 93  
ILE N   H2   sing N N 94  
ILE CA  C    sing N N 95  
ILE CA  CB   sing N N 96  
ILE CA  HA   sing N N 97  
ILE C   O    doub N N 98  
ILE C   OXT  sing N N 99  
ILE CB  CG1  sing N N 100 
ILE CB  CG2  sing N N 101 
ILE CB  HB   sing N N 102 
ILE CG1 CD1  sing N N 103 
ILE CG1 HG12 sing N N 104 
ILE CG1 HG13 sing N N 105 
ILE CG2 HG21 sing N N 106 
ILE CG2 HG22 sing N N 107 
ILE CG2 HG23 sing N N 108 
ILE CD1 HD11 sing N N 109 
ILE CD1 HD12 sing N N 110 
ILE CD1 HD13 sing N N 111 
ILE OXT HXT  sing N N 112 
LEU N   CA   sing N N 113 
LEU N   H    sing N N 114 
LEU N   H2   sing N N 115 
LEU CA  C    sing N N 116 
LEU CA  CB   sing N N 117 
LEU CA  HA   sing N N 118 
LEU C   O    doub N N 119 
LEU C   OXT  sing N N 120 
LEU CB  CG   sing N N 121 
LEU CB  HB2  sing N N 122 
LEU CB  HB3  sing N N 123 
LEU CG  CD1  sing N N 124 
LEU CG  CD2  sing N N 125 
LEU CG  HG   sing N N 126 
LEU CD1 HD11 sing N N 127 
LEU CD1 HD12 sing N N 128 
LEU CD1 HD13 sing N N 129 
LEU CD2 HD21 sing N N 130 
LEU CD2 HD22 sing N N 131 
LEU CD2 HD23 sing N N 132 
LEU OXT HXT  sing N N 133 
MPG C2  C3   sing N N 134 
MPG C2  C1   sing N N 135 
MPG C3  C4   sing N N 136 
MPG C4  C5   sing N N 137 
MPG C5  C6   sing N N 138 
MPG C6  C7   sing N N 139 
MPG C7  C8   sing N N 140 
MPG C8  C9   sing N N 141 
MPG C9  C10  doub N Z 142 
MPG C10 C11  sing N N 143 
MPG C11 C12  sing N N 144 
MPG C12 C13  sing N N 145 
MPG C13 C14  sing N N 146 
MPG C14 C15  sing N N 147 
MPG C15 C16  sing N N 148 
MPG C16 C17  sing N N 149 
MPG C17 C18  sing N N 150 
MPG O1  C1   sing N N 151 
MPG O1  CX3  sing N N 152 
MPG CXD O2   sing N N 153 
MPG CXD C21  sing N N 154 
MPG CXD CX3  sing N N 155 
MPG C21 O3   sing N N 156 
MPG C2  H21C sing N N 157 
MPG C2  H22C sing N N 158 
MPG C3  H31C sing N N 159 
MPG C3  H32C sing N N 160 
MPG CX3 O4   doub N N 161 
MPG C4  H41C sing N N 162 
MPG C4  H42C sing N N 163 
MPG C5  H51C sing N N 164 
MPG C5  H52C sing N N 165 
MPG C6  H61C sing N N 166 
MPG C6  H62C sing N N 167 
MPG C7  H71C sing N N 168 
MPG C7  H72C sing N N 169 
MPG C8  H81C sing N N 170 
MPG C8  H82C sing N N 171 
MPG C9  H9   sing N N 172 
MPG C10 H10  sing N N 173 
MPG C11 H111 sing N N 174 
MPG C11 H112 sing N N 175 
MPG C12 H121 sing N N 176 
MPG C12 H122 sing N N 177 
MPG C13 H131 sing N N 178 
MPG C13 H132 sing N N 179 
MPG C14 H141 sing N N 180 
MPG C14 H142 sing N N 181 
MPG C15 H151 sing N N 182 
MPG C15 H152 sing N N 183 
MPG C16 H161 sing N N 184 
MPG C16 H162 sing N N 185 
MPG C17 H171 sing N N 186 
MPG C17 H172 sing N N 187 
MPG C18 H181 sing N N 188 
MPG C18 H182 sing N N 189 
MPG C18 H183 sing N N 190 
MPG C1  HX31 sing N N 191 
MPG C1  HX32 sing N N 192 
MPG CXD HXD  sing N N 193 
MPG O2  H2   sing N N 194 
MPG C21 H211 sing N N 195 
MPG C21 H212 sing N N 196 
MPG O3  H3   sing N N 197 
NH2 N   HN1  sing N N 198 
NH2 N   HN2  sing N N 199 
PRO N   CA   sing N N 200 
PRO N   CD   sing N N 201 
PRO N   H    sing N N 202 
PRO CA  C    sing N N 203 
PRO CA  CB   sing N N 204 
PRO CA  HA   sing N N 205 
PRO C   O    doub N N 206 
PRO C   OXT  sing N N 207 
PRO CB  CG   sing N N 208 
PRO CB  HB2  sing N N 209 
PRO CB  HB3  sing N N 210 
PRO CG  CD   sing N N 211 
PRO CG  HG2  sing N N 212 
PRO CG  HG3  sing N N 213 
PRO CD  HD2  sing N N 214 
PRO CD  HD3  sing N N 215 
PRO OXT HXT  sing N N 216 
SER N   CA   sing N N 217 
SER N   H    sing N N 218 
SER N   H2   sing N N 219 
SER CA  C    sing N N 220 
SER CA  CB   sing N N 221 
SER CA  HA   sing N N 222 
SER C   O    doub N N 223 
SER C   OXT  sing N N 224 
SER CB  OG   sing N N 225 
SER CB  HB2  sing N N 226 
SER CB  HB3  sing N N 227 
SER OG  HG   sing N N 228 
SER OXT HXT  sing N N 229 
TRP N   CA   sing N N 230 
TRP N   H    sing N N 231 
TRP N   H2   sing N N 232 
TRP CA  C    sing N N 233 
TRP CA  CB   sing N N 234 
TRP CA  HA   sing N N 235 
TRP C   O    doub N N 236 
TRP C   OXT  sing N N 237 
TRP CB  CG   sing N N 238 
TRP CB  HB2  sing N N 239 
TRP CB  HB3  sing N N 240 
TRP CG  CD1  doub Y N 241 
TRP CG  CD2  sing Y N 242 
TRP CD1 NE1  sing Y N 243 
TRP CD1 HD1  sing N N 244 
TRP CD2 CE2  doub Y N 245 
TRP CD2 CE3  sing Y N 246 
TRP NE1 CE2  sing Y N 247 
TRP NE1 HE1  sing N N 248 
TRP CE2 CZ2  sing Y N 249 
TRP CE3 CZ3  doub Y N 250 
TRP CE3 HE3  sing N N 251 
TRP CZ2 CH2  doub Y N 252 
TRP CZ2 HZ2  sing N N 253 
TRP CZ3 CH2  sing Y N 254 
TRP CZ3 HZ3  sing N N 255 
TRP CH2 HH2  sing N N 256 
TRP OXT HXT  sing N N 257 
VAL N   CA   sing N N 258 
VAL N   H    sing N N 259 
VAL N   H2   sing N N 260 
VAL CA  C    sing N N 261 
VAL CA  CB   sing N N 262 
VAL CA  HA   sing N N 263 
VAL C   O    doub N N 264 
VAL C   OXT  sing N N 265 
VAL CB  CG1  sing N N 266 
VAL CB  CG2  sing N N 267 
VAL CB  HB   sing N N 268 
VAL CG1 HG11 sing N N 269 
VAL CG1 HG12 sing N N 270 
VAL CG1 HG13 sing N N 271 
VAL CG2 HG21 sing N N 272 
VAL CG2 HG22 sing N N 273 
VAL CG2 HG23 sing N N 274 
VAL OXT HXT  sing N N 275 
# 
_pdbx_initial_refinement_model.id               1 
_pdbx_initial_refinement_model.entity_id_list   ? 
_pdbx_initial_refinement_model.type             'experimental model' 
_pdbx_initial_refinement_model.source_name      PDB 
_pdbx_initial_refinement_model.accession_code   3LBW 
_pdbx_initial_refinement_model.details          'PDB entry 3LBW' 
# 
_atom_sites.entry_id                    4RWB 
_atom_sites.fract_transf_matrix[1][1]   -0.00773590 
_atom_sites.fract_transf_matrix[1][2]   0.00891713 
_atom_sites.fract_transf_matrix[1][3]   -0.02152820 
_atom_sites.fract_transf_matrix[2][1]   0.00399889 
_atom_sites.fract_transf_matrix[2][2]   0.02257513 
_atom_sites.fract_transf_matrix[2][3]   0.00791383 
_atom_sites.fract_transf_matrix[3][1]   0.03234167 
_atom_sites.fract_transf_matrix[3][2]   -0.00020240 
_atom_sites.fract_transf_matrix[3][3]   -0.01576501 
_atom_sites.fract_transf_vector[1]      -0.102544 
_atom_sites.fract_transf_vector[2]      0.000491 
_atom_sites.fract_transf_vector[3]      0.237827 
# 
loop_
_atom_type.symbol 
C 
H 
N 
O 
# 
loop_
_atom_site.group_PDB 
_atom_site.id 
_atom_site.type_symbol 
_atom_site.label_atom_id 
_atom_site.label_alt_id 
_atom_site.label_comp_id 
_atom_site.label_asym_id 
_atom_site.label_entity_id 
_atom_site.label_seq_id 
_atom_site.pdbx_PDB_ins_code 
_atom_site.Cartn_x 
_atom_site.Cartn_y 
_atom_site.Cartn_z 
_atom_site.occupancy 
_atom_site.B_iso_or_equiv 
_atom_site.pdbx_formal_charge 
_atom_site.auth_seq_id 
_atom_site.auth_comp_id 
_atom_site.auth_asym_id 
_atom_site.auth_atom_id 
_atom_site.pdbx_PDB_model_num 
HETATM 1   C C    . ACE A 1 1  ? -1.952  -3.771  -17.889 1.00   28.28 ? 24  ACE A C    1 
HETATM 2   O O    . ACE A 1 1  ? -1.157  -3.668  -16.963 1.00   29.52 ? 24  ACE A O    1 
HETATM 3   C CH3  . ACE A 1 1  ? -1.454  -3.888  -19.313 1.00   28.02 ? 24  ACE A CH3  1 
HETATM 4   H H1   . ACE A 1 1  ? -1.799  -3.063  -19.882 1.00   28.07 ? 24  ACE A H1   1 
HETATM 5   H H2   . ACE A 1 1  ? -0.395  -3.891  -19.312 1.00   28.09 ? 24  ACE A H2   1 
HETATM 6   H H3   . ACE A 1 1  ? -1.805  -4.791  -19.742 1.00   28.08 ? 24  ACE A H3   1 
ATOM   7   N N    . PRO A 1 2  ? -3.257  -3.786  -17.713 1.00   24.95 ? 25  PRO A N    1 
ATOM   8   C CA   . PRO A 1 2  ? -3.870  -3.681  -16.399 1.00   24.32 ? 25  PRO A CA   1 
ATOM   9   C C    . PRO A 1 2  ? -3.299  -4.636  -15.341 1.00   23.43 ? 25  PRO A C    1 
ATOM   10  O O    . PRO A 1 2  ? -3.061  -4.235  -14.217 1.00   21.88 ? 25  PRO A O    1 
ATOM   11  C CB   . PRO A 1 2  ? -5.316  -4.061  -16.666 1.00   26.72 ? 25  PRO A CB   1 
ATOM   12  C CG   . PRO A 1 2  ? -5.545  -3.712  -18.095 1.00   27.00 ? 25  PRO A CG   1 
ATOM   13  C CD   . PRO A 1 2  ? -4.241  -3.907  -18.789 1.00   25.97 ? 25  PRO A CD   1 
ATOM   14  H HA   . PRO A 1 2  ? -3.827  -2.759  -16.070 1.00   24.70 ? 25  PRO A HA   1 
ATOM   15  H HB2  . PRO A 1 2  ? -5.449  -5.011  -16.526 1.00   26.19 ? 25  PRO A HB2  1 
ATOM   16  H HB3  . PRO A 1 2  ? -5.899  -3.545  -16.089 1.00   26.29 ? 25  PRO A HB3  1 
ATOM   17  H HG2  . PRO A 1 2  ? -6.219  -4.302  -18.467 1.00   26.69 ? 25  PRO A HG2  1 
ATOM   18  H HG3  . PRO A 1 2  ? -5.829  -2.787  -18.160 1.00   26.69 ? 25  PRO A HG3  1 
ATOM   19  H HD2  . PRO A 1 2  ? -4.201  -4.789  -19.188 1.00   25.98 ? 25  PRO A HD2  1 
ATOM   20  H HD3  . PRO A 1 2  ? -4.114  -3.210  -19.453 1.00   25.98 ? 25  PRO A HD3  1 
ATOM   21  N N    . LEU A 1 3  ? -3.105  -5.900  -15.702 1.00   22.70 ? 26  LEU A N    1 
ATOM   22  C CA   . LEU A 1 3  ? -2.580  -6.862  -14.771 1.00   22.39 ? 26  LEU A CA   1 
ATOM   23  C C    . LEU A 1 3  ? -1.120  -6.545  -14.427 1.00   21.21 ? 26  LEU A C    1 
ATOM   24  O O    . LEU A 1 3  ? -0.709  -6.737  -13.287 1.00   20.62 ? 26  LEU A O    1 
ATOM   25  C CB   . LEU A 1 3  ? -2.708  -8.287  -15.314 1.00   22.64 ? 26  LEU A CB   1 
ATOM   26  C CG   . LEU A 1 3  ? -4.080  -8.960  -15.381 1.00   25.12 ? 26  LEU A CG   1 
ATOM   27  C CD1  . LEU A 1 3  ? -3.944  -10.379 -15.964 1.00   25.04 ? 26  LEU A CD1  1 
ATOM   28  C CD2  . LEU A 1 3  ? -4.705  -9.015  -13.994 1.00   26.22 ? 26  LEU A CD2  1 
ATOM   29  H H    . LEU A 1 3  ? -3.279  -6.214  -16.485 1.00   22.80 ? 26  LEU A H    1 
ATOM   30  H HA   . LEU A 1 3  ? -3.092  -6.807  -13.939 1.00   22.29 ? 26  LEU A HA   1 
ATOM   31  H HB2  . LEU A 1 3  ? -2.344  -8.297  -16.212 1.00   23.15 ? 26  LEU A HB2  1 
ATOM   32  H HB3  . LEU A 1 3  ? -2.158  -8.858  -14.755 1.00   23.14 ? 26  LEU A HB3  1 
ATOM   33  H HG   . LEU A 1 3  ? -4.664  -8.445  -15.961 1.00   24.81 ? 26  LEU A HG   1 
ATOM   34  H HD11 . LEU A 1 3  ? -3.388  -10.342 -16.744 1.00   25.04 ? 26  LEU A HD11 1 
ATOM   35  H HD12 . LEU A 1 3  ? -4.813  -10.708 -16.202 1.00   25.06 ? 26  LEU A HD12 1 
ATOM   36  H HD13 . LEU A 1 3  ? -3.544  -10.952 -15.305 1.00   25.06 ? 26  LEU A HD13 1 
ATOM   37  H HD21 . LEU A 1 3  ? -4.070  -8.717  -13.340 1.00   25.81 ? 26  LEU A HD21 1 
ATOM   38  H HD22 . LEU A 1 3  ? -4.961  -9.917  -13.793 1.00   25.85 ? 26  LEU A HD22 1 
ATOM   39  H HD23 . LEU A 1 3  ? -5.478  -8.446  -13.980 1.00   25.85 ? 26  LEU A HD23 1 
ATOM   40  N N    . VAL A 1 4  ? -0.360  -6.078  -15.419 1.00   21.88 ? 27  VAL A N    1 
ATOM   41  C CA   . VAL A 1 4  ? 1.031   -5.618  -15.236 1.00   24.22 ? 27  VAL A CA   1 
ATOM   42  C C    . VAL A 1 4  ? 1.091   -4.497  -14.224 1.00   22.46 ? 27  VAL A C    1 
ATOM   43  O O    . VAL A 1 4  ? 1.935   -4.502  -13.323 1.00   21.01 ? 27  VAL A O    1 
ATOM   44  C CB   . VAL A 1 4  ? 1.653   -5.092  -16.548 1.00   27.32 ? 27  VAL A CB   1 
ATOM   45  C CG1  . VAL A 1 4  ? 2.920   -4.260  -16.300 1.00   28.25 ? 27  VAL A CG1  1 
ATOM   46  C CG2  . VAL A 1 4  ? 1.994   -6.259  -17.410 1.00   29.65 ? 27  VAL A CG2  1 
ATOM   47  H H    . VAL A 1 4  ? -0.630  -6.017  -16.233 1.00   22.36 ? 27  VAL A H    1 
ATOM   48  H HA   . VAL A 1 4  ? 1.578   -6.361  -14.906 1.00   23.97 ? 27  VAL A HA   1 
ATOM   49  H HB   . VAL A 1 4  ? 1.011   -4.533  -17.028 1.00   27.28 ? 27  VAL A HB   1 
ATOM   50  H HG11 . VAL A 1 4  ? 2.676   -3.390  -15.974 1.00   27.93 ? 27  VAL A HG11 1 
ATOM   51  H HG12 . VAL A 1 4  ? 3.384   -4.167  -17.129 1.00   27.96 ? 27  VAL A HG12 1 
ATOM   52  H HG13 . VAL A 1 4  ? 3.479   -4.711  -15.663 1.00   27.93 ? 27  VAL A HG13 1 
ATOM   53  H HG21 . VAL A 1 4  ? 2.745   -6.724  -17.033 1.00   28.89 ? 27  VAL A HG21 1 
ATOM   54  H HG22 . VAL A 1 4  ? 2.202   -5.951  -18.294 1.00   28.89 ? 27  VAL A HG22 1 
ATOM   55  H HG23 . VAL A 1 4  ? 1.232   -6.837  -17.435 1.00   28.82 ? 27  VAL A HG23 1 
ATOM   56  N N    . VAL A 1 5  ? 0.152   -3.568  -14.357 1.00   20.30 ? 28  VAL A N    1 
ATOM   57  C CA   . VAL A 1 5  ? 0.063   -2.418  -13.458 1.00   19.81 ? 28  VAL A CA   1 
ATOM   58  C C    . VAL A 1 5  ? -0.260  -2.873  -12.056 1.00   18.47 ? 28  VAL A C    1 
ATOM   59  O O    . VAL A 1 5  ? 0.464   -2.525  -11.120 1.00   16.69 ? 28  VAL A O    1 
ATOM   60  C CB   . VAL A 1 5  ? -0.943  -1.381  -13.940 1.00   20.59 ? 28  VAL A CB   1 
ATOM   61  C CG1  . VAL A 1 5  ? -1.142  -0.289  -12.905 1.00   21.98 ? 28  VAL A CG1  1 
ATOM   62  C CG2  . VAL A 1 5  ? -0.448  -0.821  -15.266 1.00   21.15 ? 28  VAL A CG2  1 
ATOM   63  H H    . VAL A 1 5  ? -0.457  -3.584  -14.963 1.00   20.70 ? 28  VAL A H    1 
ATOM   64  H HA   . VAL A 1 5  ? 0.941   -1.982  -13.429 1.00   19.80 ? 28  VAL A HA   1 
ATOM   65  H HB   . VAL A 1 5  ? -1.808  -1.816  -14.094 1.00   20.80 ? 28  VAL A HB   1 
ATOM   66  H HG11 . VAL A 1 5  ? -1.788  -0.579  -12.257 1.00   21.52 ? 28  VAL A HG11 1 
ATOM   67  H HG12 . VAL A 1 5  ? -1.463  0.499   -13.349 1.00   21.52 ? 28  VAL A HG12 1 
ATOM   68  H HG13 . VAL A 1 5  ? -0.304  -0.098  -12.477 1.00   21.51 ? 28  VAL A HG13 1 
ATOM   69  H HG21 . VAL A 1 5  ? 0.414   -0.423  -15.132 1.00   20.98 ? 28  VAL A HG21 1 
ATOM   70  H HG22 . VAL A 1 5  ? -1.068  -0.157  -15.573 1.00   20.99 ? 28  VAL A HG22 1 
ATOM   71  H HG23 . VAL A 1 5  ? -0.383  -1.525  -15.912 1.00   21.01 ? 28  VAL A HG23 1 
ATOM   72  N N    . ALA A 1 6  ? -1.270  -3.731  -11.919 1.00   17.87 ? 29  ALA A N    1 
ATOM   73  C CA   . ALA A 1 6  ? -1.573  -4.311  -10.604 1.00   16.45 ? 29  ALA A CA   1 
ATOM   74  C C    . ALA A 1 6  ? -0.404  -5.022  -9.916  1.00   15.90 ? 29  ALA A C    1 
ATOM   75  O O    . ALA A 1 6  ? -0.155  -4.847  -8.720  1.00   14.72 ? 29  ALA A O    1 
ATOM   76  C CB   . ALA A 1 6  ? -2.754  -5.268  -10.719 1.00   18.27 ? 29  ALA A CB   1 
ATOM   77  H H    . ALA A 1 6  ? -1.785  -3.988  -12.558 1.00   17.69 ? 29  ALA A H    1 
ATOM   78  H HA   . ALA A 1 6  ? -1.853  -3.582  -10.011 1.00   16.94 ? 29  ALA A HA   1 
ATOM   79  H HB1  . ALA A 1 6  ? -3.473  -4.829  -11.178 1.00   17.80 ? 29  ALA A HB1  1 
ATOM   80  H HB2  . ALA A 1 6  ? -3.035  -5.523  -9.838  1.00   17.71 ? 29  ALA A HB2  1 
ATOM   81  H HB3  . ALA A 1 6  ? -2.478  -6.045  -11.212 1.00   17.71 ? 29  ALA A HB3  1 
ATOM   82  N N    . ALA A 1 7  ? 0.236   -5.923  -10.658 1.00   15.59 ? 30  ALA A N    1 
ATOM   83  C CA   . ALA A 1 7  ? 1.342   -6.690  -10.151 1.00   15.43 ? 30  ALA A CA   1 
ATOM   84  C C    . ALA A 1 7  ? 2.477   -5.761  -9.730  1.00   14.29 ? 30  ALA A C    1 
ATOM   85  O O    . ALA A 1 7  ? 3.136   -5.991  -8.734  1.00   13.02 ? 30  ALA A O    1 
ATOM   86  C CB   . ALA A 1 7  ? 1.842   -7.675  -11.204 1.00   15.08 ? 30  ALA A CB   1 
ATOM   87  H H    . ALA A 1 7  ? 0.031   -6.100  -11.474 1.00   15.63 ? 30  ALA A H    1 
ATOM   88  H HA   . ALA A 1 7  ? 1.051   -7.198  -9.365  1.00   15.17 ? 30  ALA A HA   1 
ATOM   89  H HB1  . ALA A 1 7  ? 1.154   -8.320  -11.380 1.00   15.19 ? 30  ALA A HB1  1 
ATOM   90  H HB2  . ALA A 1 7  ? 2.625   -8.118  -10.870 1.00   15.19 ? 30  ALA A HB2  1 
ATOM   91  H HB3  . ALA A 1 7  ? 2.055   -7.195  -12.008 1.00   15.19 ? 30  ALA A HB3  1 
ATOM   92  N N    . SER A 1 8  ? 2.715   -4.727  -10.520 1.00   14.33 ? 31  SER A N    1 
ATOM   93  C CA   . SER A 1 8  ? 3.802   -3.765  -10.233 1.00   15.06 ? 31  SER A CA   1 
ATOM   94  C C    . SER A 1 8  ? 3.506   -2.952  -8.991  1.00   15.07 ? 31  SER A C    1 
ATOM   95  O O    . SER A 1 8  ? 4.389   -2.829  -8.087  1.00   14.01 ? 31  SER A O    1 
ATOM   96  C CB   . SER A 1 8  ? 4.031   -2.854  -11.418 1.00   15.92 ? 31  SER A CB   1 
ATOM   97  O OG   . SER A 1 8  ? 4.482   -3.648  -12.477 1.00   16.67 ? 31  SER A OG   1 
ATOM   98  H H    . SER A 1 8  ? 2.271   -4.549  -11.235 1.00   14.51 ? 31  SER A H    1 
ATOM   99  H HA   . SER A 1 8  ? 4.633   -4.261  -10.076 1.00   15.06 ? 31  SER A HA   1 
ATOM   100 H HB2  . SER A 1 8  ? 3.197   -2.423  -11.666 1.00   15.88 ? 31  SER A HB2  1 
ATOM   101 H HB3  . SER A 1 8  ? 4.704   -2.193  -11.197 1.00   15.88 ? 31  SER A HB3  1 
ATOM   102 H HG   . SER A 1 8  ? 4.612   -3.179  -13.144 0.0000 16.67 ? 31  SER A HG   1 
ATOM   103 N N    . ILE A 1 9  ? 2.250   -2.510  -8.852  1.00   14.68 ? 32  ILE A N    1 
ATOM   104 C CA   . ILE A 1 9  ? 1.920   -1.711  -7.666  1.00   14.64 ? 32  ILE A CA   1 
ATOM   105 C C    . ILE A 1 9  ? 2.142   -2.600  -6.446  1.00   14.26 ? 32  ILE A C    1 
ATOM   106 O O    . ILE A 1 9  ? 2.689   -2.162  -5.431  1.00   13.86 ? 32  ILE A O    1 
ATOM   107 C CB   . ILE A 1 9  ? 0.479   -1.181  -7.701  1.00   16.04 ? 32  ILE A CB   1 
ATOM   108 C CG1  . ILE A 1 9  ? 0.353   -0.155  -8.833  1.00   15.89 ? 32  ILE A CG1  1 
ATOM   109 C CG2  . ILE A 1 9  ? 0.077   -0.537  -6.393  1.00   16.82 ? 32  ILE A CG2  1 
ATOM   110 C CD1  . ILE A 1 9  ? -1.027  0.368   -9.026  1.00   17.45 ? 32  ILE A CD1  1 
ATOM   111 H H    . ILE A 1 9  ? 1.601   -2.651  -9.398  1.00   14.78 ? 32  ILE A H    1 
ATOM   112 H HA   . ILE A 1 9  ? 2.529   -0.945  -7.608  1.00   14.83 ? 32  ILE A HA   1 
ATOM   113 H HB   . ILE A 1 9  ? -0.121  -1.921  -7.883  1.00   15.88 ? 32  ILE A HB   1 
ATOM   114 H HG12 . ILE A 1 9  ? 0.923   0.601   -8.628  1.00   16.28 ? 32  ILE A HG12 1 
ATOM   115 H HG13 . ILE A 1 9  ? 0.634   -0.556  -9.667  1.00   16.27 ? 32  ILE A HG13 1 
ATOM   116 H HG21 . ILE A 1 9  ? -0.154  -1.224  -5.763  1.00   16.56 ? 32  ILE A HG21 1 
ATOM   117 H HG22 . ILE A 1 9  ? -0.682  0.034   -6.527  1.00   16.57 ? 32  ILE A HG22 1 
ATOM   118 H HG23 . ILE A 1 9  ? 0.815   -0.022  -6.058  1.00   16.55 ? 32  ILE A HG23 1 
ATOM   119 H HD11 . ILE A 1 9  ? -1.659  -0.275  -8.692  1.00   16.94 ? 32  ILE A HD11 1 
ATOM   120 H HD12 . ILE A 1 9  ? -1.176  0.515   -9.963  1.00   16.95 ? 32  ILE A HD12 1 
ATOM   121 H HD13 . ILE A 1 9  ? -1.117  1.195   -8.547  1.00   16.95 ? 32  ILE A HD13 1 
ATOM   122 N N    . ILE A 1 10 ? 1.679   -3.838  -6.555  1.00   14.33 ? 33  ILE A N    1 
ATOM   123 C CA   . ILE A 1 10 ? 1.715   -4.741  -5.425  1.00   14.58 ? 33  ILE A CA   1 
ATOM   124 C C    . ILE A 1 10 ? 3.141   -5.101  -5.025  1.00   13.96 ? 33  ILE A C    1 
ATOM   125 O O    . ILE A 1 10 ? 3.445   -5.170  -3.837  1.00   15.89 ? 33  ILE A O    1 
ATOM   126 C CB   . ILE A 1 10 ? 0.870   -6.028  -5.688  1.00   15.52 ? 33  ILE A CB   1 
ATOM   127 C CG1  . ILE A 1 10 ? -0.627  -5.689  -5.756  1.00   16.69 ? 33  ILE A CG1  1 
ATOM   128 C CG2  . ILE A 1 10 ? 1.094   -6.990  -4.527  1.00   16.07 ? 33  ILE A CG2  1 
ATOM   129 C CD1  . ILE A 1 10 ? -1.528  -6.755  -6.293  1.00   16.68 ? 33  ILE A CD1  1 
ATOM   130 H H    . ILE A 1 10 ? 1.336   -4.178  -7.267  1.00   14.39 ? 33  ILE A H    1 
ATOM   131 H HA   . ILE A 1 10 ? 1.306   -4.288  -4.657  1.00   14.59 ? 33  ILE A HA   1 
ATOM   132 H HB   . ILE A 1 10 ? 1.153   -6.443  -6.518  1.00   15.65 ? 33  ILE A HB   1 
ATOM   133 H HG12 . ILE A 1 10 ? -0.931  -5.489  -4.857  1.00   16.40 ? 33  ILE A HG12 1 
ATOM   134 H HG13 . ILE A 1 10 ? -0.745  -4.901  -6.309  1.00   16.39 ? 33  ILE A HG13 1 
ATOM   135 H HG21 . ILE A 1 10 ? 1.954   -7.405  -4.615  1.00   15.89 ? 33  ILE A HG21 1 
ATOM   136 H HG22 . ILE A 1 10 ? 0.411   -7.666  -4.542  1.00   15.90 ? 33  ILE A HG22 1 
ATOM   137 H HG23 . ILE A 1 10 ? 1.047   -6.504  -3.700  1.00   15.88 ? 33  ILE A HG23 1 
ATOM   138 H HD11 . ILE A 1 10 ? -1.033  -7.303  -6.907  1.00   16.69 ? 33  ILE A HD11 1 
ATOM   139 H HD12 . ILE A 1 10 ? -2.267  -6.341  -6.746  1.00   16.76 ? 33  ILE A HD12 1 
ATOM   140 H HD13 . ILE A 1 10 ? -1.848  -7.289  -5.563  1.00   16.70 ? 33  ILE A HD13 1 
ATOM   141 N N    . ALA A 1 11 ? 3.990   -5.406  -6.010  1.00   14.82 ? 34  ALA A N    1 
ATOM   142 C CA   . ALA A 1 11 ? 5.434   -5.700  -5.798  1.00   15.43 ? 34  ALA A CA   1 
ATOM   143 C C    . ALA A 1 11 ? 6.150   -4.529  -5.107  1.00   15.37 ? 34  ALA A C    1 
ATOM   144 O O    . ALA A 1 11 ? 6.936   -4.702  -4.142  1.00   14.33 ? 34  ALA A O    1 
ATOM   145 C CB   . ALA A 1 11 ? 6.134   -6.037  -7.126  1.00   15.18 ? 34  ALA A CB   1 
ATOM   146 H H    . ALA A 1 11 ? 3.755   -5.455  -6.836  1.00   14.75 ? 34  ALA A H    1 
ATOM   147 H HA   . ALA A 1 11 ? 5.512   -6.483  -5.212  1.00   15.25 ? 34  ALA A HA   1 
ATOM   148 H HB1  . ALA A 1 11 ? 5.668   -6.765  -7.542  1.00   15.25 ? 34  ALA A HB1  1 
ATOM   149 H HB2  . ALA A 1 11 ? 7.043   -6.289  -6.946  1.00   15.25 ? 34  ALA A HB2  1 
ATOM   150 H HB3  . ALA A 1 11 ? 6.114   -5.265  -7.695  1.00   15.25 ? 34  ALA A HB3  1 
ATOM   151 N N    . ILE A 1 12 ? 5.846   -3.336  -5.581  1.00   14.30 ? 35  ILE A N    1 
ATOM   152 C CA   . ILE A 1 12 ? 6.415   -2.119  -4.978  1.00   14.60 ? 35  ILE A CA   1 
ATOM   153 C C    . ILE A 1 12 ? 5.977   -1.869  -3.532  1.00   14.51 ? 35  ILE A C    1 
ATOM   154 O O    . ILE A 1 12 ? 6.823   -1.460  -2.702  1.00   13.88 ? 35  ILE A O    1 
ATOM   155 C CB   . ILE A 1 12 ? 6.188   -0.898  -5.879  1.00   14.09 ? 35  ILE A CB   1 
ATOM   156 C CG1  . ILE A 1 12 ? 7.071   -1.042  -7.096  1.00   14.40 ? 35  ILE A CG1  1 
ATOM   157 C CG2  . ILE A 1 12 ? 6.589   0.377   -5.144  1.00   14.47 ? 35  ILE A CG2  1 
ATOM   158 C CD1  . ILE A 1 12 ? 6.684   -0.145  -8.278  1.00   15.30 ? 35  ILE A CD1  1 
ATOM   159 H H    . ILE A 1 12 ? 5.322   -3.191  -6.247  1.00   14.62 ? 35  ILE A H    1 
ATOM   160 H HA   . ILE A 1 12 ? 7.386   -2.246  -4.942  1.00   14.43 ? 35  ILE A HA   1 
ATOM   161 H HB   . ILE A 1 12 ? 5.256   -0.848  -6.145  1.00   14.32 ? 35  ILE A HB   1 
ATOM   162 H HG12 . ILE A 1 12 ? 7.983   -0.823  -6.848  1.00   14.53 ? 35  ILE A HG12 1 
ATOM   163 H HG13 . ILE A 1 12 ? 7.033   -1.959  -7.409  1.00   14.53 ? 35  ILE A HG13 1 
ATOM   164 H HG21 . ILE A 1 12 ? 5.897   0.617   -4.523  1.00   14.35 ? 35  ILE A HG21 1 
ATOM   165 H HG22 . ILE A 1 12 ? 6.700   1.084   -5.782  1.00   14.35 ? 35  ILE A HG22 1 
ATOM   166 H HG23 . ILE A 1 12 ? 7.417   0.230   -4.680  1.00   14.35 ? 35  ILE A HG23 1 
ATOM   167 H HD11 . ILE A 1 12 ? 5.727   -0.089  -8.329  1.00   15.02 ? 35  ILE A HD11 1 
ATOM   168 H HD12 . ILE A 1 12 ? 7.032   -0.528  -9.087  1.00   15.02 ? 35  ILE A HD12 1 
ATOM   169 H HD13 . ILE A 1 12 ? 7.056   0.729   -8.143  1.00   15.02 ? 35  ILE A HD13 1 
ATOM   170 N N    . LEU A 1 13 ? 4.692   -2.115  -3.226  1.00   15.16 ? 36  LEU A N    1 
ATOM   171 C CA   A LEU A 1 13 ? 4.191   -2.002  -1.873  0.50   15.21 ? 36  LEU A CA   1 
ATOM   172 C CA   B LEU A 1 13 ? 4.211   -1.994  -1.867  0.50   16.28 ? 36  LEU A CA   1 
ATOM   173 C C    . LEU A 1 13 ? 4.895   -3.012  -0.959  1.00   16.31 ? 36  LEU A C    1 
ATOM   174 O O    . LEU A 1 13 ? 5.206   -2.701  0.177   1.00   16.50 ? 36  LEU A O    1 
ATOM   175 C CB   A LEU A 1 13 ? 2.687   -2.263  -1.819  0.50   15.01 ? 36  LEU A CB   1 
ATOM   176 C CB   B LEU A 1 13 ? 2.708   -2.207  -1.778  0.50   17.54 ? 36  LEU A CB   1 
ATOM   177 C CG   A LEU A 1 13 ? 1.688   -1.204  -2.294  0.50   14.09 ? 36  LEU A CG   1 
ATOM   178 C CG   B LEU A 1 13 ? 2.178   -2.027  -0.349  0.50   18.00 ? 36  LEU A CG   1 
ATOM   179 C CD1  A LEU A 1 13 ? 0.296   -1.778  -2.098  0.50   13.95 ? 36  LEU A CD1  1 
ATOM   180 C CD1  B LEU A 1 13 ? 2.467   -0.610  0.118   0.50   18.37 ? 36  LEU A CD1  1 
ATOM   181 C CD2  A LEU A 1 13 ? 1.816   0.121   -1.579  0.50   13.73 ? 36  LEU A CD2  1 
ATOM   182 C CD2  B LEU A 1 13 ? 0.682   -2.327  -0.305  0.50   19.14 ? 36  LEU A CD2  1 
ATOM   183 H H    . LEU A 1 13 ? 4.097   -2.351  -3.802  1.00   15.25 ? 36  LEU A H    1 
ATOM   184 H HA   A LEU A 1 13 ? 4.363   -1.098  -1.533  0.50   15.37 ? 36  LEU A HA   1 
ATOM   185 H HA   B LEU A 1 13 ? 4.414   -1.096  -1.531  0.50   16.28 ? 36  LEU A HA   1 
ATOM   186 H HB2  A LEU A 1 13 ? 2.509   -3.061  -2.340  0.50   14.84 ? 36  LEU A HB2  1 
ATOM   187 H HB2  B LEU A 1 13 ? 2.262   -1.563  -2.349  0.50   17.34 ? 36  LEU A HB2  1 
ATOM   188 H HB3  A LEU A 1 13 ? 2.458   -2.445  -0.894  0.50   14.84 ? 36  LEU A HB3  1 
ATOM   189 H HB3  B LEU A 1 13 ? 2.497   -3.109  -2.066  0.50   17.34 ? 36  LEU A HB3  1 
ATOM   190 H HG   A LEU A 1 13 ? 1.817   -1.045  -3.241  0.50   14.16 ? 36  LEU A HG   1 
ATOM   191 H HG   B LEU A 1 13 ? 2.616   -2.645  0.254   0.50   18.18 ? 36  LEU A HG   1 
ATOM   192 H HD11 A LEU A 1 13 ? 0.215   -2.585  -2.613  0.50   13.99 ? 36  LEU A HD11 1 
ATOM   193 H HD11 B LEU A 1 13 ? 3.372   -0.566  0.436   0.50   18.29 ? 36  LEU A HD11 1 
ATOM   194 H HD12 A LEU A 1 13 ? -0.352  -1.134  -2.395  0.50   13.99 ? 36  LEU A HD12 1 
ATOM   195 H HD12 B LEU A 1 13 ? 1.859   -0.385  0.826   0.50   18.41 ? 36  LEU A HD12 1 
ATOM   196 H HD13 A LEU A 1 13 ? 0.165   -1.969  -1.167  0.50   13.99 ? 36  LEU A HD13 1 
ATOM   197 H HD13 B LEU A 1 13 ? 2.348   -0.008  -0.619  0.50   18.29 ? 36  LEU A HD13 1 
ATOM   198 H HD21 A LEU A 1 13 ? 1.662   -0.015  -0.641  0.50   13.84 ? 36  LEU A HD21 1 
ATOM   199 H HD21 B LEU A 1 13 ? 0.302   -2.150  -1.170  0.50   18.81 ? 36  LEU A HD21 1 
ATOM   200 H HD22 A LEU A 1 13 ? 1.163   0.730   -1.932  0.50   13.84 ? 36  LEU A HD22 1 
ATOM   201 H HD22 B LEU A 1 13 ? 0.271   -1.765  0.354   0.50   18.85 ? 36  LEU A HD22 1 
ATOM   202 H HD23 A LEU A 1 13 ? 2.699   0.468   -1.720  0.50   13.84 ? 36  LEU A HD23 1 
ATOM   203 H HD23 B LEU A 1 13 ? 0.557   -3.251  -0.075  0.50   18.85 ? 36  LEU A HD23 1 
ATOM   204 N N    . HIS A 1 14 ? 5.121   -4.216  -1.469  1.00   16.96 ? 37  HIS A N    1 
ATOM   205 C CA   . HIS A 1 14 ? 5.870   -5.217  -0.733  1.00   18.39 ? 37  HIS A CA   1 
ATOM   206 C C    . HIS A 1 14 ? 7.269   -4.711  -0.419  1.00   17.88 ? 37  HIS A C    1 
ATOM   207 O O    . HIS A 1 14 ? 7.772   -4.809  0.713   1.00   16.41 ? 37  HIS A O    1 
ATOM   208 C CB   . HIS A 1 14 ? 5.945   -6.524  -1.509  1.00   19.50 ? 37  HIS A CB   1 
ATOM   209 C CG   . HIS A 1 14 ? 6.961   -7.451  -0.960  1.00   21.70 ? 37  HIS A CG   1 
ATOM   210 N ND1  . HIS A 1 14 ? 6.715   -8.237  0.138   1.00   23.94 ? 37  HIS A ND1  1 
ATOM   211 C CD2  . HIS A 1 14 ? 8.257   -7.648  -1.286  1.00   23.77 ? 37  HIS A CD2  1 
ATOM   212 C CE1  . HIS A 1 14 ? 7.807   -8.910  0.448   1.00   24.08 ? 37  HIS A CE1  1 
ATOM   213 N NE2  . HIS A 1 14 ? 8.764   -8.551  -0.382  1.00   24.61 ? 37  HIS A NE2  1 
ATOM   214 H H    . HIS A 1 14 ? 4.844   -4.478  -2.240  1.00   17.12 ? 37  HIS A H    1 
ATOM   215 H HA   . HIS A 1 14 ? 5.414   -5.395  0.115   1.00   18.20 ? 37  HIS A HA   1 
ATOM   216 H HB2  . HIS A 1 14 ? 5.085   -6.963  -1.473  1.00   19.71 ? 37  HIS A HB2  1 
ATOM   217 H HB3  . HIS A 1 14 ? 6.183   -6.340  -2.429  1.00   19.68 ? 37  HIS A HB3  1 
ATOM   218 H HD1  . HIS A 1 14 ? 5.963   -8.289  0.552   1.00   23.42 ? 37  HIS A HD1  1 
ATOM   219 H HD2  . HIS A 1 14 ? 8.724   -7.233  -1.976  1.00   23.44 ? 37  HIS A HD2  1 
ATOM   220 H HE1  . HIS A 1 14 ? 7.888   -9.523  1.141   1.00   24.15 ? 37  HIS A HE1  1 
ATOM   221 H HE2  . HIS A 1 14 ? 9.555   -8.876  -0.400  1.00   24.27 ? 37  HIS A HE2  1 
ATOM   222 N N    . LEU A 1 15 ? 7.912   -4.165  -1.427  1.00   17.46 ? 38  LEU A N    1 
ATOM   223 C CA   . LEU A 1 15 ? 9.259   -3.597  -1.258  1.00   17.16 ? 38  LEU A CA   1 
ATOM   224 C C    . LEU A 1 15 ? 9.305   -2.505  -0.157  1.00   16.14 ? 38  LEU A C    1 
ATOM   225 O O    . LEU A 1 15 ? 10.164  -2.554  0.807   1.00   14.72 ? 38  LEU A O    1 
ATOM   226 C CB   . LEU A 1 15 ? 9.766   -3.074  -2.602  1.00   17.24 ? 38  LEU A CB   1 
ATOM   227 C CG   . LEU A 1 15 ? 11.110  -2.344  -2.716  1.00   19.39 ? 38  LEU A CG   1 
ATOM   228 C CD1  . LEU A 1 15 ? 12.277  -3.233  -2.287  1.00   20.96 ? 38  LEU A CD1  1 
ATOM   229 C CD2  . LEU A 1 15 ? 11.270  -1.926  -4.159  1.00   19.86 ? 38  LEU A CD2  1 
ATOM   230 H H    . LEU A 1 15 ? 7.604   -4.111  -2.228  1.00   17.49 ? 38  LEU A H    1 
ATOM   231 H HA   . LEU A 1 15 ? 9.863   -4.316  -0.978  1.00   17.03 ? 38  LEU A HA   1 
ATOM   232 H HB2  . LEU A 1 15 ? 9.818   -3.835  -3.202  1.00   17.73 ? 38  LEU A HB2  1 
ATOM   233 H HB3  . LEU A 1 15 ? 9.098   -2.461  -2.941  1.00   17.71 ? 38  LEU A HB3  1 
ATOM   234 H HG   . LEU A 1 15 ? 11.104  -1.548  -2.162  1.00   19.32 ? 38  LEU A HG   1 
ATOM   235 H HD11 . LEU A 1 15 ? 12.437  -3.107  -1.350  1.00   20.45 ? 38  LEU A HD11 1 
ATOM   236 H HD12 . LEU A 1 15 ? 13.057  -2.986  -2.789  1.00   20.45 ? 38  LEU A HD12 1 
ATOM   237 H HD13 . LEU A 1 15 ? 12.056  -4.151  -2.462  1.00   20.43 ? 38  LEU A HD13 1 
ATOM   238 H HD21 . LEU A 1 15 ? 11.293  -2.711  -4.711  1.00   19.70 ? 38  LEU A HD21 1 
ATOM   239 H HD22 . LEU A 1 15 ? 12.090  -1.435  -4.254  1.00   19.71 ? 38  LEU A HD22 1 
ATOM   240 H HD23 . LEU A 1 15 ? 10.529  -1.371  -4.410  1.00   19.69 ? 38  LEU A HD23 1 
ATOM   241 N N    . ILE A 1 16 ? 8.390   -1.551  -0.282  1.00   13.77 ? 39  ILE A N    1 
ATOM   242 C CA   . ILE A 1 16 ? 8.245   -0.459  0.687   1.00   14.57 ? 39  ILE A CA   1 
ATOM   243 C C    . ILE A 1 16 ? 8.018   -1.036  2.107   1.00   15.87 ? 39  ILE A C    1 
ATOM   244 O O    . ILE A 1 16 ? 8.734   -0.638  3.040   1.00   15.40 ? 39  ILE A O    1 
ATOM   245 C CB   . ILE A 1 16 ? 7.152   0.540   0.286   1.00   14.75 ? 39  ILE A CB   1 
ATOM   246 C CG1  . ILE A 1 16 ? 7.523   1.279   -1.016  1.00   14.42 ? 39  ILE A CG1  1 
ATOM   247 C CG2  . ILE A 1 16 ? 6.901   1.531   1.403   1.00   16.52 ? 39  ILE A CG2  1 
ATOM   248 C CD1  . ILE A 1 16 ? 6.310   1.863   -1.751  1.00   14.41 ? 39  ILE A CD1  1 
ATOM   249 H H    . ILE A 1 16 ? 7.825   -1.516  -0.929  1.00   14.51 ? 39  ILE A H    1 
ATOM   250 H HA   . ILE A 1 16 ? 9.090   0.038   0.712   1.00   14.69 ? 39  ILE A HA   1 
ATOM   251 H HB   . ILE A 1 16 ? 6.332   0.044   0.130   1.00   14.97 ? 39  ILE A HB   1 
ATOM   252 H HG12 . ILE A 1 16 ? 8.117   2.013   -0.799  1.00   14.50 ? 39  ILE A HG12 1 
ATOM   253 H HG13 . ILE A 1 16 ? 7.970   0.668   -1.621  1.00   14.49 ? 39  ILE A HG13 1 
ATOM   254 H HG21 . ILE A 1 16 ? 6.298   1.142   2.040   1.00   15.95 ? 39  ILE A HG21 1 
ATOM   255 H HG22 . ILE A 1 16 ? 6.510   2.328   1.038   1.00   15.93 ? 39  ILE A HG22 1 
ATOM   256 H HG23 . ILE A 1 16 ? 7.735   1.748   1.827   1.00   15.94 ? 39  ILE A HG23 1 
ATOM   257 H HD11 . ILE A 1 16 ? 5.870   1.157   -2.232  1.00   14.42 ? 39  ILE A HD11 1 
ATOM   258 H HD12 . ILE A 1 16 ? 6.612   2.537   -2.363  1.00   14.42 ? 39  ILE A HD12 1 
ATOM   259 H HD13 . ILE A 1 16 ? 5.707   2.246   -1.112  1.00   14.43 ? 39  ILE A HD13 1 
ATOM   260 N N    . LEU A 1 17 ? 7.061   -1.946  2.267   1.00   15.59 ? 40  LEU A N    1 
ATOM   261 C CA   . LEU A 1 17 ? 6.735   -2.451  3.587   1.00   18.52 ? 40  LEU A CA   1 
ATOM   262 C C    . LEU A 1 17 ? 7.913   -3.284  4.166   1.00   17.38 ? 40  LEU A C    1 
ATOM   263 O O    . LEU A 1 17 ? 8.221   -3.190  5.339   1.00   21.55 ? 40  LEU A O    1 
ATOM   264 C CB   . LEU A 1 17 ? 5.415   -3.243  3.560   1.00   20.41 ? 40  LEU A CB   1 
ATOM   265 C CG   . LEU A 1 17 ? 4.127   -2.475  3.228   1.00   21.41 ? 40  LEU A CG   1 
ATOM   266 C CD1  . LEU A 1 17 ? 2.891   -3.354  3.121   1.00   22.94 ? 40  LEU A CD1  1 
ATOM   267 C CD2  . LEU A 1 17 ? 3.912   -1.428  4.269   1.00   23.17 ? 40  LEU A CD2  1 
ATOM   268 H H    . LEU A 1 17 ? 6.593   -2.280  1.627   1.00   16.32 ? 40  LEU A H    1 
ATOM   269 H HA   . LEU A 1 17 ? 6.608   -1.688  4.189   1.00   18.05 ? 40  LEU A HA   1 
ATOM   270 H HB2  . LEU A 1 17 ? 5.503   -3.946  2.898   1.00   20.16 ? 40  LEU A HB2  1 
ATOM   271 H HB3  . LEU A 1 17 ? 5.291   -3.646  4.433   1.00   20.18 ? 40  LEU A HB3  1 
ATOM   272 H HG   . LEU A 1 17 ? 4.239   -2.021  2.381   1.00   21.80 ? 40  LEU A HG   1 
ATOM   273 H HD11 . LEU A 1 17 ? 3.078   -4.083  2.524   1.00   22.46 ? 40  LEU A HD11 1 
ATOM   274 H HD12 . LEU A 1 17 ? 2.163   -2.829  2.780   1.00   22.46 ? 40  LEU A HD12 1 
ATOM   275 H HD13 . LEU A 1 17 ? 2.672   -3.692  3.992   1.00   22.46 ? 40  LEU A HD13 1 
ATOM   276 H HD21 . LEU A 1 17 ? 4.053   -1.808  5.139   1.00   22.62 ? 40  LEU A HD21 1 
ATOM   277 H HD22 . LEU A 1 17 ? 3.013   -1.098  4.200   1.00   22.63 ? 40  LEU A HD22 1 
ATOM   278 H HD23 . LEU A 1 17 ? 4.531   -0.710  4.121   1.00   22.72 ? 40  LEU A HD23 1 
ATOM   279 N N    . TRP A 1 18 ? 8.576   -4.094  3.336   1.00   18.88 ? 41  TRP A N    1 
ATOM   280 C CA   . TRP A 1 18 ? 9.772   -4.852  3.737   1.00   20.56 ? 41  TRP A CA   1 
ATOM   281 C C    . TRP A 1 18 ? 10.914  -3.940  4.174   1.00   21.14 ? 41  TRP A C    1 
ATOM   282 O O    . TRP A 1 18 ? 11.522  -4.171  5.225   1.00   20.35 ? 41  TRP A O    1 
ATOM   283 C CB   . TRP A 1 18 ? 10.269  -5.753  2.602   1.00   22.20 ? 41  TRP A CB   1 
ATOM   284 C CG   . TRP A 1 18 ? 11.374  -6.690  3.058   1.00   24.00 ? 41  TRP A CG   1 
ATOM   285 C CD1  . TRP A 1 18 ? 11.198  -7.926  3.581   1.00   24.54 ? 41  TRP A CD1  1 
ATOM   286 C CD2  . TRP A 1 18 ? 12.784  -6.484  2.976   1.00   23.52 ? 41  TRP A CD2  1 
ATOM   287 N NE1  . TRP A 1 18 ? 12.402  -8.514  3.831   1.00   28.95 ? 41  TRP A NE1  1 
ATOM   288 C CE2  . TRP A 1 18 ? 13.404  -7.648  3.485   1.00   26.54 ? 41  TRP A CE2  1 
ATOM   289 C CE3  . TRP A 1 18 ? 13.593  -5.442  2.513   1.00   23.32 ? 41  TRP A CE3  1 
ATOM   290 C CZ2  . TRP A 1 18 ? 14.807  -7.791  3.561   1.00   24.72 ? 41  TRP A CZ2  1 
ATOM   291 C CZ3  . TRP A 1 18 ? 14.989  -5.571  2.596   1.00   23.13 ? 41  TRP A CZ3  1 
ATOM   292 C CH2  . TRP A 1 18 ? 15.580  -6.737  3.120   1.00   23.44 ? 41  TRP A CH2  1 
ATOM   293 H H    . TRP A 1 18 ? 8.346   -4.227  2.519   1.00   18.91 ? 41  TRP A H    1 
ATOM   294 H HA   . TRP A 1 18 ? 9.540   -5.427  4.496   1.00   20.64 ? 41  TRP A HA   1 
ATOM   295 H HB2  . TRP A 1 18 ? 9.531   -6.293  2.279   1.00   22.19 ? 41  TRP A HB2  1 
ATOM   296 H HB3  . TRP A 1 18 ? 10.618  -5.200  1.885   1.00   22.20 ? 41  TRP A HB3  1 
ATOM   297 H HD1  . TRP A 1 18 ? 10.371  -8.324  3.737   1.00   25.37 ? 41  TRP A HD1  1 
ATOM   298 H HE1  . TRP A 1 18 ? 12.514  -9.289  4.187   1.00   27.21 ? 41  TRP A HE1  1 
ATOM   299 H HE3  . TRP A 1 18 ? 13.212  -4.663  2.178   1.00   23.33 ? 41  TRP A HE3  1 
ATOM   300 H HZ2  . TRP A 1 18 ? 15.195  -8.563  3.906   1.00   24.83 ? 41  TRP A HZ2  1 
ATOM   301 H HZ3  . TRP A 1 18 ? 15.532  -4.876  2.302   1.00   23.26 ? 41  TRP A HZ3  1 
ATOM   302 H HH2  . TRP A 1 18 ? 16.506  -6.804  3.155   1.00   23.68 ? 41  TRP A HH2  1 
ATOM   303 N N    . ILE A 1 19 ? 11.206  -2.885  3.401   1.00   18.23 ? 42  ILE A N    1 
ATOM   304 C CA   . ILE A 1 19 ? 12.213  -1.890  3.808   1.00   18.95 ? 42  ILE A CA   1 
ATOM   305 C C    . ILE A 1 19 ? 11.850  -1.225  5.153   1.00   21.99 ? 42  ILE A C    1 
ATOM   306 O O    . ILE A 1 19 ? 12.691  -1.204  6.096   1.00   20.21 ? 42  ILE A O    1 
ATOM   307 C CB   . ILE A 1 19 ? 12.459  -0.831  2.719   1.00   18.77 ? 42  ILE A CB   1 
ATOM   308 C CG1  . ILE A 1 19 ? 13.177  -1.473  1.530   1.00   18.95 ? 42  ILE A CG1  1 
ATOM   309 C CG2  . ILE A 1 19 ? 13.325  0.303   3.252   1.00   18.36 ? 42  ILE A CG2  1 
ATOM   310 C CD1  . ILE A 1 19 ? 13.345  -0.558  0.321   1.00   20.05 ? 42  ILE A CD1  1 
ATOM   311 H H    . ILE A 1 19 ? 10.835  -2.725  2.642   1.00   19.05 ? 42  ILE A H    1 
ATOM   312 H HA   . ILE A 1 19 ? 13.062  -2.360  3.944   1.00   19.32 ? 42  ILE A HA   1 
ATOM   313 H HB   . ILE A 1 19 ? 11.607  -0.472  2.423   1.00   18.76 ? 42  ILE A HB   1 
ATOM   314 H HG12 . ILE A 1 19 ? 14.064  -1.742  1.816   1.00   19.15 ? 42  ILE A HG12 1 
ATOM   315 H HG13 . ILE A 1 19 ? 12.680  -2.254  1.241   1.00   19.13 ? 42  ILE A HG13 1 
ATOM   316 H HG21 . ILE A 1 19 ? 12.831  0.805   3.904   1.00   18.50 ? 42  ILE A HG21 1 
ATOM   317 H HG22 . ILE A 1 19 ? 13.561  0.879   2.527   1.00   18.50 ? 42  ILE A HG22 1 
ATOM   318 H HG23 . ILE A 1 19 ? 14.115  -0.067  3.650   1.00   18.49 ? 42  ILE A HG23 1 
ATOM   319 H HD11 . ILE A 1 19 ? 12.565  -0.005  0.237   1.00   19.70 ? 42  ILE A HD11 1 
ATOM   320 H HD12 . ILE A 1 19 ? 13.444  -1.102  -0.464  1.00   19.70 ? 42  ILE A HD12 1 
ATOM   321 H HD13 . ILE A 1 19 ? 14.126  -0.014  0.444   1.00   19.69 ? 42  ILE A HD13 1 
ATOM   322 N N    . LEU A 1 20 ? 10.603  -0.770  5.292   1.00   20.39 ? 43  LEU A N    1 
ATOM   323 C CA   . LEU A 1 20 ? 10.190  -0.102  6.529   1.00   22.16 ? 43  LEU A CA   1 
ATOM   324 C C    . LEU A 1 20 ? 10.329  -1.049  7.705   1.00   23.21 ? 43  LEU A C    1 
ATOM   325 O O    . LEU A 1 20 ? 10.766  -0.638  8.769   1.00   23.59 ? 43  LEU A O    1 
ATOM   326 C CB   . LEU A 1 20 ? 8.755   0.381   6.472   1.00   22.84 ? 43  LEU A CB   1 
ATOM   327 C CG   . LEU A 1 20 ? 8.563   1.626   5.625   1.00   24.56 ? 43  LEU A CG   1 
ATOM   328 C CD1  . LEU A 1 20 ? 7.080   1.821   5.409   1.00   26.56 ? 43  LEU A CD1  1 
ATOM   329 C CD2  . LEU A 1 20 ? 9.192   2.850   6.276   1.00   25.47 ? 43  LEU A CD2  1 
ATOM   330 H H    . LEU A 1 20 ? 9.989   -0.835  4.693   1.00   21.17 ? 43  LEU A H    1 
ATOM   331 H HA   . LEU A 1 20 ? 10.775  0.667   6.689   1.00   22.16 ? 43  LEU A HA   1 
ATOM   332 H HB2  . LEU A 1 20 ? 8.205   -0.326  6.100   1.00   23.09 ? 43  LEU A HB2  1 
ATOM   333 H HB3  . LEU A 1 20 ? 8.454   0.587   7.372   1.00   23.08 ? 43  LEU A HB3  1 
ATOM   334 H HG   . LEU A 1 20 ? 8.981   1.492   4.760   1.00   24.76 ? 43  LEU A HG   1 
ATOM   335 H HD11 . LEU A 1 20 ? 6.734   1.074   4.917   1.00   25.91 ? 43  LEU A HD11 1 
ATOM   336 H HD12 . LEU A 1 20 ? 6.940   2.632   4.914   1.00   25.92 ? 43  LEU A HD12 1 
ATOM   337 H HD13 . LEU A 1 20 ? 6.646   1.881   6.263   1.00   25.91 ? 43  LEU A HD13 1 
ATOM   338 H HD21 . LEU A 1 20 ? 8.998   2.843   7.215   1.00   25.16 ? 43  LEU A HD21 1 
ATOM   339 H HD22 . LEU A 1 20 ? 8.828   3.641   5.874   1.00   25.19 ? 43  LEU A HD22 1 
ATOM   340 H HD23 . LEU A 1 20 ? 10.142  2.825   6.136   1.00   25.17 ? 43  LEU A HD23 1 
ATOM   341 N N    . ASP A 1 21 ? 9.968   -2.312  7.509   1.00   24.20 ? 44  ASP A N    1 
ATOM   342 C CA   . ASP A 1 21 ? 10.159  -3.315  8.574   1.00   25.66 ? 44  ASP A CA   1 
ATOM   343 C C    . ASP A 1 21 ? 11.649  -3.497  8.944   1.00   28.20 ? 44  ASP A C    1 
ATOM   344 O O    . ASP A 1 21 ? 11.987  -3.599  10.131  1.00   26.96 ? 44  ASP A O    1 
ATOM   345 C CB   . ASP A 1 21 ? 9.508   -4.645  8.203   1.00   25.37 ? 44  ASP A CB   1 
ATOM   346 C CG   . ASP A 1 21 ? 9.570   -5.671  9.355   1.00   28.34 ? 44  ASP A CG   1 
ATOM   347 O OD1  . ASP A 1 21 ? 8.793   -5.570  10.321  1.00   29.75 ? 44  ASP A OD1  1 
ATOM   348 O OD2  . ASP A 1 21 ? 10.396  -6.580  9.259   1.00   27.15 ? 44  ASP A OD2  1 
ATOM   349 H H    . ASP A 1 21 ? 9.613   -2.618  6.788   1.00   24.27 ? 44  ASP A H    1 
ATOM   350 H HA   . ASP A 1 21 ? 9.703   -2.992  9.379   1.00   25.76 ? 44  ASP A HA   1 
ATOM   351 H HB2  . ASP A 1 21 ? 8.574   -4.492  7.987   1.00   26.11 ? 44  ASP A HB2  1 
ATOM   352 H HB3  . ASP A 1 21 ? 9.968   -5.021  7.437   1.00   26.11 ? 44  ASP A HB3  1 
ATOM   353 N N    . ARG A 1 22 ? 12.537  -3.528  7.952   1.00   26.72 ? 45  ARG A N    1 
ATOM   354 C CA   . ARG A 1 22 ? 13.957  -3.590  8.223   1.00   27.77 ? 45  ARG A CA   1 
ATOM   355 C C    . ARG A 1 22 ? 14.476  -2.383  8.998   1.00   30.51 ? 45  ARG A C    1 
ATOM   356 O O    . ARG A 1 22 ? 15.316  -2.530  9.884   1.00   33.77 ? 45  ARG A O    1 
ATOM   357 C CB   . ARG A 1 22 ? 14.751  -3.753  6.941   1.00   27.73 ? 45  ARG A CB   1 
ATOM   358 C CG   . ARG A 1 22 ? 14.537  -5.074  6.215   1.00   28.61 ? 45  ARG A CG   1 
ATOM   359 C CD   . ARG A 1 22 ? 14.990  -6.287  7.004   1.00   28.30 ? 45  ARG A CD   1 
ATOM   360 N NE   . ARG A 1 22 ? 13.942  -6.677  7.923   1.00   29.74 ? 45  ARG A NE   1 
ATOM   361 C CZ   . ARG A 1 22 ? 14.157  -7.319  9.079   1.00   32.64 ? 45  ARG A CZ   1 
ATOM   362 N NH1  . ARG A 1 22 ? 15.393  -7.667  9.445   1.00   32.26 ? 45  ARG A NH1  1 
ATOM   363 N NH2  . ARG A 1 22 ? 13.130  -7.613  9.875   1.00   30.24 ? 45  ARG A NH2  1 
ATOM   364 H H    . ARG A 1 22 ? 12.332  -3.513  7.117   1.00   27.31 ? 45  ARG A H    1 
ATOM   365 H HA   . ARG A 1 22 ? 14.131  -4.373  8.784   1.00   28.08 ? 45  ARG A HA   1 
ATOM   366 H HB2  . ARG A 1 22 ? 14.501  -3.044  6.331   1.00   27.90 ? 45  ARG A HB2  1 
ATOM   367 H HB3  . ARG A 1 22 ? 15.696  -3.685  7.150   1.00   27.95 ? 45  ARG A HB3  1 
ATOM   368 H HG2  . ARG A 1 22 ? 13.596  -5.180  6.017   1.00   28.29 ? 45  ARG A HG2  1 
ATOM   369 H HG3  . ARG A 1 22 ? 15.044  -5.056  5.390   1.00   28.27 ? 45  ARG A HG3  1 
ATOM   370 H HD2  . ARG A 1 22 ? 15.166  -7.025  6.400   1.00   28.71 ? 45  ARG A HD2  1 
ATOM   371 H HD3  . ARG A 1 22 ? 15.790  -6.050  7.500   1.00   28.74 ? 45  ARG A HD3  1 
ATOM   372 H HE   . ARG A 1 22 ? 13.034  -6.679  7.582   1.00   30.04 ? 45  ARG A HE   1 
ATOM   373 H HH11 . ARG A 1 22 ? 16.070  -7.484  8.952   1.00   32.29 ? 45  ARG A HH11 1 
ATOM   374 H HH12 . ARG A 1 22 ? 15.515  -8.083  10.188  1.00   32.32 ? 45  ARG A HH12 1 
ATOM   375 H HH21 . ARG A 1 22 ? 12.329  -7.397  9.645   1.00   30.97 ? 45  ARG A HH21 1 
ATOM   376 H HH22 . ARG A 1 22 ? 13.261  -8.035  10.613  1.00   30.98 ? 45  ARG A HH22 1 
ATOM   377 N N    . LEU A 1 23 ? 13.976  -1.194  8.693   1.00   28.50 ? 46  LEU A N    1 
ATOM   378 C CA   . LEU A 1 23 ? 14.357  0.029   9.418   1.00   29.25 ? 46  LEU A CA   1 
ATOM   379 C C    . LEU A 1 23 ? 13.838  0.032   10.858  1.00   28.94 ? 46  LEU A C    1 
ATOM   380 O O    . LEU A 1 23 ? 14.434  0.652   11.724  1.00   33.20 ? 46  LEU A O    1 
ATOM   381 C CB   . LEU A 1 23 ? 13.816  1.273   8.701   1.00   28.36 ? 46  LEU A CB   1 
ATOM   382 C CG   . LEU A 1 23 ? 14.348  1.532   7.295   1.00   27.80 ? 46  LEU A CG   1 
ATOM   383 C CD1  . LEU A 1 23 ? 13.562  2.633   6.616   1.00   27.48 ? 46  LEU A CD1  1 
ATOM   384 C CD2  . LEU A 1 23 ? 15.817  1.887   7.347   1.00   28.12 ? 46  LEU A CD2  1 
ATOM   385 H H    . LEU A 1 23 ? 13.407  -1.061  8.062   1.00   29.10 ? 46  LEU A H    1 
ATOM   386 H HA   . LEU A 1 23 ? 15.333  0.093   9.452   1.00   28.89 ? 46  LEU A HA   1 
ATOM   387 H HB2  . LEU A 1 23 ? 12.851  1.187   8.632   1.00   28.43 ? 46  LEU A HB2  1 
ATOM   388 H HB3  . LEU A 1 23 ? 14.029  2.051   9.238   1.00   28.43 ? 46  LEU A HB3  1 
ATOM   389 H HG   . LEU A 1 23 ? 14.256  0.727   6.764   1.00   27.87 ? 46  LEU A HG   1 
ATOM   390 H HD11 . LEU A 1 23 ? 12.655  2.341   6.498   1.00   27.58 ? 46  LEU A HD11 1 
ATOM   391 H HD12 . LEU A 1 23 ? 13.958  2.823   5.762   1.00   27.58 ? 46  LEU A HD12 1 
ATOM   392 H HD13 . LEU A 1 23 ? 13.583  3.417   7.170   1.00   27.58 ? 46  LEU A HD13 1 
ATOM   393 H HD21 . LEU A 1 23 ? 15.949  2.583   7.996   1.00   28.02 ? 46  LEU A HD21 1 
ATOM   394 H HD22 . LEU A 1 23 ? 16.097  2.192   6.481   1.00   28.02 ? 46  LEU A HD22 1 
ATOM   395 H HD23 . LEU A 1 23 ? 16.319  1.109   7.595   1.00   28.03 ? 46  LEU A HD23 1 
HETATM 396 N N    . NH2 A 1 24 ? 12.731  -0.661  11.104  1.00   27.85 ? 47  NH2 A N    1 
HETATM 397 C C    . ACE B 1 1  ? -7.372  14.414  -8.486  1.00   30.92 ? 24  ACE B C    1 
HETATM 398 O O    . ACE B 1 1  ? -7.604  13.601  -7.592  1.00   31.53 ? 24  ACE B O    1 
HETATM 399 C CH3  . ACE B 1 1  ? -8.483  15.264  -9.053  1.00   30.89 ? 24  ACE B CH3  1 
HETATM 400 H H1   . ACE B 1 1  ? -8.625  15.032  -10.076 1.00   30.88 ? 24  ACE B H1   1 
HETATM 401 H H2   . ACE B 1 1  ? -9.379  15.063  -8.525  1.00   30.89 ? 24  ACE B H2   1 
HETATM 402 H H3   . ACE B 1 1  ? -8.241  16.290  -8.949  1.00   30.89 ? 24  ACE B H3   1 
ATOM   403 N N    . PRO B 1 2  ? -6.162  14.600  -9.002  1.00   28.18 ? 25  PRO B N    1 
ATOM   404 C CA   . PRO B 1 2  ? -4.977  13.860  -8.567  1.00   26.46 ? 25  PRO B CA   1 
ATOM   405 C C    . PRO B 1 2  ? -4.675  13.864  -7.083  1.00   26.21 ? 25  PRO B C    1 
ATOM   406 O O    . PRO B 1 2  ? -4.238  12.834  -6.563  1.00   24.47 ? 25  PRO B O    1 
ATOM   407 C CB   . PRO B 1 2  ? -3.831  14.577  -9.288  1.00   29.83 ? 25  PRO B CB   1 
ATOM   408 C CG   . PRO B 1 2  ? -4.469  15.187  -10.486 1.00   29.70 ? 25  PRO B CG   1 
ATOM   409 C CD   . PRO B 1 2  ? -5.856  15.560  -10.066 1.00   29.77 ? 25  PRO B CD   1 
ATOM   410 H HA   . PRO B 1 2  ? -5.024  12.934  -8.882  1.00   27.34 ? 25  PRO B HA   1 
ATOM   411 H HB2  . PRO B 1 2  ? -3.447  15.263  -8.721  1.00   29.12 ? 25  PRO B HB2  1 
ATOM   412 H HB3  . PRO B 1 2  ? -3.165  13.925  -9.552  1.00   29.13 ? 25  PRO B HB3  1 
ATOM   413 H HG2  . PRO B 1 2  ? -3.969  15.973  -10.758 1.00   29.76 ? 25  PRO B HG2  1 
ATOM   414 H HG3  . PRO B 1 2  ? -4.504  14.537  -11.200 1.00   29.82 ? 25  PRO B HG3  1 
ATOM   415 H HD2  . PRO B 1 2  ? -5.873  16.466  -9.719  1.00   29.37 ? 25  PRO B HD2  1 
ATOM   416 H HD3  . PRO B 1 2  ? -6.462  15.453  -10.815 1.00   29.39 ? 25  PRO B HD3  1 
ATOM   417 N N    . LEU B 1 3  ? -4.861  14.996  -6.390  1.00   23.73 ? 26  LEU B N    1 
ATOM   418 C CA   . LEU B 1 3  ? -4.609  14.993  -4.949  1.00   22.32 ? 26  LEU B CA   1 
ATOM   419 C C    . LEU B 1 3  ? -5.687  14.207  -4.200  1.00   21.98 ? 26  LEU B C    1 
ATOM   420 O O    . LEU B 1 3  ? -5.377  13.563  -3.190  1.00   20.91 ? 26  LEU B O    1 
ATOM   421 C CB   . LEU B 1 3  ? -4.490  16.401  -4.377  1.00   21.71 ? 26  LEU B CB   1 
ATOM   422 C CG   . LEU B 1 3  ? -3.245  17.206  -4.806  1.00   23.67 ? 26  LEU B CG   1 
ATOM   423 C CD1  . LEU B 1 3  ? -3.221  18.538  -4.071  1.00   23.97 ? 26  LEU B CD1  1 
ATOM   424 C CD2  . LEU B 1 3  ? -1.943  16.455  -4.552  1.00   26.17 ? 26  LEU B CD2  1 
ATOM   425 H H    . LEU B 1 3  ? -5.120  15.748  -6.719  1.00   23.94 ? 26  LEU B H    1 
ATOM   426 H HA   . LEU B 1 3  ? -3.764  14.532  -4.778  1.00   22.44 ? 26  LEU B HA   1 
ATOM   427 H HB2  . LEU B 1 3  ? -5.265  16.907  -4.664  1.00   22.31 ? 26  LEU B HB2  1 
ATOM   428 H HB3  . LEU B 1 3  ? -4.479  16.344  -3.409  1.00   22.30 ? 26  LEU B HB3  1 
ATOM   429 H HG   . LEU B 1 3  ? -3.302  17.390  -5.757  1.00   23.79 ? 26  LEU B HG   1 
ATOM   430 H HD11 . LEU B 1 3  ? -4.014  19.031  -4.292  1.00   23.88 ? 26  LEU B HD11 1 
ATOM   431 H HD12 . LEU B 1 3  ? -2.443  19.031  -4.343  1.00   23.88 ? 26  LEU B HD12 1 
ATOM   432 H HD13 . LEU B 1 3  ? -3.190  18.373  -3.126  1.00   23.88 ? 26  LEU B HD13 1 
ATOM   433 H HD21 . LEU B 1 3  ? -1.863  16.288  -3.610  1.00   25.40 ? 26  LEU B HD21 1 
ATOM   434 H HD22 . LEU B 1 3  ? -1.211  16.999  -4.849  1.00   25.40 ? 26  LEU B HD22 1 
ATOM   435 H HD23 . LEU B 1 3  ? -1.946  15.627  -5.029  1.00   25.51 ? 26  LEU B HD23 1 
ATOM   436 N N    . VAL B 1 4  ? -6.930  14.297  -4.689  1.00   23.14 ? 27  VAL B N    1 
ATOM   437 C CA   . VAL B 1 4  ? -8.091  13.526  -4.157  1.00   26.31 ? 27  VAL B CA   1 
ATOM   438 C C    . VAL B 1 4  ? -7.819  12.038  -4.257  1.00   24.68 ? 27  VAL B C    1 
ATOM   439 O O    . VAL B 1 4  ? -7.970  11.295  -3.274  1.00   22.90 ? 27  VAL B O    1 
ATOM   440 C CB   . VAL B 1 4  ? -9.399  13.880  -4.915  1.00   29.73 ? 27  VAL B CB   1 
ATOM   441 C CG1  . VAL B 1 4  ? -10.506 12.833  -4.722  1.00   31.63 ? 27  VAL B CG1  1 
ATOM   442 C CG2  . VAL B 1 4  ? -9.871  15.224  -4.443  1.00   30.75 ? 27  VAL B CG2  1 
ATOM   443 H H    . VAL B 1 4  ? -7.143  14.815  -5.341  1.00   23.62 ? 27  VAL B H    1 
ATOM   444 H HA   . VAL B 1 4  ? -8.215  13.749  -3.211  1.00   25.97 ? 27  VAL B HA   1 
ATOM   445 H HB   . VAL B 1 4  ? -9.218  13.946  -5.873  1.00   29.56 ? 27  VAL B HB   1 
ATOM   446 H HG11 . VAL B 1 4  ? -10.237 12.003  -5.119  1.00   31.00 ? 27  VAL B HG11 1 
ATOM   447 H HG12 . VAL B 1 4  ? -11.301 13.144  -5.157  1.00   31.02 ? 27  VAL B HG12 1 
ATOM   448 H HG13 . VAL B 1 4  ? -10.666 12.713  -3.784  1.00   31.02 ? 27  VAL B HG13 1 
ATOM   449 H HG21 . VAL B 1 4  ? -10.392 15.116  -3.646  1.00   30.43 ? 27  VAL B HG21 1 
ATOM   450 H HG22 . VAL B 1 4  ? -10.396 15.632  -5.136  1.00   30.42 ? 27  VAL B HG22 1 
ATOM   451 H HG23 . VAL B 1 4  ? -9.107  15.770  -4.257  1.00   30.38 ? 27  VAL B HG23 1 
ATOM   452 N N    . VAL B 1 5  ? -7.331  11.631  -5.423  1.00   23.04 ? 28  VAL B N    1 
ATOM   453 C CA   . VAL B 1 5  ? -7.013  10.234  -5.676  1.00   21.58 ? 28  VAL B CA   1 
ATOM   454 C C    . VAL B 1 5  ? -5.918  9.778   -4.731  1.00   21.08 ? 28  VAL B C    1 
ATOM   455 O O    . VAL B 1 5  ? -6.086  8.758   -4.048  1.00   18.71 ? 28  VAL B O    1 
ATOM   456 C CB   . VAL B 1 5  ? -6.636  9.986   -7.142  1.00   24.24 ? 28  VAL B CB   1 
ATOM   457 C CG1  . VAL B 1 5  ? -6.123  8.579   -7.355  1.00   25.26 ? 28  VAL B CG1  1 
ATOM   458 C CG2  . VAL B 1 5  ? -7.865  10.206  -8.016  1.00   25.37 ? 28  VAL B CG2  1 
ATOM   459 H H    . VAL B 1 5  ? -7.170  12.153  -6.089  1.00   23.10 ? 28  VAL B H    1 
ATOM   460 H HA   . VAL B 1 5  ? -7.810  9.697   -5.484  1.00   22.24 ? 28  VAL B HA   1 
ATOM   461 H HB   . VAL B 1 5  ? -5.939  10.620  -7.416  1.00   24.10 ? 28  VAL B HB   1 
ATOM   462 H HG11 . VAL B 1 5  ? -5.195  8.540   -7.111  1.00   24.91 ? 28  VAL B HG11 1 
ATOM   463 H HG12 . VAL B 1 5  ? -6.220  8.351   -8.283  1.00   24.93 ? 28  VAL B HG12 1 
ATOM   464 H HG13 . VAL B 1 5  ? -6.632  7.970   -6.816  1.00   24.90 ? 28  VAL B HG13 1 
ATOM   465 H HG21 . VAL B 1 5  ? -8.489  9.492   -7.860  1.00   25.02 ? 28  VAL B HG21 1 
ATOM   466 H HG22 . VAL B 1 5  ? -7.594  10.205  -8.937  1.00   25.02 ? 28  VAL B HG22 1 
ATOM   467 H HG23 . VAL B 1 5  ? -8.272  11.046  -7.798  1.00   25.01 ? 28  VAL B HG23 1 
ATOM   468 N N    . ALA B 1 6  ? -4.828  10.548  -4.660  1.00   17.74 ? 29  ALA B N    1 
ATOM   469 C CA   . ALA B 1 6  ? -3.713  10.203  -3.792  1.00   17.40 ? 29  ALA B CA   1 
ATOM   470 C C    . ALA B 1 6  ? -4.145  10.067  -2.349  1.00   15.90 ? 29  ALA B C    1 
ATOM   471 O O    . ALA B 1 6  ? -3.751  9.101   -1.678  1.00   16.10 ? 29  ALA B O    1 
ATOM   472 C CB   . ALA B 1 6  ? -2.609  11.240  -3.929  1.00   17.77 ? 29  ALA B CB   1 
ATOM   473 H H    . ALA B 1 6  ? -4.715  11.274  -5.110  1.00   18.43 ? 29  ALA B H    1 
ATOM   474 H HA   . ALA B 1 6  ? -3.349  9.340   -4.078  1.00   17.23 ? 29  ALA B HA   1 
ATOM   475 H HB1  . ALA B 1 6  ? -2.316  11.265  -4.843  1.00   17.65 ? 29  ALA B HB1  1 
ATOM   476 H HB2  . ALA B 1 6  ? -1.878  10.994  -3.357  1.00   17.65 ? 29  ALA B HB2  1 
ATOM   477 H HB3  . ALA B 1 6  ? -2.952  12.098  -3.672  1.00   17.65 ? 29  ALA B HB3  1 
ATOM   478 N N    . ALA B 1 7  ? -4.879  11.075  -1.855  1.00   14.34 ? 30  ALA B N    1 
ATOM   479 C CA   . ALA B 1 7  ? -5.316  11.103  -0.477  1.00   14.18 ? 30  ALA B CA   1 
ATOM   480 C C    . ALA B 1 7  ? -6.222  9.906   -0.216  1.00   13.94 ? 30  ALA B C    1 
ATOM   481 O O    . ALA B 1 7  ? -6.154  9.275   0.832   1.00   12.77 ? 30  ALA B O    1 
ATOM   482 C CB   . ALA B 1 7  ? -6.059  12.414  -0.150  1.00   13.78 ? 30  ALA B CB   1 
ATOM   483 H H    . ALA B 1 7  ? -5.129  11.757  -2.314  1.00   14.67 ? 30  ALA B H    1 
ATOM   484 H HA   . ALA B 1 7  ? -4.536  11.036  0.113   1.00   14.09 ? 30  ALA B HA   1 
ATOM   485 H HB1  . ALA B 1 7  ? -5.434  13.140  -0.169  1.00   13.91 ? 30  ALA B HB1  1 
ATOM   486 H HB2  . ALA B 1 7  ? -6.449  12.342  0.724   1.00   13.91 ? 30  ALA B HB2  1 
ATOM   487 H HB3  . ALA B 1 7  ? -6.747  12.556  -0.805  1.00   13.91 ? 30  ALA B HB3  1 
ATOM   488 N N    . SER B 1 8  ? -7.064  9.589   -1.181  1.00   14.13 ? 31  SER B N    1 
ATOM   489 C CA   . SER B 1 8  ? -7.996  8.432   -1.033  1.00   15.39 ? 31  SER B CA   1 
ATOM   490 C C    . SER B 1 8  ? -7.301  7.080   -1.037  1.00   14.70 ? 31  SER B C    1 
ATOM   491 O O    . SER B 1 8  ? -7.648  6.203   -0.207  1.00   13.93 ? 31  SER B O    1 
ATOM   492 C CB   . SER B 1 8  ? -9.058  8.450   -2.123  1.00   16.43 ? 31  SER B CB   1 
ATOM   493 O OG   . SER B 1 8  ? -9.780  9.646   -2.046  1.00   17.73 ? 31  SER B OG   1 
ATOM   494 H H    . SER B 1 8  ? -7.139  10.011  -1.928  1.00   14.38 ? 31  SER B H    1 
ATOM   495 H HA   . SER B 1 8  ? -8.463  8.518   -0.175  1.00   15.18 ? 31  SER B HA   1 
ATOM   496 H HB2  . SER B 1 8  ? -8.628  8.390   -2.990  1.00   16.47 ? 31  SER B HB2  1 
ATOM   497 H HB3  . SER B 1 8  ? -9.663  7.702   -1.995  1.00   16.46 ? 31  SER B HB3  1 
ATOM   498 H HG   . SER B 1 8  ? -10.362 9.671   -2.627  0.0000 17.76 ? 31  SER B HG   1 
ATOM   499 N N    . ILE B 1 9  ? -6.293  6.916   -1.914  1.00   14.11 ? 32  ILE B N    1 
ATOM   500 C CA   . ILE B 1 9  ? -5.539  5.678   -1.937  1.00   14.42 ? 32  ILE B CA   1 
ATOM   501 C C    . ILE B 1 9  ? -4.843  5.509   -0.587  1.00   14.33 ? 32  ILE B C    1 
ATOM   502 O O    . ILE B 1 9  ? -4.833  4.424   -0.007  1.00   14.53 ? 32  ILE B O    1 
ATOM   503 C CB   . ILE B 1 9  ? -4.513  5.638   -3.088  1.00   14.81 ? 32  ILE B CB   1 
ATOM   504 C CG1  . ILE B 1 9  ? -5.264  5.572   -4.434  1.00   14.68 ? 32  ILE B CG1  1 
ATOM   505 C CG2  . ILE B 1 9  ? -3.635  4.407   -2.977  1.00   15.29 ? 32  ILE B CG2  1 
ATOM   506 C CD1  . ILE B 1 9  ? -4.325  5.583   -5.606  1.00   15.53 ? 32  ILE B CD1  1 
ATOM   507 H H    . ILE B 1 9  ? -6.040  7.505   -2.488  1.00   14.32 ? 32  ILE B H    1 
ATOM   508 H HA   . ILE B 1 9  ? -6.157  4.927   -2.057  1.00   14.41 ? 32  ILE B HA   1 
ATOM   509 H HB   . ILE B 1 9  ? -3.960  6.435   -3.060  1.00   14.80 ? 32  ILE B HB   1 
ATOM   510 H HG12 . ILE B 1 9  ? -5.776  4.749   -4.469  1.00   14.91 ? 32  ILE B HG12 1 
ATOM   511 H HG13 . ILE B 1 9  ? -5.857  6.333   -4.516  1.00   14.92 ? 32  ILE B HG13 1 
ATOM   512 H HG21 . ILE B 1 9  ? -2.987  4.545   -2.282  1.00   15.14 ? 32  ILE B HG21 1 
ATOM   513 H HG22 . ILE B 1 9  ? -3.177  4.251   -3.804  1.00   15.14 ? 32  ILE B HG22 1 
ATOM   514 H HG23 . ILE B 1 9  ? -4.186  3.650   -2.763  1.00   15.14 ? 32  ILE B HG23 1 
ATOM   515 H HD11 . ILE B 1 9  ? -3.507  6.018   -5.355  1.00   15.26 ? 32  ILE B HD11 1 
ATOM   516 H HD12 . ILE B 1 9  ? -4.739  6.061   -6.329  1.00   15.27 ? 32  ILE B HD12 1 
ATOM   517 H HD13 . ILE B 1 9  ? -4.149  4.678   -5.874  1.00   15.27 ? 32  ILE B HD13 1 
ATOM   518 N N    . ILE B 1 10 ? -4.239  6.594   -0.107  1.00   14.26 ? 33  ILE B N    1 
ATOM   519 C CA   . ILE B 1 10 ? -3.440  6.523   1.102   1.00   14.02 ? 33  ILE B CA   1 
ATOM   520 C C    . ILE B 1 10 ? -4.308  6.233   2.290   1.00   14.00 ? 33  ILE B C    1 
ATOM   521 O O    . ILE B 1 10 ? -3.885  5.509   3.218   1.00   15.56 ? 33  ILE B O    1 
ATOM   522 C CB   . ILE B 1 10 ? -2.617  7.828   1.332   1.00   14.71 ? 33  ILE B CB   1 
ATOM   523 C CG1  . ILE B 1 10 ? -1.497  7.935   0.290   1.00   15.49 ? 33  ILE B CG1  1 
ATOM   524 C CG2  . ILE B 1 10 ? -1.944  7.777   2.718   1.00   13.99 ? 33  ILE B CG2  1 
ATOM   525 C CD1  . ILE B 1 10 ? -0.948  9.337   0.058   1.00   16.03 ? 33  ILE B CD1  1 
ATOM   526 H H    . ILE B 1 10 ? -4.275  7.376   -0.464  1.00   14.23 ? 33  ILE B H    1 
ATOM   527 H HA   . ILE B 1 10 ? -2.800  5.786   1.014   1.00   14.19 ? 33  ILE B HA   1 
ATOM   528 H HB   . ILE B 1 10 ? -3.199  8.602   1.275   1.00   14.58 ? 33  ILE B HB   1 
ATOM   529 H HG12 . ILE B 1 10 ? -0.758  7.380   0.578   1.00   15.50 ? 33  ILE B HG12 1 
ATOM   530 H HG13 . ILE B 1 10 ? -1.830  7.611   -0.561  1.00   15.43 ? 33  ILE B HG13 1 
ATOM   531 H HG21 . ILE B 1 10 ? -2.596  7.967   3.395   1.00   14.21 ? 33  ILE B HG21 1 
ATOM   532 H HG22 . ILE B 1 10 ? -1.245  8.434   2.752   1.00   14.23 ? 33  ILE B HG22 1 
ATOM   533 H HG23 . ILE B 1 10 ? -1.573  6.902   2.855   1.00   14.21 ? 33  ILE B HG23 1 
ATOM   534 H HD11 . ILE B 1 10 ? -1.681  9.943   -0.069  1.00   15.86 ? 33  ILE B HD11 1 
ATOM   535 H HD12 . ILE B 1 10 ? -0.389  9.328   -0.723  1.00   15.86 ? 33  ILE B HD12 1 
ATOM   536 H HD13 . ILE B 1 10 ? -0.434  9.602   0.825   1.00   15.85 ? 33  ILE B HD13 1 
ATOM   537 N N    . ALA B 1 11 ? -5.488  6.860   2.335   1.00   14.42 ? 34  ALA B N    1 
ATOM   538 C CA   . ALA B 1 11 ? -6.464  6.645   3.423   1.00   15.49 ? 34  ALA B CA   1 
ATOM   539 C C    . ALA B 1 11 ? -6.940  5.184   3.456   1.00   16.42 ? 34  ALA B C    1 
ATOM   540 O O    . ALA B 1 11 ? -7.060  4.557   4.529   1.00   16.48 ? 34  ALA B O    1 
ATOM   541 C CB   . ALA B 1 11 ? -7.675  7.587   3.281   1.00   14.17 ? 34  ALA B CB   1 
ATOM   542 H H    . ALA B 1 11 ? -5.755  7.427   1.744   1.00   14.56 ? 34  ALA B H    1 
ATOM   543 H HA   . ALA B 1 11 ? -6.031  6.839   4.280   1.00   15.19 ? 34  ALA B HA   1 
ATOM   544 H HB1  . ALA B 1 11 ? -7.364  8.495   3.276   1.00   14.56 ? 34  ALA B HB1  1 
ATOM   545 H HB2  . ALA B 1 11 ? -8.268  7.447   4.023   1.00   14.56 ? 34  ALA B HB2  1 
ATOM   546 H HB3  . ALA B 1 11 ? -8.128  7.391   2.457   1.00   14.56 ? 34  ALA B HB3  1 
ATOM   547 N N    . ILE B 1 12 ? -7.204  4.651   2.281   1.00   16.23 ? 35  ILE B N    1 
ATOM   548 C CA   . ILE B 1 12 ? -7.629  3.238   2.156   1.00   17.21 ? 35  ILE B CA   1 
ATOM   549 C C    . ILE B 1 12 ? -6.521  2.229   2.580   1.00   17.43 ? 35  ILE B C    1 
ATOM   550 O O    . ILE B 1 12 ? -6.823  1.222   3.210   1.00   16.07 ? 35  ILE B O    1 
ATOM   551 C CB   . ILE B 1 12 ? -8.232  2.944   0.752   1.00   17.67 ? 35  ILE B CB   1 
ATOM   552 C CG1  . ILE B 1 12 ? -9.597  3.621   0.626   1.00   18.37 ? 35  ILE B CG1  1 
ATOM   553 C CG2  . ILE B 1 12 ? -8.379  1.448   0.544   1.00   17.76 ? 35  ILE B CG2  1 
ATOM   554 C CD1  . ILE B 1 12 ? -10.216 3.716   -0.762  1.00   19.57 ? 35  ILE B CD1  1 
ATOM   555 H H    . ILE B 1 12 ? -7.155  5.072   1.532   1.00   16.50 ? 35  ILE B H    1 
ATOM   556 H HA   . ILE B 1 12 ? -8.364  3.104   2.790   1.00   17.14 ? 35  ILE B HA   1 
ATOM   557 H HB   . ILE B 1 12 ? -7.639  3.299   0.070   1.00   17.72 ? 35  ILE B HB   1 
ATOM   558 H HG12 . ILE B 1 12 ? -10.224 3.135   1.184   1.00   18.46 ? 35  ILE B HG12 1 
ATOM   559 H HG13 . ILE B 1 12 ? -9.516  4.528   0.959   1.00   18.45 ? 35  ILE B HG13 1 
ATOM   560 H HG21 . ILE B 1 12 ? -7.516  1.067   0.365   1.00   17.73 ? 35  ILE B HG21 1 
ATOM   561 H HG22 . ILE B 1 12 ? -8.959  1.290   -0.204  1.00   17.74 ? 35  ILE B HG22 1 
ATOM   562 H HG23 . ILE B 1 12 ? -8.757  1.055   1.334   1.00   17.72 ? 35  ILE B HG23 1 
ATOM   563 H HD11 . ILE B 1 12 ? -9.548  4.022   -1.379  1.00   19.19 ? 35  ILE B HD11 1 
ATOM   564 H HD12 . ILE B 1 12 ? -10.947 4.337   -0.736  1.00   19.19 ? 35  ILE B HD12 1 
ATOM   565 H HD13 . ILE B 1 12 ? -10.532 2.849   -1.024  1.00   19.18 ? 35  ILE B HD13 1 
ATOM   566 N N    . LEU B 1 13 ? -5.262  2.507   2.248   1.00   17.25 ? 36  LEU B N    1 
ATOM   567 C CA   . LEU B 1 13 ? -4.145  1.675   2.673   1.00   18.52 ? 36  LEU B CA   1 
ATOM   568 C C    . LEU B 1 13 ? -3.998  1.702   4.187   1.00   17.90 ? 36  LEU B C    1 
ATOM   569 O O    . LEU B 1 13 ? -3.730  0.693   4.816   1.00   17.56 ? 36  LEU B O    1 
ATOM   570 C CB   . LEU B 1 13 ? -2.823  2.178   2.074   1.00   20.24 ? 36  LEU B CB   1 
ATOM   571 C CG   . LEU B 1 13 ? -2.476  1.887   0.619   1.00   22.49 ? 36  LEU B CG   1 
ATOM   572 C CD1  . LEU B 1 13 ? -1.101  2.462   0.346   1.00   23.84 ? 36  LEU B CD1  1 
ATOM   573 C CD2  . LEU B 1 13 ? -2.498  0.388   0.310   1.00   24.29 ? 36  LEU B CD2  1 
ATOM   574 H H    . LEU B 1 13 ? -5.034  3.183   1.766   1.00   17.60 ? 36  LEU B H    1 
ATOM   575 H HA   . LEU B 1 13 ? -4.294  0.749   2.389   1.00   18.49 ? 36  LEU B HA   1 
ATOM   576 H HB2  . LEU B 1 13 ? -2.802  3.143   2.177   1.00   20.33 ? 36  LEU B HB2  1 
ATOM   577 H HB3  . LEU B 1 13 ? -2.102  1.798   2.602   1.00   20.33 ? 36  LEU B HB3  1 
ATOM   578 H HG   . LEU B 1 13 ? -3.116  2.329   0.039   1.00   22.57 ? 36  LEU B HG   1 
ATOM   579 H HD11 . LEU B 1 13 ? -1.111  3.402   0.540   1.00   23.39 ? 36  LEU B HD11 1 
ATOM   580 H HD12 . LEU B 1 13 ? -0.883  2.321   -0.579  1.00   23.41 ? 36  LEU B HD12 1 
ATOM   581 H HD13 . LEU B 1 13 ? -0.460  2.018   0.905   1.00   23.39 ? 36  LEU B HD13 1 
ATOM   582 H HD21 . LEU B 1 13 ? -2.028  -0.081  1.003   1.00   23.71 ? 36  LEU B HD21 1 
ATOM   583 H HD22 . LEU B 1 13 ? -2.069  0.237   -0.535  1.00   23.71 ? 36  LEU B HD22 1 
ATOM   584 H HD23 . LEU B 1 13 ? -3.410  0.090   0.273   1.00   23.69 ? 36  LEU B HD23 1 
ATOM   585 N N    . HIS B 1 14 ? -4.130  2.893   4.750   1.00   16.80 ? 37  HIS B N    1 
ATOM   586 C CA   . HIS B 1 14 ? -4.181  3.037   6.175   1.00   17.97 ? 37  HIS B CA   1 
ATOM   587 C C    . HIS B 1 14 ? -5.233  2.114   6.798   1.00   17.35 ? 37  HIS B C    1 
ATOM   588 O O    . HIS B 1 14 ? -4.931  1.345   7.710   1.00   16.62 ? 37  HIS B O    1 
ATOM   589 C CB   . HIS B 1 14 ? -4.472  4.468   6.614   1.00   18.56 ? 37  HIS B CB   1 
ATOM   590 C CG   . HIS B 1 14 ? -4.641  4.574   8.091   1.00   21.68 ? 37  HIS B CG   1 
ATOM   591 N ND1  . HIS B 1 14 ? -3.578  4.440   8.953   1.00   21.57 ? 37  HIS B ND1  1 
ATOM   592 C CD2  . HIS B 1 14 ? -5.746  4.669   8.865   1.00   23.30 ? 37  HIS B CD2  1 
ATOM   593 C CE1  . HIS B 1 14 ? -4.007  4.496   10.199  1.00   23.20 ? 37  HIS B CE1  1 
ATOM   594 N NE2  . HIS B 1 14 ? -5.318  4.628   10.174  1.00   24.44 ? 37  HIS B NE2  1 
ATOM   595 H H    . HIS B 1 14 ? -4.187  3.635   4.319   1.00   17.34 ? 37  HIS B H    1 
ATOM   596 H HA   . HIS B 1 14 ? -3.310  2.785   6.547   1.00   17.73 ? 37  HIS B HA   1 
ATOM   597 H HB2  . HIS B 1 14 ? -3.731  5.038   6.353   1.00   19.10 ? 37  HIS B HB2  1 
ATOM   598 H HB3  . HIS B 1 14 ? -5.291  4.774   6.197   1.00   19.09 ? 37  HIS B HB3  1 
ATOM   599 H HD1  . HIS B 1 14 ? -2.756  4.346   8.716   1.00   21.97 ? 37  HIS B HD1  1 
ATOM   600 H HD2  . HIS B 1 14 ? -6.624  4.754   8.571   1.00   23.13 ? 37  HIS B HD2  1 
ATOM   601 H HE1  . HIS B 1 14 ? -3.477  4.459   10.961  1.00   23.08 ? 37  HIS B HE1  1 
ATOM   602 H HE2  . HIS B 1 14 ? -5.813  4.706   10.864  1.00   23.84 ? 37  HIS B HE2  1 
ATOM   603 N N    . LEU B 1 15 ? -6.453  2.222   6.308   1.00   17.89 ? 38  LEU B N    1 
ATOM   604 C CA   . LEU B 1 15 ? -7.574  1.367   6.761   1.00   18.07 ? 38  LEU B CA   1 
ATOM   605 C C    . LEU B 1 15 ? -7.248  -0.154  6.711   1.00   17.91 ? 38  LEU B C    1 
ATOM   606 O O    . LEU B 1 15 ? -7.517  -0.916  7.705   1.00   16.85 ? 38  LEU B O    1 
ATOM   607 C CB   . LEU B 1 15 ? -8.822  1.697   5.912   1.00   19.20 ? 38  LEU B CB   1 
ATOM   608 C CG   . LEU B 1 15 ? -10.158 0.937   6.075   1.00   20.93 ? 38  LEU B CG   1 
ATOM   609 C CD1  . LEU B 1 15 ? -10.718 1.079   7.473   1.00   21.91 ? 38  LEU B CD1  1 
ATOM   610 C CD2  . LEU B 1 15 ? -11.157 1.490   5.066   1.00   19.91 ? 38  LEU B CD2  1 
ATOM   611 H H    . LEU B 1 15 ? -6.674  2.792   5.703   1.00   17.82 ? 38  LEU B H    1 
ATOM   612 H HA   . LEU B 1 15 ? -7.781  1.593   7.693   1.00   18.21 ? 38  LEU B HA   1 
ATOM   613 H HB2  . LEU B 1 15 ? -9.028  2.632   6.066   1.00   19.30 ? 38  LEU B HB2  1 
ATOM   614 H HB3  . LEU B 1 15 ? -8.570  1.590   4.984   1.00   19.29 ? 38  LEU B HB3  1 
ATOM   615 H HG   . LEU B 1 15 ? -10.023 -0.005  5.889   1.00   20.56 ? 38  LEU B HG   1 
ATOM   616 H HD11 . LEU B 1 15 ? -10.221 0.513   8.068   1.00   21.60 ? 38  LEU B HD11 1 
ATOM   617 H HD12 . LEU B 1 15 ? -11.642 0.817   7.468   1.00   21.59 ? 38  LEU B HD12 1 
ATOM   618 H HD13 . LEU B 1 15 ? -10.639 1.995   7.750   1.00   21.60 ? 38  LEU B HD13 1 
ATOM   619 H HD21 . LEU B 1 15 ? -11.324 2.414   5.267   1.00   20.22 ? 38  LEU B HD21 1 
ATOM   620 H HD22 . LEU B 1 15 ? -11.974 0.989   5.127   1.00   20.22 ? 38  LEU B HD22 1 
ATOM   621 H HD23 . LEU B 1 15 ? -10.789 1.408   4.183   1.00   20.21 ? 38  LEU B HD23 1 
ATOM   622 N N    . ILE B 1 16 ? -6.678  -0.585  5.568   1.00   16.38 ? 39  ILE B N    1 
ATOM   623 C CA   . ILE B 1 16 ? -6.296  -1.969  5.350   1.00   16.56 ? 39  ILE B CA   1 
ATOM   624 C C    . ILE B 1 16 ? -5.212  -2.373  6.353   1.00   17.59 ? 39  ILE B C    1 
ATOM   625 O O    . ILE B 1 16 ? -5.333  -3.398  7.000   1.00   18.10 ? 39  ILE B O    1 
ATOM   626 C CB   . ILE B 1 16 ? -5.842  -2.208  3.915   1.00   15.85 ? 39  ILE B CB   1 
ATOM   627 C CG1  . ILE B 1 16 ? -7.033  -2.046  2.942   1.00   17.31 ? 39  ILE B CG1  1 
ATOM   628 C CG2  . ILE B 1 16 ? -5.254  -3.586  3.768   1.00   18.28 ? 39  ILE B CG2  1 
ATOM   629 C CD1  . ILE B 1 16 ? -6.588  -1.702  1.523   1.00   15.94 ? 39  ILE B CD1  1 
ATOM   630 H H    . ILE B 1 16 ? -6.503  -0.069  4.903   1.00   16.78 ? 39  ILE B H    1 
ATOM   631 H HA   . ILE B 1 16 ? -7.079  -2.537  5.512   1.00   16.59 ? 39  ILE B HA   1 
ATOM   632 H HB   . ILE B 1 16 ? -5.161  -1.556  3.689   1.00   16.70 ? 39  ILE B HB   1 
ATOM   633 H HG12 . ILE B 1 16 ? -7.527  -2.880  2.904   1.00   16.63 ? 39  ILE B HG12 1 
ATOM   634 H HG13 . ILE B 1 16 ? -7.613  -1.334  3.252   1.00   16.63 ? 39  ILE B HG13 1 
ATOM   635 H HG21 . ILE B 1 16 ? -4.339  -3.572  4.054   1.00   17.49 ? 39  ILE B HG21 1 
ATOM   636 H HG22 . ILE B 1 16 ? -5.298  -3.853  2.848   1.00   17.48 ? 39  ILE B HG22 1 
ATOM   637 H HG23 . ILE B 1 16 ? -5.756  -4.205  4.305   1.00   17.49 ? 39  ILE B HG23 1 
ATOM   638 H HD11 . ILE B 1 16 ? -6.197  -0.825  1.524   1.00   16.35 ? 39  ILE B HD11 1 
ATOM   639 H HD12 . ILE B 1 16 ? -7.354  -1.718  0.944   1.00   16.35 ? 39  ILE B HD12 1 
ATOM   640 H HD13 . ILE B 1 16 ? -5.942  -2.348  1.228   1.00   16.35 ? 39  ILE B HD13 1 
ATOM   641 N N    . LEU B 1 17 ? -4.183  -1.562  6.500   1.00   18.01 ? 40  LEU B N    1 
ATOM   642 C CA   . LEU B 1 17 ? -3.108  -1.898  7.414   1.00   20.94 ? 40  LEU B CA   1 
ATOM   643 C C    . LEU B 1 17 ? -3.566  -1.932  8.878   1.00   20.86 ? 40  LEU B C    1 
ATOM   644 O O    . LEU B 1 17 ? -3.149  -2.810  9.659   1.00   23.10 ? 40  LEU B O    1 
ATOM   645 C CB   . LEU B 1 17 ? -1.904  -0.957  7.200   1.00   21.49 ? 40  LEU B CB   1 
ATOM   646 C CG   . LEU B 1 17 ? -1.269  -1.075  5.807   1.00   23.60 ? 40  LEU B CG   1 
ATOM   647 C CD1  . LEU B 1 17 ? -0.127  -0.102  5.604   1.00   24.74 ? 40  LEU B CD1  1 
ATOM   648 C CD2  . LEU B 1 17 ? -0.825  -2.494  5.502   1.00   24.59 ? 40  LEU B CD2  1 
ATOM   649 H H    . LEU B 1 17 ? -4.087  -0.813  6.087   1.00   18.62 ? 40  LEU B H    1 
ATOM   650 H HA   . LEU B 1 17 ? -2.803  -2.806  7.204   1.00   20.44 ? 40  LEU B HA   1 
ATOM   651 H HB2  . LEU B 1 17 ? -2.199  -0.039  7.315   1.00   21.82 ? 40  LEU B HB2  1 
ATOM   652 H HB3  . LEU B 1 17 ? -1.222  -1.167  7.856   1.00   21.83 ? 40  LEU B HB3  1 
ATOM   653 H HG   . LEU B 1 17 ? -1.941  -0.855  5.146   1.00   23.49 ? 40  LEU B HG   1 
ATOM   654 H HD11 . LEU B 1 17 ? -0.412  0.774   5.876   1.00   24.38 ? 40  LEU B HD11 1 
ATOM   655 H HD12 . LEU B 1 17 ? 0.116   -0.094  4.676   1.00   24.38 ? 40  LEU B HD12 1 
ATOM   656 H HD13 . LEU B 1 17 ? 0.620   -0.383  6.136   1.00   24.38 ? 40  LEU B HD13 1 
ATOM   657 H HD21 . LEU B 1 17 ? -0.467  -2.888  6.301   1.00   24.26 ? 40  LEU B HD21 1 
ATOM   658 H HD22 . LEU B 1 17 ? -0.152  -2.474  4.818   1.00   24.27 ? 40  LEU B HD22 1 
ATOM   659 H HD23 . LEU B 1 17 ? -1.582  -2.999  5.198   1.00   24.26 ? 40  LEU B HD23 1 
ATOM   660 N N    . TRP B 1 18 ? -4.400  -0.966  9.255   1.00   21.91 ? 41  TRP B N    1 
ATOM   661 C CA   . TRP B 1 18 ? -4.958  -0.890  10.594  1.00   22.09 ? 41  TRP B CA   1 
ATOM   662 C C    . TRP B 1 18 ? -5.803  -2.119  10.913  1.00   20.51 ? 41  TRP B C    1 
ATOM   663 O O    . TRP B 1 18 ? -5.620  -2.766  11.968  1.00   20.14 ? 41  TRP B O    1 
ATOM   664 C CB   . TRP B 1 18 ? -5.759  0.388   10.754  1.00   22.47 ? 41  TRP B CB   1 
ATOM   665 C CG   . TRP B 1 18 ? -6.147  0.629   12.134  1.00   25.33 ? 41  TRP B CG   1 
ATOM   666 C CD1  . TRP B 1 18 ? -5.449  1.342   13.032  1.00   27.47 ? 41  TRP B CD1  1 
ATOM   667 C CD2  . TRP B 1 18 ? -7.344  0.174   12.821  1.00   24.95 ? 41  TRP B CD2  1 
ATOM   668 N NE1  . TRP B 1 18 ? -6.111  1.361   14.238  1.00   26.24 ? 41  TRP B NE1  1 
ATOM   669 C CE2  . TRP B 1 18 ? -7.270  0.647   14.137  1.00   26.33 ? 41  TRP B CE2  1 
ATOM   670 C CE3  . TRP B 1 18 ? -8.437  -0.591  12.462  1.00   24.15 ? 41  TRP B CE3  1 
ATOM   671 C CZ2  . TRP B 1 18 ? -8.265  0.399   15.083  1.00   24.60 ? 41  TRP B CZ2  1 
ATOM   672 C CZ3  . TRP B 1 18 ? -9.418  -0.858  13.419  1.00   24.94 ? 41  TRP B CZ3  1 
ATOM   673 C CH2  . TRP B 1 18 ? -9.329  -0.359  14.690  1.00   24.55 ? 41  TRP B CH2  1 
ATOM   674 H H    . TRP B 1 18 ? -4.658  -0.330  8.737   1.00   21.68 ? 41  TRP B H    1 
ATOM   675 H HA   . TRP B 1 18 ? -4.220  -0.862  11.238  1.00   21.83 ? 41  TRP B HA   1 
ATOM   676 H HB2  . TRP B 1 18 ? -5.222  1.141   10.459  1.00   23.03 ? 41  TRP B HB2  1 
ATOM   677 H HB3  . TRP B 1 18 ? -6.567  0.326   10.220  1.00   23.02 ? 41  TRP B HB3  1 
ATOM   678 H HD1  . TRP B 1 18 ? -4.636  1.759   12.865  1.00   26.63 ? 41  TRP B HD1  1 
ATOM   679 H HE1  . TRP B 1 18 ? -5.841  1.754   14.942  1.00   26.51 ? 41  TRP B HE1  1 
ATOM   680 H HE3  . TRP B 1 18 ? -8.513  -0.932  11.599  1.00   24.52 ? 41  TRP B HE3  1 
ATOM   681 H HZ2  . TRP B 1 18 ? -8.199  0.724   15.952  1.00   24.99 ? 41  TRP B HZ2  1 
ATOM   682 H HZ3  . TRP B 1 18 ? -10.164 -1.360  13.180  1.00   24.66 ? 41  TRP B HZ3  1 
ATOM   683 H HH2  . TRP B 1 18 ? -10.001 -0.547  15.302  1.00   24.66 ? 41  TRP B HH2  1 
ATOM   684 N N    . ILE B 1 19 ? -6.694  -2.481  10.015  1.00   18.12 ? 42  ILE B N    1 
ATOM   685 C CA   . ILE B 1 19 ? -7.495  -3.706  10.203  1.00   21.25 ? 42  ILE B CA   1 
ATOM   686 C C    . ILE B 1 19 ? -6.666  -5.006  10.359  1.00   23.61 ? 42  ILE B C    1 
ATOM   687 O O    . ILE B 1 19 ? -6.970  -5.846  11.248  1.00   23.07 ? 42  ILE B O    1 
ATOM   688 C CB   . ILE B 1 19 ? -8.538  -3.898  9.075   1.00   21.54 ? 42  ILE B CB   1 
ATOM   689 C CG1  . ILE B 1 19 ? -9.639  -2.816  9.197   1.00   21.03 ? 42  ILE B CG1  1 
ATOM   690 C CG2  . ILE B 1 19 ? -9.127  -5.307  9.136   1.00   22.91 ? 42  ILE B CG2  1 
ATOM   691 C CD1  . ILE B 1 19 ? -10.553 -2.680  7.977   1.00   20.97 ? 42  ILE B CD1  1 
ATOM   692 H H    . ILE B 1 19 ? -6.862  -2.050  9.290   1.00   19.44 ? 42  ILE B H    1 
ATOM   693 H HA   . ILE B 1 19 ? -8.002  -3.600  11.035  1.00   21.08 ? 42  ILE B HA   1 
ATOM   694 H HB   . ILE B 1 19 ? -8.091  -3.788  8.221   1.00   21.63 ? 42  ILE B HB   1 
ATOM   695 H HG12 . ILE B 1 19 ? -10.202 -3.038  9.954   1.00   21.13 ? 42  ILE B HG12 1 
ATOM   696 H HG13 . ILE B 1 19 ? -9.222  -1.955  9.350   1.00   21.09 ? 42  ILE B HG13 1 
ATOM   697 H HG21 . ILE B 1 19 ? -8.478  -5.944  8.829   1.00   22.48 ? 42  ILE B HG21 1 
ATOM   698 H HG22 . ILE B 1 19 ? -9.893  -5.337  8.563   1.00   22.47 ? 42  ILE B HG22 1 
ATOM   699 H HG23 . ILE B 1 19 ? -9.388  -5.505  10.040  1.00   22.48 ? 42  ILE B HG23 1 
ATOM   700 H HD11 . ILE B 1 19 ? -10.039 -2.838  7.183   1.00   20.99 ? 42  ILE B HD11 1 
ATOM   701 H HD12 . ILE B 1 19 ? -10.914 -1.790  7.960   1.00   20.99 ? 42  ILE B HD12 1 
ATOM   702 H HD13 . ILE B 1 19 ? -11.263 -3.322  8.044   1.00   20.99 ? 42  ILE B HD13 1 
ATOM   703 N N    . LEU B 1 20 ? -5.638  -5.174  9.528   1.00   23.75 ? 43  LEU B N    1 
ATOM   704 C CA   . LEU B 1 20 ? -4.793  -6.354  9.605   1.00   26.14 ? 43  LEU B CA   1 
ATOM   705 C C    . LEU B 1 20 ? -4.038  -6.362  10.902  1.00   28.18 ? 43  LEU B C    1 
ATOM   706 O O    . LEU B 1 20 ? -3.932  -7.393  11.562  1.00   29.86 ? 43  LEU B O    1 
ATOM   707 C CB   . LEU B 1 20 ? -3.795  -6.405  8.458   1.00   26.55 ? 43  LEU B CB   1 
ATOM   708 C CG   . LEU B 1 20 ? -4.395  -6.585  7.065   1.00   27.08 ? 43  LEU B CG   1 
ATOM   709 C CD1  . LEU B 1 20 ? -3.323  -6.348  5.996   1.00   27.29 ? 43  LEU B CD1  1 
ATOM   710 C CD2  . LEU B 1 20 ? -5.060  -7.932  6.904   1.00   28.27 ? 43  LEU B CD2  1 
ATOM   711 H H    . LEU B 1 20 ? -5.414  -4.614  8.915   1.00   24.27 ? 43  LEU B H    1 
ATOM   712 H HA   . LEU B 1 20 ? -5.351  -7.158  9.570   1.00   26.17 ? 43  LEU B HA   1 
ATOM   713 H HB2  . LEU B 1 20 ? -3.292  -5.576  8.453   1.00   26.57 ? 43  LEU B HB2  1 
ATOM   714 H HB3  . LEU B 1 20 ? -3.190  -7.148  8.609   1.00   26.59 ? 43  LEU B HB3  1 
ATOM   715 H HG   . LEU B 1 20 ? -5.083  -5.915  6.939   1.00   27.16 ? 43  LEU B HG   1 
ATOM   716 H HD11 . LEU B 1 20 ? -2.976  -5.459  6.094   1.00   27.22 ? 43  LEU B HD11 1 
ATOM   717 H HD12 . LEU B 1 20 ? -3.721  -6.451  5.128   1.00   27.23 ? 43  LEU B HD12 1 
ATOM   718 H HD13 . LEU B 1 20 ? -2.620  -6.990  6.113   1.00   27.22 ? 43  LEU B HD13 1 
ATOM   719 H HD21 . LEU B 1 20 ? -4.477  -8.612  7.249   1.00   27.89 ? 43  LEU B HD21 1 
ATOM   720 H HD22 . LEU B 1 20 ? -5.230  -8.089  5.973   1.00   27.89 ? 43  LEU B HD22 1 
ATOM   721 H HD23 . LEU B 1 20 ? -5.888  -7.932  7.391   1.00   27.89 ? 43  LEU B HD23 1 
ATOM   722 N N    . ASP B 1 21 ? -3.520  -5.210  11.280  1.00   31.03 ? 44  ASP B N    1 
ATOM   723 C CA   . ASP B 1 21 ? -2.809  -5.103  12.542  1.00   34.02 ? 44  ASP B CA   1 
ATOM   724 C C    . ASP B 1 21 ? -3.725  -5.437  13.700  1.00   36.51 ? 44  ASP B C    1 
ATOM   725 O O    . ASP B 1 21 ? -3.397  -6.245  14.556  1.00   34.04 ? 44  ASP B O    1 
ATOM   726 C CB   . ASP B 1 21 ? -2.251  -3.713  12.734  1.00   36.48 ? 44  ASP B CB   1 
ATOM   727 C CG   . ASP B 1 21 ? -1.340  -3.630  13.935  1.00   43.30 ? 44  ASP B CG   1 
ATOM   728 O OD1  . ASP B 1 21 ? -0.387  -4.441  14.013  1.00   44.40 ? 44  ASP B OD1  1 
ATOM   729 O OD2  . ASP B 1 21 ? -1.586  -2.762  14.796  1.00   49.29 ? 44  ASP B OD2  1 
ATOM   730 H H    . ASP B 1 21 ? -3.559  -4.479  10.828  1.00   30.98 ? 44  ASP B H    1 
ATOM   731 H HA   . ASP B 1 21 ? -2.065  -5.740  12.546  1.00   34.35 ? 44  ASP B HA   1 
ATOM   732 H HB2  . ASP B 1 21 ? -1.735  -3.468  11.950  1.00   37.34 ? 44  ASP B HB2  1 
ATOM   733 H HB3  . ASP B 1 21 ? -2.982  -3.088  12.860  1.00   37.40 ? 44  ASP B HB3  1 
ATOM   734 N N    . ARG B 1 22 ? -4.895  -4.825  13.704  1.00   37.08 ? 45  ARG B N    1 
ATOM   735 C CA   . ARG B 1 22 ? -5.836  -4.998  14.795  1.00   40.65 ? 45  ARG B CA   1 
ATOM   736 C C    . ARG B 1 22 ? -6.411  -6.435  14.850  1.00   43.79 ? 45  ARG B C    1 
ATOM   737 O O    . ARG B 1 22 ? -6.781  -6.893  15.923  1.00   50.37 ? 45  ARG B O    1 
ATOM   738 C CB   . ARG B 1 22 ? -6.917  -3.912  14.691  1.00   40.11 ? 45  ARG B CB   1 
ATOM   739 C CG   . ARG B 1 22 ? -7.729  -3.680  15.926  1.00   42.21 ? 45  ARG B CG   1 
ATOM   740 C CD   . ARG B 1 22 ? -6.926  -3.072  17.065  1.00   41.69 ? 45  ARG B CD   1 
ATOM   741 N NE   . ARG B 1 22 ? -7.812  -2.873  18.236  1.00   43.43 ? 45  ARG B NE   1 
ATOM   742 C CZ   . ARG B 1 22 ? -8.145  -3.816  19.135  1.00   40.77 ? 45  ARG B CZ   1 
ATOM   743 N NH1  . ARG B 1 22 ? -7.661  -5.062  19.066  1.00   39.07 ? 45  ARG B NH1  1 
ATOM   744 N NH2  . ARG B 1 22 ? -8.973  -3.506  20.120  1.00   37.94 ? 45  ARG B NH2  1 
ATOM   745 H H    . ARG B 1 22 ? -5.171  -4.301  13.079  1.00   37.72 ? 45  ARG B H    1 
ATOM   746 H HA   . ARG B 1 22 ? -5.354  -4.853  15.634  1.00   40.37 ? 45  ARG B HA   1 
ATOM   747 H HB2  . ARG B 1 22 ? -6.489  -3.070  14.473  1.00   40.55 ? 45  ARG B HB2  1 
ATOM   748 H HB3  . ARG B 1 22 ? -7.532  -4.157  13.982  1.00   40.69 ? 45  ARG B HB3  1 
ATOM   749 H HG2  . ARG B 1 22 ? -8.454  -3.071  15.714  1.00   41.59 ? 45  ARG B HG2  1 
ATOM   750 H HG3  . ARG B 1 22 ? -8.089  -4.526  16.233  1.00   41.59 ? 45  ARG B HG3  1 
ATOM   751 H HD2  . ARG B 1 22 ? -6.196  -3.657  17.317  1.00   42.18 ? 45  ARG B HD2  1 
ATOM   752 H HD3  . ARG B 1 22 ? -6.585  -2.206  16.792  1.00   42.21 ? 45  ARG B HD3  1 
ATOM   753 H HE   . ARG B 1 22 ? -8.159  -1.978  18.374  1.00   42.34 ? 45  ARG B HE   1 
ATOM   754 H HH11 . ARG B 1 22 ? -7.129  -5.293  18.434  1.00   39.61 ? 45  ARG B HH11 1 
ATOM   755 H HH12 . ARG B 1 22 ? -7.889  -5.643  19.658  1.00   39.59 ? 45  ARG B HH12 1 
ATOM   756 H HH21 . ARG B 1 22 ? -9.289  -2.709  20.183  1.00   38.84 ? 45  ARG B HH21 1 
ATOM   757 H HH22 . ARG B 1 22 ? -9.187  -4.092  20.706  1.00   38.83 ? 45  ARG B HH22 1 
ATOM   758 N N    . LEU B 1 23 ? -6.471  -7.142  13.715  1.00   41.95 ? 46  LEU B N    1 
ATOM   759 C CA   . LEU B 1 23 ? -6.876  -8.540  13.680  1.00   42.84 ? 46  LEU B CA   1 
ATOM   760 C C    . LEU B 1 23 ? -5.865  -9.311  14.502  1.00   49.29 ? 46  LEU B C    1 
ATOM   761 O O    . LEU B 1 23 ? -4.845  -9.740  13.973  1.00   52.28 ? 46  LEU B O    1 
ATOM   762 C CB   . LEU B 1 23 ? -6.897  -9.115  12.242  1.00   41.05 ? 46  LEU B CB   1 
ATOM   763 C CG   . LEU B 1 23 ? -8.094  -8.784  11.342  1.00   40.70 ? 46  LEU B CG   1 
ATOM   764 C CD1  . LEU B 1 23 ? -7.878  -9.182  9.901   1.00   40.57 ? 46  LEU B CD1  1 
ATOM   765 C CD2  . LEU B 1 23 ? -9.353  -9.448  11.856  1.00   41.44 ? 46  LEU B CD2  1 
ATOM   766 H H    . LEU B 1 23 ? -6.283  -6.819  12.941  1.00   42.54 ? 46  LEU B H    1 
ATOM   767 H HA   . LEU B 1 23 ? -7.762  -8.643  14.084  1.00   43.49 ? 46  LEU B HA   1 
ATOM   768 H HB2  . LEU B 1 23 ? -6.103  -8.805  11.780  1.00   41.38 ? 46  LEU B HB2  1 
ATOM   769 H HB3  . LEU B 1 23 ? -6.864  -10.083 12.306  1.00   41.45 ? 46  LEU B HB3  1 
ATOM   770 H HG   . LEU B 1 23 ? -8.249  -7.829  11.364  1.00   40.77 ? 46  LEU B HG   1 
ATOM   771 H HD11 . LEU B 1 23 ? -7.051  -8.806  9.593   1.00   40.53 ? 46  LEU B HD11 1 
ATOM   772 H HD12 . LEU B 1 23 ? -8.607  -8.849  9.373   1.00   40.59 ? 46  LEU B HD12 1 
ATOM   773 H HD13 . LEU B 1 23 ? -7.844  -10.140 9.845   1.00   40.59 ? 46  LEU B HD13 1 
ATOM   774 H HD21 . LEU B 1 23 ? -9.192  -10.388 11.957  1.00   41.21 ? 46  LEU B HD21 1 
ATOM   775 H HD22 . LEU B 1 23 ? -10.061 -9.304  11.225  1.00   41.20 ? 46  LEU B HD22 1 
ATOM   776 H HD23 . LEU B 1 23 ? -9.588  -9.063  12.703  1.00   41.22 ? 46  LEU B HD23 1 
HETATM 777 N N    . NH2 B 1 24 ? -6.145  -9.490  15.795  1.00   52.97 ? 47  NH2 B N    1 
HETATM 778 C C2   . MPG C 2 .  ? -7.892  -1.201  -14.880 1.00   56.54 ? 101 MPG A C2   1 
HETATM 779 C C3   . MPG C 2 .  ? -6.970  -0.004  -14.740 1.00   51.56 ? 101 MPG A C3   1 
HETATM 780 C C4   . MPG C 2 .  ? -5.675  -0.474  -14.104 1.00   52.30 ? 101 MPG A C4   1 
HETATM 781 C C5   . MPG C 2 .  ? -5.820  -0.547  -12.597 1.00   51.73 ? 101 MPG A C5   1 
HETATM 782 C C6   . MPG C 2 .  ? -4.996  -1.637  -11.922 1.00   49.75 ? 101 MPG A C6   1 
HETATM 783 C C7   . MPG C 2 .  ? -5.758  -2.155  -10.692 1.00   53.27 ? 101 MPG A C7   1 
HETATM 784 C C8   . MPG C 2 .  ? -4.878  -2.591  -9.494  1.00   55.60 ? 101 MPG A C8   1 
HETATM 785 C C9   . MPG C 2 .  ? -5.579  -2.239  -8.199  1.00   53.22 ? 101 MPG A C9   1 
HETATM 786 C C10  . MPG C 2 .  ? -5.045  -2.294  -6.972  1.00   45.40 ? 101 MPG A C10  1 
HETATM 787 C C11  . MPG C 2 .  ? -3.669  -2.754  -6.651  1.00   42.45 ? 101 MPG A C11  1 
HETATM 788 C C12  . MPG C 2 .  ? -3.842  -3.625  -5.412  1.00   41.13 ? 101 MPG A C12  1 
HETATM 789 C C13  . MPG C 2 .  ? -3.465  -2.961  -4.094  1.00   39.47 ? 101 MPG A C13  1 
HETATM 790 C C14  . MPG C 2 .  ? -3.506  -3.998  -2.958  1.00   36.67 ? 101 MPG A C14  1 
HETATM 791 C C15  . MPG C 2 .  ? -3.192  -3.384  -1.595  1.00   36.30 ? 101 MPG A C15  1 
HETATM 792 C C16  . MPG C 2 .  ? -2.615  -4.417  -0.628  1.00   36.87 ? 101 MPG A C16  1 
HETATM 793 C C17  . MPG C 2 .  ? -2.381  -3.878  0.796   1.00   34.78 ? 101 MPG A C17  1 
HETATM 794 C C18  . MPG C 2 .  ? -1.923  -4.962  1.757   1.00   35.53 ? 101 MPG A C18  1 
HETATM 795 O O1   . MPG C 2 .  ? -8.519  -0.975  -17.201 1.00   69.36 ? 101 MPG A O1   1 
HETATM 796 C C1   . MPG C 2 .  ? -9.036  -0.957  -15.863 1.00   63.78 ? 101 MPG A C1   1 
HETATM 797 C CXD  . MPG C 2 .  ? -10.600 -0.307  -18.611 1.00   85.83 ? 101 MPG A CXD  1 
HETATM 798 O O2   . MPG C 2 .  ? -11.564 -0.836  -17.687 1.00   92.27 ? 101 MPG A O2   1 
HETATM 799 C C21  . MPG C 2 .  ? -11.135 -0.348  -20.047 1.00   91.22 ? 101 MPG A C21  1 
HETATM 800 O O3   . MPG C 2 .  ? -10.563 0.739   -20.792 1.00   95.64 ? 101 MPG A O3   1 
HETATM 801 O O4   . MPG C 2 .  ? -8.819  -1.671  -19.380 1.00   77.61 ? 101 MPG A O4   1 
HETATM 802 C CX3  . MPG C 2 .  ? -9.290  -1.031  -18.447 1.00   78.09 ? 101 MPG A CX3  1 
HETATM 803 H H21C . MPG C 2 .  ? -7.318  -2.054  -15.243 1.00   56.66 ? 101 MPG A H21C 1 
HETATM 804 H H22C . MPG C 2 .  ? -8.285  -1.477  -13.904 1.00   56.85 ? 101 MPG A H22C 1 
HETATM 805 H H31C . MPG C 2 .  ? -7.441  0.760   -14.117 1.00   52.87 ? 101 MPG A H31C 1 
HETATM 806 H H32C . MPG C 2 .  ? -6.767  0.430   -15.721 1.00   52.93 ? 101 MPG A H32C 1 
HETATM 807 H H41C . MPG C 2 .  ? -4.882  0.229   -14.353 1.00   51.99 ? 101 MPG A H41C 1 
HETATM 808 H H42C . MPG C 2 .  ? -5.388  -1.448  -14.505 1.00   52.02 ? 101 MPG A H42C 1 
HETATM 809 H H51C . MPG C 2 .  ? -6.873  -0.689  -12.348 1.00   51.45 ? 101 MPG A H51C 1 
HETATM 810 H H52C . MPG C 2 .  ? -5.523  0.417   -12.178 1.00   51.40 ? 101 MPG A H52C 1 
HETATM 811 H H61C . MPG C 2 .  ? -4.029  -1.230  -11.623 1.00   51.03 ? 101 MPG A H61C 1 
HETATM 812 H H62C . MPG C 2 .  ? -4.818  -2.461  -12.615 1.00   51.03 ? 101 MPG A H62C 1 
HETATM 813 H H71C . MPG C 2 .  ? -6.394  -2.989  -10.986 1.00   52.94 ? 101 MPG A H71C 1 
HETATM 814 H H72C . MPG C 2 .  ? -6.425  -1.362  -10.350 1.00   52.93 ? 101 MPG A H72C 1 
HETATM 815 H H81C . MPG C 2 .  ? -3.908  -2.091  -9.535  1.00   54.34 ? 101 MPG A H81C 1 
HETATM 816 H H82C . MPG C 2 .  ? -4.710  -3.668  -9.533  1.00   53.83 ? 101 MPG A H82C 1 
HETATM 817 H H9   . MPG C 2 .  ? -6.595  -1.886  -8.265  1.00   51.72 ? 101 MPG A H9   1 
HETATM 818 H H10  . MPG C 2 .  ? -5.678  -2.004  -6.149  1.00   46.41 ? 101 MPG A H10  1 
HETATM 819 H H111 . MPG C 2 .  ? -3.241  -3.335  -7.470  1.00   42.86 ? 101 MPG A H111 1 
HETATM 820 H H112 . MPG C 2 .  ? -3.018  -1.903  -6.437  1.00   42.81 ? 101 MPG A H112 1 
HETATM 821 H H121 . MPG C 2 .  ? -4.875  -3.973  -5.345  1.00   41.00 ? 101 MPG A H121 1 
HETATM 822 H H122 . MPG C 2 .  ? -3.222  -4.514  -5.534  1.00   40.67 ? 101 MPG A H122 1 
HETATM 823 H H131 . MPG C 2 .  ? -2.461  -2.537  -4.170  1.00   39.17 ? 101 MPG A H131 1 
HETATM 824 H H132 . MPG C 2 .  ? -4.162  -2.150  -3.877  1.00   39.17 ? 101 MPG A H132 1 
HETATM 825 H H141 . MPG C 2 .  ? -4.497  -4.455  -2.925  1.00   37.22 ? 101 MPG A H141 1 
HETATM 826 H H142 . MPG C 2 .  ? -2.784  -4.790  -3.169  1.00   37.22 ? 101 MPG A H142 1 
HETATM 827 H H151 . MPG C 2 .  ? -2.476  -2.569  -1.723  1.00   36.54 ? 101 MPG A H151 1 
HETATM 828 H H152 . MPG C 2 .  ? -4.105  -2.963  -1.171  1.00   36.53 ? 101 MPG A H152 1 
HETATM 829 H H161 . MPG C 2 .  ? -3.294  -5.270  -0.577  1.00   36.23 ? 101 MPG A H161 1 
HETATM 830 H H162 . MPG C 2 .  ? -1.666  -4.782  -1.028  1.00   36.23 ? 101 MPG A H162 1 
HETATM 831 H H171 . MPG C 2 .  ? -1.641  -3.078  0.770   1.00   35.13 ? 101 MPG A H171 1 
HETATM 832 H H172 . MPG C 2 .  ? -3.313  -3.447  1.167   1.00   35.38 ? 101 MPG A H172 1 
HETATM 833 H H181 . MPG C 2 .  ? -1.960  -4.593  2.749   1.00   35.30 ? 101 MPG A H181 1 
HETATM 834 H H182 . MPG C 2 .  ? -0.931  -5.247  1.522   1.00   35.30 ? 101 MPG A H182 1 
HETATM 835 H H183 . MPG C 2 .  ? -2.561  -5.803  1.669   1.00   35.30 ? 101 MPG A H183 1 
HETATM 836 H HX31 . MPG C 2 .  ? -9.803  -1.714  -15.730 1.00   63.23 ? 101 MPG A HX31 1 
HETATM 837 H HX32 . MPG C 2 .  ? -9.489  0.005   -15.651 1.00   63.23 ? 101 MPG A HX32 1 
HETATM 838 H HXD  . MPG C 2 .  ? -10.437 0.749   -18.394 1.00   86.50 ? 101 MPG A HXD  1 
HETATM 839 H H2   . MPG C 2 .  ? -11.766 -1.041  -18.702 0.0000 85.74 ? 101 MPG A H2   1 
HETATM 840 H H211 . MPG C 2 .  ? -10.892 -1.299  -20.527 1.00   90.81 ? 101 MPG A H211 1 
HETATM 841 H H212 . MPG C 2 .  ? -12.222 -0.248  -20.035 1.00   90.91 ? 101 MPG A H212 1 
HETATM 842 H H3   . MPG C 2 .  ? -10.108 2.042   -20.344 0.0000 95.39 ? 101 MPG A H3   1 
HETATM 843 C C2   . MPG D 2 .  ? 2.695   4.882   -0.409  1.00   44.60 ? 102 MPG A C2   1 
HETATM 844 C C3   . MPG D 2 .  ? 1.371   5.504   -0.773  1.00   41.00 ? 102 MPG A C3   1 
HETATM 845 C C4   . MPG D 2 .  ? 1.488   6.390   -2.011  1.00   39.29 ? 102 MPG A C4   1 
HETATM 846 C C5   . MPG D 2 .  ? 0.469   5.960   -3.027  1.00   36.78 ? 102 MPG A C5   1 
HETATM 847 C C6   . MPG D 2 .  ? 0.659   6.723   -4.314  1.00   38.56 ? 102 MPG A C6   1 
HETATM 848 C C7   . MPG D 2 .  ? -0.388  7.788   -4.479  1.00   39.22 ? 102 MPG A C7   1 
HETATM 849 C C8   . MPG D 2 .  ? -0.079  8.454   -5.816  1.00   43.73 ? 102 MPG A C8   1 
HETATM 850 C C9   . MPG D 2 .  ? -1.339  8.653   -6.626  1.00   49.21 ? 102 MPG A C9   1 
HETATM 851 C C10  . MPG D 2 .  ? -1.348  9.530   -7.638  1.00   48.80 ? 102 MPG A C10  1 
HETATM 852 C C11  . MPG D 2 .  ? -2.603  9.748   -8.458  1.00   45.90 ? 102 MPG A C11  1 
HETATM 853 C C12  . MPG D 2 .  ? -2.114  10.091  -9.851  1.00   46.33 ? 102 MPG A C12  1 
HETATM 854 C C13  . MPG D 2 .  ? -3.241  10.538  -10.747 1.00   44.96 ? 102 MPG A C13  1 
HETATM 855 C C14  . MPG D 2 .  ? -2.670  10.707  -12.120 1.00   44.14 ? 102 MPG A C14  1 
HETATM 856 C C15  . MPG D 2 .  ? -1.949  12.039  -12.256 1.00   47.24 ? 102 MPG A C15  1 
HETATM 857 C C16  . MPG D 2 .  ? -2.739  12.965  -13.193 1.00   49.52 ? 102 MPG A C16  1 
HETATM 858 C C17  . MPG D 2 .  ? -1.879  13.998  -13.936 1.00   52.19 ? 102 MPG A C17  1 
HETATM 859 C C18  . MPG D 2 .  ? -2.688  14.633  -15.059 1.00   50.33 ? 102 MPG A C18  1 
HETATM 860 O O1   . MPG D 2 .  ? 3.407   3.675   1.564   1.00   56.28 ? 102 MPG A O1   1 
HETATM 861 C C1   . MPG D 2 .  ? 2.484   3.670   0.477   1.00   48.62 ? 102 MPG A C1   1 
HETATM 862 C CXD  . MPG D 2 .  ? 3.136   3.091   4.074   1.00   72.21 ? 102 MPG A CXD  1 
HETATM 863 O O2   . MPG D 2 .  ? 4.097   4.120   4.321   1.00   81.32 ? 102 MPG A O2   1 
HETATM 864 C C21  . MPG D 2 .  ? 3.361   1.952   5.078   1.00   74.37 ? 102 MPG A C21  1 
HETATM 865 O O3   . MPG D 2 .  ? 3.354   2.450   6.437   1.00   75.99 ? 102 MPG A O3   1 
HETATM 866 O O4   . MPG D 2 .  ? 3.113   1.527   2.284   1.00   68.39 ? 102 MPG A O4   1 
HETATM 867 C CX3  . MPG D 2 .  ? 3.225   2.688   2.622   1.00   63.55 ? 102 MPG A CX3  1 
HETATM 868 H H21C . MPG D 2 .  ? 3.226   4.577   -1.313  1.00   44.61 ? 102 MPG A H21C 1 
HETATM 869 H H22C . MPG D 2 .  ? 3.304   5.619   0.115   1.00   44.66 ? 102 MPG A H22C 1 
HETATM 870 H H31C . MPG D 2 .  ? 1.024   6.106   0.068   1.00   41.20 ? 102 MPG A H31C 1 
HETATM 871 H H32C . MPG D 2 .  ? 0.631   4.719   -0.945  1.00   41.38 ? 102 MPG A H32C 1 
HETATM 872 H H41C . MPG D 2 .  ? 2.492   6.321   -2.437  1.00   39.11 ? 102 MPG A H41C 1 
HETATM 873 H H42C . MPG D 2 .  ? 1.310   7.432   -1.734  1.00   39.08 ? 102 MPG A H42C 1 
HETATM 874 H H51C . MPG D 2 .  ? -0.535  6.129   -2.633  1.00   37.79 ? 102 MPG A H51C 1 
HETATM 875 H H52C . MPG D 2 .  ? 0.577   4.892   -3.225  1.00   37.79 ? 102 MPG A H52C 1 
HETATM 876 H H61C . MPG D 2 .  ? 0.596   6.020   -5.148  1.00   38.32 ? 102 MPG A H61C 1 
HETATM 877 H H62C . MPG D 2 .  ? 1.650   7.182   -4.342  1.00   38.32 ? 102 MPG A H62C 1 
HETATM 878 H H71C . MPG D 2 .  ? -0.324  8.516   -3.667  1.00   40.09 ? 102 MPG A H71C 1 
HETATM 879 H H72C . MPG D 2 .  ? -1.386  7.344   -4.478  1.00   40.14 ? 102 MPG A H72C 1 
HETATM 880 H H81C . MPG D 2 .  ? 0.626   7.853   -6.394  1.00   43.75 ? 102 MPG A H81C 1 
HETATM 881 H H82C . MPG D 2 .  ? 0.387   9.423   -5.634  1.00   43.81 ? 102 MPG A H82C 1 
HETATM 882 H H9   . MPG D 2 .  ? -2.234  8.106   -6.385  1.00   47.71 ? 102 MPG A H9   1 
HETATM 883 H H10  . MPG D 2 .  ? -0.449  10.071  -7.871  1.00   48.27 ? 102 MPG A H10  1 
HETATM 884 H H111 . MPG D 2 .  ? -3.213  8.842   -8.476  1.00   46.67 ? 102 MPG A H111 1 
HETATM 885 H H112 . MPG D 2 .  ? -3.194  10.568  -8.045  1.00   46.67 ? 102 MPG A H112 1 
HETATM 886 H H121 . MPG D 2 .  ? -1.365  10.881  -9.786  1.00   45.93 ? 102 MPG A H121 1 
HETATM 887 H H122 . MPG D 2 .  ? -1.632  9.210   -10.280 1.00   45.90 ? 102 MPG A H122 1 
HETATM 888 H H131 . MPG D 2 .  ? -4.025  9.782   -10.759 1.00   45.08 ? 102 MPG A H131 1 
HETATM 889 H H132 . MPG D 2 .  ? -3.667  11.478  -10.388 1.00   45.10 ? 102 MPG A H132 1 
HETATM 890 H H141 . MPG D 2 .  ? -1.970  9.896   -12.338 1.00   45.06 ? 102 MPG A H141 1 
HETATM 891 H H142 . MPG D 2 .  ? -3.482  10.633  -12.846 1.00   45.08 ? 102 MPG A H142 1 
HETATM 892 H H151 . MPG D 2 .  ? -1.822  12.521  -11.284 1.00   46.99 ? 102 MPG A H151 1 
HETATM 893 H H152 . MPG D 2 .  ? -0.963  11.872  -12.686 1.00   47.02 ? 102 MPG A H152 1 
HETATM 894 H H161 . MPG D 2 .  ? -3.263  12.369  -13.941 1.00   49.51 ? 102 MPG A H161 1 
HETATM 895 H H162 . MPG D 2 .  ? -3.497  13.490  -12.615 1.00   49.35 ? 102 MPG A H162 1 
HETATM 896 H H171 . MPG D 2 .  ? -1.547  14.770  -13.239 1.00   51.11 ? 102 MPG A H171 1 
HETATM 897 H H172 . MPG D 2 .  ? -0.995  13.512  -14.352 1.00   51.09 ? 102 MPG A H172 1 
HETATM 898 H H181 . MPG D 2 .  ? -2.103  15.374  -15.537 1.00   50.90 ? 102 MPG A H181 1 
HETATM 899 H H182 . MPG D 2 .  ? -3.561  15.077  -14.658 1.00   50.90 ? 102 MPG A H182 1 
HETATM 900 H H183 . MPG D 2 .  ? -2.960  13.890  -15.762 1.00   50.89 ? 102 MPG A H183 1 
HETATM 901 H HX31 . MPG D 2 .  ? 1.467   3.665   0.876   1.00   49.07 ? 102 MPG A HX31 1 
HETATM 902 H HX32 . MPG D 2 .  ? 2.619   2.760   -0.111  1.00   49.27 ? 102 MPG A HX32 1 
HETATM 903 H HXD  . MPG D 2 .  ? 2.131   3.481   4.255   1.00   72.49 ? 102 MPG A HXD  1 
HETATM 904 H H2   . MPG D 2 .  ? 4.932   3.697   4.156   0.0000 79.79 ? 102 MPG A H2   1 
HETATM 905 H H211 . MPG D 2 .  ? 2.577   1.200   4.961   1.00   74.06 ? 102 MPG A H211 1 
HETATM 906 H H212 . MPG D 2 .  ? 4.319   1.472   4.873   1.00   73.36 ? 102 MPG A H212 1 
HETATM 907 H H3   . MPG D 2 .  ? 3.421   3.305   6.274   0.0000 75.81 ? 102 MPG A H3   1 
HETATM 908 C C2   . MPG E 2 .  ? 1.767   13.082  -3.587  1.00   52.19 ? 101 MPG B C2   1 
HETATM 909 C C3   . MPG E 2 .  ? 2.340   11.746  -3.124  1.00   51.78 ? 101 MPG B C3   1 
HETATM 910 C C4   . MPG E 2 .  ? 3.343   11.920  -1.979  1.00   49.99 ? 101 MPG B C4   1 
HETATM 911 C C5   . MPG E 2 .  ? 4.123   10.643  -1.657  1.00   49.25 ? 101 MPG B C5   1 
HETATM 912 C C6   . MPG E 2 .  ? 3.349   9.711   -0.732  1.00   47.78 ? 101 MPG B C6   1 
HETATM 913 C C7   . MPG E 2 .  ? 3.682   9.897   0.736   1.00   47.61 ? 101 MPG B C7   1 
HETATM 914 C C8   . MPG E 2 .  ? 3.144   8.727   1.532   1.00   46.32 ? 101 MPG B C8   1 
HETATM 915 C C9   . MPG E 2 .  ? 3.191   9.063   3.001   1.00   51.56 ? 101 MPG B C9   1 
HETATM 916 C C10  . MPG E 2 .  ? 3.531   8.160   3.925   1.00   55.21 ? 101 MPG B C10  1 
HETATM 917 C C11  . MPG E 2 .  ? 3.522   8.557   5.399   1.00   57.79 ? 101 MPG B C11  1 
HETATM 918 C C12  . MPG E 2 .  ? 4.647   7.940   6.225   1.00   60.78 ? 101 MPG B C12  1 
HETATM 919 C C13  . MPG E 2 .  ? 4.551   6.409   6.312   1.00   62.06 ? 101 MPG B C13  1 
HETATM 920 C C14  . MPG E 2 .  ? 5.582   5.680   7.200   1.00   62.79 ? 101 MPG B C14  1 
HETATM 921 C C15  . MPG E 2 .  ? 6.390   6.573   8.149   1.00   66.27 ? 101 MPG B C15  1 
HETATM 922 C C16  . MPG E 2 .  ? 7.601   5.876   8.759   1.00   70.98 ? 101 MPG B C16  1 
HETATM 923 C C17  . MPG E 2 .  ? 7.305   4.467   9.267   1.00   78.61 ? 101 MPG B C17  1 
HETATM 924 C C18  . MPG E 2 .  ? 6.176   4.390   10.283  1.00   83.07 ? 101 MPG B C18  1 
HETATM 925 O O1   . MPG E 2 .  ? 1.266   13.382  -5.966  1.00   66.87 ? 101 MPG B O1   1 
HETATM 926 C C1   . MPG E 2 .  ? 0.757   12.906  -4.720  1.00   58.28 ? 101 MPG B C1   1 
HETATM 927 C CXD  . MPG E 2 .  ? -0.114  14.688  -7.754  1.00   78.34 ? 101 MPG B CXD  1 
HETATM 928 O O2   . MPG E 2 .  ? -1.414  14.889  -7.186  1.00   82.36 ? 101 MPG B O2   1 
HETATM 929 C C21  . MPG E 2 .  ? -0.236  14.697  -9.297  1.00   77.41 ? 101 MPG B C21  1 
HETATM 930 O O3   . MPG E 2 .  ? -0.286  16.016  -9.890  1.00   65.81 ? 101 MPG B O3   1 
HETATM 931 O O4   . MPG E 2 .  ? 0.194   12.312  -7.704  1.00   77.88 ? 101 MPG B O4   1 
HETATM 932 C CX3  . MPG E 2 .  ? 0.435   13.390  -7.176  1.00   76.65 ? 101 MPG B CX3  1 
HETATM 933 H H21C . MPG E 2 .  ? 1.282   13.579  -2.745  1.00   53.48 ? 101 MPG B H21C 1 
HETATM 934 H H22C . MPG E 2 .  ? 2.583   13.726  -3.927  1.00   53.52 ? 101 MPG B H22C 1 
HETATM 935 H H31C . MPG E 2 .  ? 2.831   11.254  -3.966  1.00   51.44 ? 101 MPG B H31C 1 
HETATM 936 H H32C . MPG E 2 .  ? 1.524   11.102  -2.791  1.00   51.43 ? 101 MPG B H32C 1 
HETATM 937 H H41C . MPG E 2 .  ? 2.811   12.249  -1.083  1.00   50.23 ? 101 MPG B H41C 1 
HETATM 938 H H42C . MPG E 2 .  ? 4.051   12.708  -2.245  1.00   50.23 ? 101 MPG B H42C 1 
HETATM 939 H H51C . MPG E 2 .  ? 5.073   10.912  -1.192  1.00   49.06 ? 101 MPG B H51C 1 
HETATM 940 H H52C . MPG E 2 .  ? 4.350   10.116  -2.585  1.00   49.08 ? 101 MPG B H52C 1 
HETATM 941 H H61C . MPG E 2 .  ? 3.559   8.676   -1.017  1.00   48.08 ? 101 MPG B H61C 1 
HETATM 942 H H62C . MPG E 2 .  ? 2.278   9.876   -0.874  1.00   48.10 ? 101 MPG B H62C 1 
HETATM 943 H H71C . MPG E 2 .  ? 3.245   10.830  1.100   1.00   47.38 ? 101 MPG B H71C 1 
HETATM 944 H H72C . MPG E 2 .  ? 4.766   9.954   0.866   1.00   47.36 ? 101 MPG B H72C 1 
HETATM 945 H H81C . MPG E 2 .  ? 3.744   7.835   1.335   1.00   47.84 ? 101 MPG B H81C 1 
HETATM 946 H H82C . MPG E 2 .  ? 2.115   8.520   1.233   1.00   47.82 ? 101 MPG B H82C 1 
HETATM 947 H H9   . MPG E 2 .  ? 2.921   10.057  3.314   1.00   51.16 ? 101 MPG B H9   1 
HETATM 948 H H10  . MPG E 2 .  ? 3.785   7.157   3.629   1.00   54.88 ? 101 MPG B H10  1 
HETATM 949 H H111 . MPG E 2 .  ? 3.572   9.641   5.480   1.00   57.80 ? 101 MPG B H111 1 
HETATM 950 H H112 . MPG E 2 .  ? 2.567   8.251   5.833   1.00   57.85 ? 101 MPG B H112 1 
HETATM 951 H H121 . MPG E 2 .  ? 5.603   8.225   5.785   1.00   60.39 ? 101 MPG B H121 1 
HETATM 952 H H122 . MPG E 2 .  ? 4.607   8.364   7.231   1.00   60.41 ? 101 MPG B H122 1 
HETATM 953 H H131 . MPG E 2 .  ? 3.549   6.143   6.653   1.00   61.93 ? 101 MPG B H131 1 
HETATM 954 H H132 . MPG E 2 .  ? 4.660   6.019   5.303   1.00   61.94 ? 101 MPG B H132 1 
HETATM 955 H H141 . MPG E 2 .  ? 5.041   4.940   7.792   1.00   63.56 ? 101 MPG B H141 1 
HETATM 956 H H142 . MPG E 2 .  ? 6.275   5.130   6.560   1.00   63.45 ? 101 MPG B H142 1 
HETATM 957 H H151 . MPG E 2 .  ? 6.751   7.448   7.610   1.00   66.43 ? 101 MPG B H151 1 
HETATM 958 H H152 . MPG E 2 .  ? 5.736   6.933   8.945   1.00   66.54 ? 101 MPG B H152 1 
HETATM 959 H H161 . MPG E 2 .  ? 8.394   5.824   8.011   1.00   71.54 ? 101 MPG B H161 1 
HETATM 960 H H162 . MPG E 2 .  ? 7.980   6.463   9.594   1.00   71.54 ? 101 MPG B H162 1 
HETATM 961 H H171 . MPG E 2 .  ? 7.069   3.817   8.421   1.00   77.67 ? 101 MPG B H171 1 
HETATM 962 H H172 . MPG E 2 .  ? 8.212   4.070   9.730   1.00   77.73 ? 101 MPG B H172 1 
HETATM 963 H H181 . MPG E 2 .  ? 5.391   3.797   9.888   1.00   81.62 ? 101 MPG B H181 1 
HETATM 964 H H182 . MPG E 2 .  ? 5.809   5.357   10.503  1.00   81.46 ? 101 MPG B H182 1 
HETATM 965 H H183 . MPG E 2 .  ? 6.537   3.942   11.172  1.00   81.62 ? 101 MPG B H183 1 
HETATM 966 H HX31 . MPG E 2 .  ? 0.496   11.850  -4.817  1.00   58.63 ? 101 MPG B HX31 1 
HETATM 967 H HX32 . MPG E 2 .  ? -0.156  13.451  -4.473  1.00   58.65 ? 101 MPG B HX32 1 
HETATM 968 H HXD  . MPG E 2 .  ? 0.540   15.517  -7.452  1.00   78.58 ? 101 MPG B HXD  1 
HETATM 969 H H2   . MPG E 2 .  ? -1.993  14.204  -7.404  0.0000 81.94 ? 101 MPG B H2   1 
HETATM 970 H H211 . MPG E 2 .  ? 0.601   14.156  -9.725  1.00   74.58 ? 101 MPG B H211 1 
HETATM 971 H H212 . MPG E 2 .  ? -1.130  14.146  -9.583  1.00   74.02 ? 101 MPG B H212 1 
HETATM 972 H H3   . MPG E 2 .  ? -0.422  16.662  -9.166  0.0000 65.88 ? 101 MPG B H3   1 
HETATM 973 O O    . HOH F 3 .  ? 4.414   -9.604  1.531   1.00   28.36 ? 201 HOH A O    1 
HETATM 974 O O    . HOH G 3 .  ? -0.804  4.999   9.311   1.00   24.89 ? 201 HOH B O    1 
HETATM 975 O O    . HOH G 3 .  ? 0.256   -4.491  16.782  1.00   49.42 ? 202 HOH B O    1 
HETATM 976 O O    . HOH G 3 .  ? -2.022  -7.728  17.416  1.00   52.14 ? 203 HOH B O    1 
# 
